data_6WPC
#
_entry.id   6WPC
#
_cell.length_a   120.578
_cell.length_b   225.820
_cell.length_c   239.945
_cell.angle_alpha   90.000
_cell.angle_beta   90.000
_cell.angle_gamma   90.000
#
_symmetry.space_group_name_H-M   'C 2 2 21'
#
loop_
_entity.id
_entity.type
_entity.pdbx_description
1 polymer Cry1A.2
2 water water
#
_entity_poly.entity_id   1
_entity_poly.type   'polypeptide(L)'
_entity_poly.pdbx_seq_one_letter_code
;ISVGNTPIDISLSLTQFLLSEFVPGAGFVLGLIDLIWGFVGPSQWDAFLAQVEQLINQRIAEAVRNTAIQELEGMARVYR
TYATAFAEWERAPDDPELREALRTQFTATETYISGRISVLKIQTFEVQLLSVFAQAANLHLSLLRDVVFFGQRWGFSTTT
VNNYYNDLTEGISTYTDYAVRWYNTGLERVWGPDSRDWVRYNQFRRELTLTVLDIVALFPNYDSRRYPIRTVSQLTREIY
TNPVLENFDGSFRGSAQGIERSIRSPHLMDILNSITIYTDAHRGYYYWSGHQIMASPVGFSGPEFTFPLYGTMGNAAPQQ
RIVAQLGQGVYRTLSSTLYRRPFNIGINNQQLSVLDGTEFAYGTSSNLPSAVYRKSGTVDSLDEIPPQNNNVPPRQGFSH
RLSHVSMFRSGFSNSSVSIIRAPMFSWIHRSAEFNNIIASDSINQIPLVKGFRVWGGTSVITGPGFTGGDILRRNTFGDF
VSLQVNINSPITQRYRLRFRYASSRDARVIVLTGAASTGVGGQVSVNMPLQKTMEIGENLTSRTFRYTDFSNPFSFRANP
DIIGISEQPLFGAGSISSGELYIDKIEIILA
;
_entity_poly.pdbx_strand_id   A,B,C,D
#
# COMPACT_ATOMS: atom_id res chain seq x y z
N GLY A 4 6.73 1.37 -11.93
CA GLY A 4 6.59 1.18 -13.37
C GLY A 4 5.44 0.29 -13.87
N ASN A 5 4.29 0.91 -14.20
CA ASN A 5 3.17 0.22 -14.83
C ASN A 5 2.92 0.63 -16.29
N THR A 6 3.95 0.50 -17.12
CA THR A 6 3.98 0.83 -18.54
C THR A 6 2.69 0.48 -19.28
N PRO A 7 2.31 1.24 -20.29
CA PRO A 7 1.28 0.78 -21.24
C PRO A 7 1.59 -0.59 -21.86
N ILE A 8 2.87 -0.93 -22.05
CA ILE A 8 3.20 -2.26 -22.56
C ILE A 8 2.78 -3.33 -21.55
N ASP A 9 2.95 -3.05 -20.24
CA ASP A 9 2.44 -3.93 -19.20
C ASP A 9 0.93 -4.11 -19.33
N ILE A 10 0.20 -2.99 -19.34
CA ILE A 10 -1.26 -3.03 -19.34
C ILE A 10 -1.77 -3.80 -20.54
N SER A 11 -1.14 -3.54 -21.70
CA SER A 11 -1.59 -4.12 -22.93
C SER A 11 -1.30 -5.63 -22.94
N LEU A 12 -0.21 -6.08 -22.31
CA LEU A 12 0.05 -7.52 -22.27
C LEU A 12 -0.94 -8.24 -21.36
N SER A 13 -1.22 -7.72 -20.16
CA SER A 13 -2.28 -8.32 -19.36
C SER A 13 -3.62 -8.30 -20.09
N LEU A 14 -3.85 -7.30 -20.94
CA LEU A 14 -5.09 -7.31 -21.69
C LEU A 14 -5.06 -8.39 -22.77
N THR A 15 -3.93 -8.57 -23.45
CA THR A 15 -3.78 -9.71 -24.36
C THR A 15 -4.08 -11.04 -23.62
N GLN A 16 -3.59 -11.18 -22.37
CA GLN A 16 -3.87 -12.39 -21.61
C GLN A 16 -5.35 -12.54 -21.32
N PHE A 17 -6.01 -11.44 -20.95
CA PHE A 17 -7.43 -11.53 -20.64
C PHE A 17 -8.21 -11.96 -21.86
N LEU A 18 -8.08 -11.22 -22.96
CA LEU A 18 -8.84 -11.55 -24.16
C LEU A 18 -8.55 -12.96 -24.63
N LEU A 19 -7.32 -13.45 -24.44
CA LEU A 19 -7.01 -14.77 -24.98
C LEU A 19 -7.68 -15.89 -24.21
N SER A 20 -7.83 -15.75 -22.89
CA SER A 20 -8.28 -16.83 -22.01
C SER A 20 -9.76 -16.74 -21.63
N GLU A 21 -10.21 -15.58 -21.16
CA GLU A 21 -11.55 -15.46 -20.61
C GLU A 21 -12.42 -14.64 -21.56
N PHE A 22 -12.55 -15.12 -22.81
CA PHE A 22 -13.18 -14.31 -23.85
C PHE A 22 -14.72 -14.36 -23.83
N VAL A 23 -15.34 -14.95 -22.82
CA VAL A 23 -16.77 -15.22 -22.96
C VAL A 23 -17.66 -14.13 -22.39
N PRO A 24 -18.71 -13.69 -23.13
CA PRO A 24 -19.53 -12.55 -22.68
C PRO A 24 -20.33 -12.86 -21.43
N GLY A 25 -20.55 -11.79 -20.66
CA GLY A 25 -21.16 -11.86 -19.35
C GLY A 25 -20.53 -10.80 -18.47
N ALA A 26 -20.82 -10.86 -17.17
CA ALA A 26 -20.30 -9.86 -16.23
C ALA A 26 -18.79 -9.96 -16.07
N GLY A 27 -18.26 -11.19 -16.10
CA GLY A 27 -16.82 -11.39 -15.94
C GLY A 27 -16.01 -10.62 -16.96
N PHE A 28 -16.50 -10.59 -18.22
CA PHE A 28 -15.86 -9.81 -19.28
C PHE A 28 -15.94 -8.31 -19.02
N VAL A 29 -17.12 -7.77 -18.74
CA VAL A 29 -17.22 -6.35 -18.48
C VAL A 29 -16.39 -5.97 -17.28
N LEU A 30 -16.54 -6.73 -16.19
CA LEU A 30 -15.76 -6.40 -15.00
C LEU A 30 -14.28 -6.42 -15.31
N GLY A 31 -13.86 -7.32 -16.21
CA GLY A 31 -12.44 -7.42 -16.58
C GLY A 31 -11.93 -6.24 -17.38
N LEU A 32 -12.71 -5.78 -18.37
CA LEU A 32 -12.31 -4.58 -19.12
C LEU A 32 -12.24 -3.35 -18.24
N ILE A 33 -13.12 -3.25 -17.22
CA ILE A 33 -13.05 -2.13 -16.29
C ILE A 33 -11.75 -2.20 -15.48
N ASP A 34 -11.44 -3.37 -14.95
CA ASP A 34 -10.29 -3.47 -14.08
C ASP A 34 -8.98 -3.20 -14.81
N LEU A 35 -8.86 -3.66 -16.06
CA LEU A 35 -7.57 -3.50 -16.71
C LEU A 35 -7.38 -2.16 -17.39
N ILE A 36 -8.46 -1.53 -17.90
CA ILE A 36 -8.25 -0.32 -18.71
C ILE A 36 -9.24 0.80 -18.43
N TRP A 37 -10.52 0.50 -18.57
CA TRP A 37 -11.56 1.50 -18.63
C TRP A 37 -12.11 1.89 -17.26
N GLY A 38 -11.56 1.35 -16.17
CA GLY A 38 -11.96 1.84 -14.88
C GLY A 38 -11.25 3.12 -14.49
N PHE A 39 -10.18 3.43 -15.19
CA PHE A 39 -9.33 4.56 -14.82
C PHE A 39 -10.10 5.87 -14.97
N VAL A 40 -10.06 6.70 -13.93
CA VAL A 40 -10.66 8.02 -13.97
C VAL A 40 -9.55 9.06 -14.10
N GLY A 41 -9.66 9.90 -15.14
CA GLY A 41 -8.73 10.98 -15.42
C GLY A 41 -7.82 10.78 -16.63
N PRO A 42 -6.91 11.72 -16.87
CA PRO A 42 -6.20 11.74 -18.17
C PRO A 42 -4.82 11.08 -18.22
N SER A 43 -4.09 11.08 -17.09
CA SER A 43 -2.68 10.66 -17.05
C SER A 43 -2.46 9.33 -17.75
N GLN A 44 -3.39 8.38 -17.60
CA GLN A 44 -3.23 7.04 -18.20
C GLN A 44 -3.15 7.12 -19.71
N TRP A 45 -4.10 7.84 -20.33
CA TRP A 45 -4.08 8.05 -21.77
C TRP A 45 -2.89 8.89 -22.19
N ASP A 46 -2.46 9.83 -21.35
CA ASP A 46 -1.26 10.58 -21.64
C ASP A 46 -0.05 9.65 -21.81
N ALA A 47 0.04 8.61 -20.98
CA ALA A 47 1.19 7.71 -21.08
C ALA A 47 1.13 6.87 -22.33
N PHE A 48 -0.09 6.42 -22.67
CA PHE A 48 -0.30 5.62 -23.88
C PHE A 48 0.20 6.36 -25.11
N LEU A 49 -0.20 7.64 -25.27
CA LEU A 49 0.27 8.43 -26.41
C LEU A 49 1.78 8.68 -26.34
N ALA A 50 2.28 9.02 -25.14
CA ALA A 50 3.69 9.35 -25.00
C ALA A 50 4.60 8.27 -25.54
N GLN A 51 4.18 7.00 -25.46
CA GLN A 51 5.09 5.90 -25.79
C GLN A 51 5.41 5.84 -27.28
N VAL A 52 4.40 5.95 -28.12
CA VAL A 52 4.68 5.98 -29.55
C VAL A 52 5.17 7.37 -29.96
N GLU A 53 4.73 8.42 -29.27
CA GLU A 53 5.27 9.75 -29.55
C GLU A 53 6.79 9.79 -29.42
N GLN A 54 7.32 9.48 -28.21
CA GLN A 54 8.78 9.48 -28.04
C GLN A 54 9.46 8.38 -28.84
N LEU A 55 8.69 7.39 -29.33
CA LEU A 55 9.25 6.30 -30.11
C LEU A 55 9.74 6.79 -31.49
N ILE A 56 8.96 7.63 -32.15
CA ILE A 56 9.36 8.26 -33.42
C ILE A 56 9.67 9.75 -33.25
N ASN A 57 9.66 10.25 -31.99
CA ASN A 57 10.09 11.59 -31.61
C ASN A 57 9.32 12.66 -32.39
N GLN A 58 8.00 12.56 -32.34
CA GLN A 58 7.09 13.56 -32.86
C GLN A 58 5.95 13.63 -31.87
N ARG A 59 5.83 14.74 -31.15
CA ARG A 59 4.69 14.91 -30.25
C ARG A 59 3.45 15.38 -31.01
N ILE A 60 2.28 14.95 -30.55
CA ILE A 60 1.03 15.38 -31.15
C ILE A 60 0.78 16.85 -30.80
N ALA A 61 0.40 17.61 -31.83
CA ALA A 61 -0.16 18.95 -31.66
C ALA A 61 -1.12 19.01 -30.46
N GLU A 62 -0.95 20.05 -29.63
CA GLU A 62 -1.56 20.01 -28.29
C GLU A 62 -3.09 20.09 -28.32
N ALA A 63 -3.67 20.83 -29.26
CA ALA A 63 -5.12 20.84 -29.37
C ALA A 63 -5.65 19.45 -29.71
N VAL A 64 -5.00 18.79 -30.67
CA VAL A 64 -5.36 17.44 -31.08
C VAL A 64 -5.14 16.46 -29.94
N ARG A 65 -4.03 16.63 -29.22
CA ARG A 65 -3.67 15.71 -28.15
C ARG A 65 -4.69 15.75 -27.01
N ASN A 66 -5.06 16.96 -26.57
CA ASN A 66 -5.95 17.02 -25.42
C ASN A 66 -7.38 16.63 -25.77
N THR A 67 -7.85 16.97 -26.97
CA THR A 67 -9.16 16.48 -27.36
C THR A 67 -9.19 14.95 -27.39
N ALA A 68 -8.12 14.33 -27.88
CA ALA A 68 -8.06 12.86 -27.89
C ALA A 68 -8.14 12.32 -26.48
N ILE A 69 -7.35 12.87 -25.55
CA ILE A 69 -7.35 12.39 -24.18
C ILE A 69 -8.72 12.62 -23.52
N GLN A 70 -9.36 13.75 -23.78
CA GLN A 70 -10.63 13.97 -23.12
C GLN A 70 -11.74 13.12 -23.71
N GLU A 71 -11.62 12.71 -24.96
CA GLU A 71 -12.67 11.85 -25.46
C GLU A 71 -12.50 10.43 -24.95
N LEU A 72 -11.25 10.02 -24.71
CA LEU A 72 -10.98 8.75 -24.05
C LEU A 72 -11.59 8.73 -22.66
N GLU A 73 -11.33 9.78 -21.89
CA GLU A 73 -11.94 9.90 -20.58
C GLU A 73 -13.46 9.75 -20.64
N GLY A 74 -14.10 10.45 -21.57
CA GLY A 74 -15.55 10.33 -21.71
C GLY A 74 -16.00 8.94 -22.09
N MET A 75 -15.23 8.27 -22.96
CA MET A 75 -15.55 6.89 -23.34
C MET A 75 -15.49 5.93 -22.16
N ALA A 76 -14.42 6.01 -21.36
CA ALA A 76 -14.32 5.20 -20.17
C ALA A 76 -15.50 5.52 -19.28
N ARG A 77 -15.94 6.79 -19.33
CA ARG A 77 -16.80 7.30 -18.28
C ARG A 77 -18.20 6.83 -18.62
N VAL A 78 -18.62 6.87 -19.90
CA VAL A 78 -19.92 6.31 -20.32
C VAL A 78 -19.93 4.76 -20.26
N TYR A 79 -18.77 4.11 -20.45
CA TYR A 79 -18.73 2.66 -20.29
C TYR A 79 -18.95 2.27 -18.85
N ARG A 80 -18.31 2.98 -17.92
CA ARG A 80 -18.46 2.65 -16.52
C ARG A 80 -19.93 2.63 -16.12
N THR A 81 -20.70 3.61 -16.58
CA THR A 81 -22.09 3.64 -16.17
C THR A 81 -22.90 2.56 -16.90
N TYR A 82 -22.52 2.22 -18.14
CA TYR A 82 -23.12 1.06 -18.77
C TYR A 82 -22.85 -0.21 -17.98
N ALA A 83 -21.63 -0.34 -17.47
CA ALA A 83 -21.21 -1.59 -16.83
C ALA A 83 -22.02 -1.85 -15.57
N THR A 84 -22.28 -0.82 -14.76
CA THR A 84 -23.08 -1.04 -13.56
C THR A 84 -24.53 -1.31 -13.91
N ALA A 85 -25.08 -0.54 -14.84
CA ALA A 85 -26.42 -0.82 -15.35
C ALA A 85 -26.54 -2.24 -15.91
N PHE A 86 -25.46 -2.78 -16.49
CA PHE A 86 -25.42 -4.17 -16.96
C PHE A 86 -25.48 -5.17 -15.80
N ALA A 87 -24.74 -4.88 -14.73
CA ALA A 87 -24.66 -5.80 -13.59
C ALA A 87 -25.98 -5.85 -12.81
N GLU A 88 -26.62 -4.69 -12.65
CA GLU A 88 -27.89 -4.71 -11.95
C GLU A 88 -28.90 -5.49 -12.76
N TRP A 89 -28.83 -5.40 -14.08
CA TRP A 89 -29.74 -6.20 -14.90
C TRP A 89 -29.47 -7.68 -14.74
N GLU A 90 -28.21 -8.09 -14.62
CA GLU A 90 -27.93 -9.52 -14.58
C GLU A 90 -28.27 -10.13 -13.23
N ARG A 91 -28.52 -9.27 -12.26
CA ARG A 91 -29.00 -9.68 -10.95
C ARG A 91 -30.50 -9.97 -10.91
N ALA A 92 -31.32 -9.34 -11.76
CA ALA A 92 -32.75 -9.64 -11.89
C ALA A 92 -33.14 -9.63 -13.37
N PRO A 93 -32.60 -10.56 -14.16
CA PRO A 93 -32.59 -10.38 -15.64
C PRO A 93 -33.95 -10.28 -16.33
N ASP A 94 -35.05 -10.69 -15.69
CA ASP A 94 -36.37 -10.58 -16.31
C ASP A 94 -37.08 -9.26 -16.03
N ASP A 95 -36.61 -8.49 -15.05
CA ASP A 95 -37.32 -7.27 -14.66
C ASP A 95 -37.41 -6.31 -15.86
N PRO A 96 -38.61 -5.96 -16.34
CA PRO A 96 -38.70 -5.09 -17.52
C PRO A 96 -38.20 -3.66 -17.27
N GLU A 97 -38.00 -3.25 -16.02
CA GLU A 97 -37.50 -1.91 -15.82
C GLU A 97 -35.99 -1.90 -15.90
N LEU A 98 -35.34 -2.85 -15.23
CA LEU A 98 -33.89 -2.95 -15.35
C LEU A 98 -33.49 -3.17 -16.81
N ARG A 99 -34.28 -3.96 -17.54
CA ARG A 99 -34.08 -4.16 -18.97
C ARG A 99 -34.08 -2.84 -19.74
N GLU A 100 -35.26 -2.25 -19.98
CA GLU A 100 -35.31 -0.81 -20.32
C GLU A 100 -34.28 0.16 -19.74
N ALA A 101 -33.77 -0.01 -18.52
CA ALA A 101 -32.75 0.93 -18.09
C ALA A 101 -31.43 0.63 -18.77
N LEU A 102 -31.11 -0.65 -18.90
CA LEU A 102 -29.88 -1.06 -19.58
C LEU A 102 -29.96 -0.76 -21.07
N ARG A 103 -31.14 -0.91 -21.66
CA ARG A 103 -31.30 -0.64 -23.09
C ARG A 103 -30.95 0.79 -23.48
N THR A 104 -31.57 1.79 -22.86
CA THR A 104 -31.06 3.16 -23.08
C THR A 104 -29.59 3.34 -22.66
N GLN A 105 -29.18 2.89 -21.48
CA GLN A 105 -27.78 3.19 -21.15
C GLN A 105 -26.83 2.51 -22.13
N PHE A 106 -27.23 1.38 -22.74
CA PHE A 106 -26.44 0.82 -23.83
C PHE A 106 -26.35 1.78 -25.02
N THR A 107 -27.52 2.12 -25.60
CA THR A 107 -27.54 2.90 -26.84
C THR A 107 -26.89 4.26 -26.64
N ALA A 108 -26.97 4.81 -25.43
CA ALA A 108 -26.27 6.04 -25.12
C ALA A 108 -24.76 5.83 -25.18
N THR A 109 -24.27 4.73 -24.61
CA THR A 109 -22.84 4.51 -24.56
C THR A 109 -22.28 4.09 -25.90
N GLU A 110 -23.04 3.32 -26.67
CA GLU A 110 -22.58 2.95 -27.99
C GLU A 110 -22.51 4.16 -28.93
N THR A 111 -23.54 5.02 -28.91
CA THR A 111 -23.52 6.21 -29.76
C THR A 111 -22.35 7.11 -29.42
N TYR A 112 -22.05 7.27 -28.12
CA TYR A 112 -20.95 8.13 -27.70
C TYR A 112 -19.63 7.60 -28.23
N ILE A 113 -19.42 6.30 -28.12
CA ILE A 113 -18.15 5.73 -28.51
C ILE A 113 -18.03 5.64 -30.02
N SER A 114 -19.06 5.10 -30.68
CA SER A 114 -19.17 5.05 -32.14
C SER A 114 -18.86 6.39 -32.79
N GLY A 115 -19.53 7.46 -32.33
CA GLY A 115 -19.45 8.74 -33.00
C GLY A 115 -18.11 9.45 -32.84
N ARG A 116 -17.46 9.28 -31.68
CA ARG A 116 -16.31 10.09 -31.33
C ARG A 116 -14.98 9.34 -31.39
N ILE A 117 -14.96 8.13 -31.95
CA ILE A 117 -13.69 7.49 -32.25
C ILE A 117 -12.89 8.34 -33.23
N SER A 118 -13.60 9.08 -34.10
CA SER A 118 -13.06 10.02 -35.07
C SER A 118 -11.83 10.80 -34.56
N VAL A 119 -11.88 11.30 -33.32
CA VAL A 119 -10.84 12.19 -32.80
C VAL A 119 -9.56 11.42 -32.55
N LEU A 120 -9.59 10.09 -32.75
CA LEU A 120 -8.41 9.23 -32.64
C LEU A 120 -7.84 8.83 -33.98
N LYS A 121 -8.42 9.30 -35.08
CA LYS A 121 -7.97 9.01 -36.44
C LYS A 121 -7.47 10.27 -37.15
N ILE A 122 -7.06 11.30 -36.40
CA ILE A 122 -6.77 12.63 -36.92
C ILE A 122 -5.66 12.64 -37.96
N GLN A 123 -5.90 13.38 -39.04
CA GLN A 123 -4.97 13.42 -40.15
C GLN A 123 -3.61 13.95 -39.69
N THR A 124 -2.54 13.26 -40.07
CA THR A 124 -1.13 13.55 -39.79
C THR A 124 -0.70 13.06 -38.42
N PHE A 125 -1.62 12.60 -37.58
CA PHE A 125 -1.26 12.09 -36.28
C PHE A 125 -1.74 10.66 -36.12
N GLU A 126 -1.98 9.97 -37.24
CA GLU A 126 -2.54 8.63 -37.24
C GLU A 126 -1.67 7.64 -36.46
N VAL A 127 -0.36 7.63 -36.70
CA VAL A 127 0.50 6.65 -36.03
C VAL A 127 0.52 6.88 -34.53
N GLN A 128 0.78 8.12 -34.07
CA GLN A 128 0.83 8.40 -32.62
C GLN A 128 -0.48 8.02 -31.91
N LEU A 129 -1.60 8.17 -32.58
CA LEU A 129 -2.86 7.86 -31.95
C LEU A 129 -3.20 6.38 -32.06
N LEU A 130 -2.30 5.56 -32.62
CA LEU A 130 -2.70 4.21 -33.03
C LEU A 130 -3.08 3.33 -31.84
N SER A 131 -2.28 3.39 -30.75
CA SER A 131 -2.51 2.47 -29.63
C SER A 131 -3.79 2.78 -28.87
N VAL A 132 -4.16 4.06 -28.74
CA VAL A 132 -5.42 4.30 -28.06
C VAL A 132 -6.56 4.01 -29.00
N PHE A 133 -6.35 4.16 -30.29
CA PHE A 133 -7.39 3.75 -31.23
C PHE A 133 -7.66 2.25 -31.10
N ALA A 134 -6.60 1.46 -30.95
CA ALA A 134 -6.77 0.02 -30.84
C ALA A 134 -7.56 -0.32 -29.57
N GLN A 135 -7.29 0.37 -28.47
CA GLN A 135 -8.04 0.19 -27.24
C GLN A 135 -9.50 0.52 -27.45
N ALA A 136 -9.75 1.64 -28.11
CA ALA A 136 -11.11 2.12 -28.25
C ALA A 136 -11.89 1.30 -29.27
N ALA A 137 -11.25 0.93 -30.38
CA ALA A 137 -11.93 0.03 -31.32
C ALA A 137 -12.29 -1.28 -30.64
N ASN A 138 -11.36 -1.79 -29.83
CA ASN A 138 -11.63 -2.98 -29.04
C ASN A 138 -12.78 -2.75 -28.06
N LEU A 139 -12.85 -1.55 -27.46
CA LEU A 139 -13.99 -1.29 -26.58
C LEU A 139 -15.28 -1.24 -27.37
N HIS A 140 -15.29 -0.58 -28.55
CA HIS A 140 -16.51 -0.50 -29.34
C HIS A 140 -17.01 -1.89 -29.71
N LEU A 141 -16.08 -2.79 -30.06
CA LEU A 141 -16.47 -4.12 -30.47
C LEU A 141 -17.02 -4.95 -29.30
N SER A 142 -16.49 -4.74 -28.09
CA SER A 142 -17.06 -5.41 -26.92
C SER A 142 -18.54 -5.09 -26.81
N LEU A 143 -18.90 -3.81 -26.99
CA LEU A 143 -20.28 -3.39 -26.88
C LEU A 143 -21.15 -4.05 -27.95
N LEU A 144 -20.71 -4.02 -29.20
CA LEU A 144 -21.54 -4.58 -30.26
C LEU A 144 -21.71 -6.09 -30.09
N ARG A 145 -20.69 -6.77 -29.55
CA ARG A 145 -20.86 -8.19 -29.25
C ARG A 145 -21.92 -8.34 -28.19
N ASP A 146 -21.97 -7.41 -27.25
CA ASP A 146 -22.91 -7.54 -26.15
C ASP A 146 -24.34 -7.51 -26.66
N VAL A 147 -24.70 -6.54 -27.53
CA VAL A 147 -26.08 -6.48 -28.01
C VAL A 147 -26.44 -7.67 -28.89
N VAL A 148 -25.51 -8.07 -29.76
CA VAL A 148 -25.82 -9.20 -30.63
C VAL A 148 -26.10 -10.45 -29.79
N PHE A 149 -25.44 -10.55 -28.64
CA PHE A 149 -25.53 -11.69 -27.74
C PHE A 149 -26.67 -11.59 -26.73
N PHE A 150 -26.97 -10.38 -26.27
CA PHE A 150 -28.02 -10.19 -25.28
C PHE A 150 -29.25 -9.46 -25.82
N GLY A 151 -29.36 -9.23 -27.12
CA GLY A 151 -30.46 -8.42 -27.62
C GLY A 151 -31.85 -8.93 -27.20
N GLN A 152 -32.14 -10.20 -27.46
CA GLN A 152 -33.43 -10.77 -27.10
C GLN A 152 -33.59 -10.90 -25.57
N ARG A 153 -32.54 -11.17 -24.82
CA ARG A 153 -32.75 -11.05 -23.39
C ARG A 153 -33.03 -9.60 -22.96
N TRP A 154 -32.36 -8.62 -23.56
CA TRP A 154 -32.48 -7.24 -23.07
C TRP A 154 -33.84 -6.60 -23.39
N GLY A 155 -34.47 -6.96 -24.50
CA GLY A 155 -35.70 -6.29 -24.92
C GLY A 155 -35.61 -5.56 -26.27
N PHE A 156 -34.45 -5.50 -26.94
CA PHE A 156 -34.32 -4.88 -28.26
C PHE A 156 -35.01 -5.74 -29.34
N SER A 157 -35.58 -5.08 -30.35
CA SER A 157 -36.15 -5.73 -31.53
C SER A 157 -35.14 -6.61 -32.24
N THR A 158 -35.59 -7.76 -32.74
CA THR A 158 -34.78 -8.48 -33.71
C THR A 158 -34.31 -7.69 -34.95
N THR A 159 -34.98 -6.59 -35.31
CA THR A 159 -34.45 -5.79 -36.41
C THR A 159 -33.35 -4.84 -35.91
N THR A 160 -33.53 -4.29 -34.71
CA THR A 160 -32.50 -3.43 -34.10
C THR A 160 -31.19 -4.19 -33.93
N VAL A 161 -31.27 -5.45 -33.48
CA VAL A 161 -30.09 -6.28 -33.26
C VAL A 161 -29.41 -6.65 -34.59
N ASN A 162 -30.20 -7.03 -35.59
CA ASN A 162 -29.59 -7.36 -36.89
C ASN A 162 -28.82 -6.17 -37.45
N ASN A 163 -29.24 -4.94 -37.17
CA ASN A 163 -28.48 -3.77 -37.60
C ASN A 163 -27.21 -3.60 -36.78
N TYR A 164 -27.32 -3.75 -35.47
CA TYR A 164 -26.11 -3.74 -34.67
C TYR A 164 -25.14 -4.81 -35.15
N TYR A 165 -25.65 -5.99 -35.53
CA TYR A 165 -24.77 -7.03 -36.03
C TYR A 165 -23.99 -6.56 -37.26
N ASN A 166 -24.66 -5.88 -38.21
CA ASN A 166 -23.93 -5.42 -39.40
C ASN A 166 -22.87 -4.40 -39.00
N ASP A 167 -23.14 -3.59 -37.96
CA ASP A 167 -22.10 -2.70 -37.43
C ASP A 167 -20.90 -3.49 -36.93
N LEU A 168 -21.15 -4.60 -36.23
CA LEU A 168 -20.07 -5.39 -35.67
C LEU A 168 -19.20 -5.96 -36.78
N THR A 169 -19.81 -6.67 -37.74
CA THR A 169 -19.18 -7.04 -39.00
C THR A 169 -18.29 -5.97 -39.60
N GLU A 170 -18.88 -4.80 -39.90
CA GLU A 170 -18.12 -3.77 -40.60
C GLU A 170 -17.07 -3.18 -39.67
N GLY A 171 -17.44 -3.00 -38.40
CA GLY A 171 -16.49 -2.54 -37.41
C GLY A 171 -15.23 -3.38 -37.39
N ILE A 172 -15.38 -4.70 -37.35
CA ILE A 172 -14.22 -5.57 -37.32
C ILE A 172 -13.35 -5.33 -38.55
N SER A 173 -14.00 -5.22 -39.72
CA SER A 173 -13.25 -5.10 -40.96
C SER A 173 -12.62 -3.73 -41.08
N THR A 174 -13.36 -2.69 -40.70
CA THR A 174 -12.84 -1.33 -40.81
C THR A 174 -11.73 -1.06 -39.83
N TYR A 175 -11.93 -1.44 -38.57
CA TYR A 175 -10.93 -1.15 -37.56
C TYR A 175 -9.65 -1.92 -37.85
N THR A 176 -9.78 -3.22 -38.13
CA THR A 176 -8.64 -4.03 -38.57
C THR A 176 -7.85 -3.33 -39.67
N ASP A 177 -8.53 -2.95 -40.75
CA ASP A 177 -7.81 -2.44 -41.89
C ASP A 177 -7.11 -1.14 -41.57
N TYR A 178 -7.72 -0.27 -40.75
CA TYR A 178 -7.05 0.98 -40.42
C TYR A 178 -5.77 0.73 -39.63
N ALA A 179 -5.84 -0.16 -38.64
CA ALA A 179 -4.70 -0.40 -37.77
C ALA A 179 -3.51 -0.97 -38.54
N VAL A 180 -3.74 -2.00 -39.36
CA VAL A 180 -2.59 -2.59 -40.04
C VAL A 180 -2.02 -1.62 -41.06
N ARG A 181 -2.87 -0.78 -41.66
CA ARG A 181 -2.40 0.21 -42.62
C ARG A 181 -1.47 1.23 -41.99
N TRP A 182 -1.88 1.78 -40.85
CA TRP A 182 -1.05 2.78 -40.19
C TRP A 182 0.12 2.15 -39.44
N TYR A 183 0.01 0.87 -39.06
CA TYR A 183 1.19 0.14 -38.58
C TYR A 183 2.27 0.11 -39.65
N ASN A 184 1.91 -0.30 -40.86
CA ASN A 184 2.92 -0.44 -41.91
C ASN A 184 3.53 0.87 -42.32
N THR A 185 2.69 1.91 -42.52
CA THR A 185 3.27 3.19 -42.96
C THR A 185 4.10 3.82 -41.82
N GLY A 186 3.74 3.57 -40.56
CA GLY A 186 4.60 4.00 -39.48
C GLY A 186 5.91 3.26 -39.45
N LEU A 187 5.89 1.96 -39.77
CA LEU A 187 7.13 1.17 -39.82
C LEU A 187 8.08 1.69 -40.89
N GLU A 188 7.58 1.90 -42.11
CA GLU A 188 8.48 2.29 -43.20
C GLU A 188 9.15 3.62 -42.90
N ARG A 189 8.41 4.53 -42.27
CA ARG A 189 8.90 5.86 -41.92
C ARG A 189 10.03 5.81 -40.90
N VAL A 190 10.18 4.72 -40.15
CA VAL A 190 11.27 4.58 -39.18
C VAL A 190 12.52 3.96 -39.80
N TRP A 191 12.40 3.32 -40.96
CA TRP A 191 13.50 2.56 -41.52
C TRP A 191 14.63 3.46 -41.98
N GLY A 192 15.86 3.08 -41.64
CA GLY A 192 17.04 3.72 -42.16
C GLY A 192 18.15 2.69 -42.36
N PRO A 193 19.30 3.14 -42.84
CA PRO A 193 20.36 2.19 -43.19
C PRO A 193 21.37 1.83 -42.09
N ASP A 194 21.36 2.48 -40.94
CA ASP A 194 22.41 2.27 -39.94
C ASP A 194 21.98 1.33 -38.82
N SER A 195 22.98 0.89 -38.07
CA SER A 195 22.72 0.13 -36.85
C SER A 195 21.69 0.82 -35.97
N ARG A 196 21.85 2.12 -35.72
CA ARG A 196 20.87 2.85 -34.91
C ARG A 196 19.50 2.87 -35.56
N ASP A 197 19.44 3.01 -36.90
CA ASP A 197 18.14 3.09 -37.56
C ASP A 197 17.39 1.77 -37.45
N TRP A 198 18.13 0.66 -37.53
CA TRP A 198 17.47 -0.64 -37.37
C TRP A 198 16.95 -0.81 -35.94
N VAL A 199 17.75 -0.44 -34.94
CA VAL A 199 17.28 -0.58 -33.57
C VAL A 199 15.94 0.14 -33.39
N ARG A 200 15.83 1.39 -33.89
CA ARG A 200 14.59 2.11 -33.63
C ARG A 200 13.48 1.60 -34.51
N TYR A 201 13.82 1.09 -35.70
CA TYR A 201 12.83 0.40 -36.55
C TYR A 201 12.24 -0.81 -35.83
N ASN A 202 13.11 -1.66 -35.28
CA ASN A 202 12.65 -2.87 -34.63
C ASN A 202 11.90 -2.56 -33.34
N GLN A 203 12.32 -1.51 -32.63
CA GLN A 203 11.58 -1.07 -31.44
C GLN A 203 10.12 -0.76 -31.76
N PHE A 204 9.89 -0.04 -32.87
CA PHE A 204 8.53 0.25 -33.32
C PHE A 204 7.76 -1.04 -33.62
N ARG A 205 8.35 -1.93 -34.41
CA ARG A 205 7.70 -3.19 -34.76
C ARG A 205 7.31 -3.97 -33.51
N ARG A 206 8.24 -4.08 -32.55
CA ARG A 206 7.99 -4.91 -31.38
C ARG A 206 6.93 -4.27 -30.49
N GLU A 207 7.07 -2.97 -30.18
CA GLU A 207 6.12 -2.35 -29.27
C GLU A 207 4.71 -2.32 -29.86
N LEU A 208 4.58 -2.02 -31.15
CA LEU A 208 3.26 -1.95 -31.74
C LEU A 208 2.68 -3.31 -32.10
N THR A 209 3.53 -4.36 -32.18
CA THR A 209 2.98 -5.70 -32.26
C THR A 209 2.30 -6.06 -30.95
N LEU A 210 2.92 -5.66 -29.83
CA LEU A 210 2.37 -5.94 -28.51
C LEU A 210 1.17 -5.05 -28.18
N THR A 211 1.20 -3.76 -28.57
CA THR A 211 0.18 -2.78 -28.17
C THR A 211 -0.96 -2.62 -29.16
N VAL A 212 -0.78 -3.11 -30.39
CA VAL A 212 -1.79 -2.89 -31.42
C VAL A 212 -2.21 -4.21 -32.08
N LEU A 213 -1.26 -4.87 -32.76
CA LEU A 213 -1.58 -6.04 -33.59
C LEU A 213 -2.17 -7.20 -32.78
N ASP A 214 -1.69 -7.42 -31.55
CA ASP A 214 -2.22 -8.52 -30.78
C ASP A 214 -3.68 -8.27 -30.39
N ILE A 215 -4.05 -7.03 -30.06
CA ILE A 215 -5.46 -6.79 -29.80
C ILE A 215 -6.23 -6.86 -31.11
N VAL A 216 -5.61 -6.45 -32.23
CA VAL A 216 -6.30 -6.47 -33.51
C VAL A 216 -6.56 -7.89 -33.99
N ALA A 217 -5.63 -8.81 -33.71
CA ALA A 217 -5.80 -10.20 -34.12
C ALA A 217 -7.00 -10.87 -33.47
N LEU A 218 -7.49 -10.32 -32.36
CA LEU A 218 -8.60 -10.92 -31.65
C LEU A 218 -9.96 -10.31 -32.01
N PHE A 219 -9.99 -9.21 -32.77
CA PHE A 219 -11.27 -8.63 -33.17
C PHE A 219 -12.25 -9.63 -33.75
N PRO A 220 -11.86 -10.51 -34.70
CA PRO A 220 -12.87 -11.41 -35.29
C PRO A 220 -13.61 -12.24 -34.26
N ASN A 221 -12.99 -12.54 -33.10
CA ASN A 221 -13.66 -13.35 -32.08
C ASN A 221 -14.85 -12.58 -31.50
N TYR A 222 -14.90 -11.27 -31.71
CA TYR A 222 -16.04 -10.50 -31.26
C TYR A 222 -17.33 -10.82 -32.02
N ASP A 223 -17.24 -11.56 -33.12
CA ASP A 223 -18.39 -11.95 -33.94
C ASP A 223 -19.09 -13.14 -33.28
N SER A 224 -20.07 -12.84 -32.43
CA SER A 224 -20.62 -13.89 -31.60
C SER A 224 -21.63 -14.74 -32.34
N ARG A 225 -22.00 -14.35 -33.56
CA ARG A 225 -22.74 -15.25 -34.44
C ARG A 225 -21.81 -16.26 -35.09
N ARG A 226 -20.58 -15.87 -35.39
CA ARG A 226 -19.60 -16.80 -35.92
C ARG A 226 -18.98 -17.66 -34.83
N TYR A 227 -18.95 -17.18 -33.57
CA TYR A 227 -18.39 -17.94 -32.44
C TYR A 227 -19.42 -17.99 -31.34
N PRO A 228 -20.44 -18.85 -31.47
CA PRO A 228 -21.48 -18.92 -30.42
C PRO A 228 -20.94 -19.34 -29.06
N ILE A 229 -19.82 -20.08 -28.99
CA ILE A 229 -19.21 -20.44 -27.70
C ILE A 229 -17.76 -19.97 -27.57
N ARG A 230 -17.11 -20.34 -26.47
CA ARG A 230 -15.74 -19.96 -26.16
C ARG A 230 -14.77 -20.31 -27.30
N THR A 231 -13.75 -19.47 -27.49
CA THR A 231 -12.71 -19.73 -28.47
C THR A 231 -11.40 -19.11 -28.00
N VAL A 232 -10.30 -19.79 -28.30
CA VAL A 232 -8.96 -19.42 -27.83
C VAL A 232 -8.04 -19.26 -29.04
N SER A 233 -7.59 -18.03 -29.31
CA SER A 233 -6.69 -17.85 -30.44
C SER A 233 -5.26 -18.14 -30.00
N GLN A 234 -4.35 -18.17 -30.97
CA GLN A 234 -2.94 -18.46 -30.69
C GLN A 234 -2.10 -17.48 -31.48
N LEU A 235 -1.26 -16.71 -30.78
CA LEU A 235 -0.40 -15.73 -31.44
C LEU A 235 0.96 -16.37 -31.72
N THR A 236 1.21 -16.75 -32.98
CA THR A 236 2.46 -17.40 -33.30
C THR A 236 3.52 -16.45 -33.83
N ARG A 237 3.23 -15.16 -33.93
CA ARG A 237 4.23 -14.23 -34.41
C ARG A 237 5.38 -14.14 -33.41
N GLU A 238 6.57 -13.84 -33.91
CA GLU A 238 7.76 -13.76 -33.09
C GLU A 238 8.28 -12.32 -33.10
N ILE A 239 8.55 -11.77 -31.92
CA ILE A 239 9.14 -10.44 -31.79
C ILE A 239 10.59 -10.64 -31.41
N TYR A 240 11.41 -9.63 -31.65
CA TYR A 240 12.86 -9.76 -31.70
C TYR A 240 13.60 -8.86 -30.69
N THR A 241 14.63 -9.41 -30.07
CA THR A 241 15.56 -8.64 -29.25
C THR A 241 16.99 -8.88 -29.67
N ASN A 242 17.82 -7.85 -29.50
CA ASN A 242 19.25 -7.95 -29.74
C ASN A 242 20.01 -7.12 -28.72
N PRO A 243 20.62 -7.75 -27.74
CA PRO A 243 21.28 -6.96 -26.70
C PRO A 243 22.51 -6.23 -27.26
N VAL A 244 23.36 -6.92 -28.04
CA VAL A 244 24.58 -6.28 -28.56
C VAL A 244 24.25 -4.99 -29.31
N LEU A 245 23.30 -5.05 -30.24
CA LEU A 245 22.97 -3.88 -31.05
C LEU A 245 22.12 -2.87 -30.27
N GLU A 246 21.16 -3.34 -29.47
CA GLU A 246 20.26 -2.45 -28.75
C GLU A 246 20.96 -1.69 -27.63
N ASN A 247 22.12 -2.15 -27.22
CA ASN A 247 22.90 -1.54 -26.14
C ASN A 247 24.11 -0.75 -26.64
N PHE A 248 24.36 -0.76 -27.95
CA PHE A 248 25.51 -0.06 -28.49
C PHE A 248 25.30 1.46 -28.42
N ASP A 249 26.40 2.18 -28.14
CA ASP A 249 26.31 3.63 -28.01
C ASP A 249 26.57 4.33 -29.32
N GLY A 250 27.28 3.69 -30.23
CA GLY A 250 27.53 4.22 -31.55
C GLY A 250 26.48 3.81 -32.54
N SER A 251 26.92 3.64 -33.79
CA SER A 251 26.11 3.05 -34.84
C SER A 251 27.03 2.60 -35.96
N PHE A 252 26.97 1.30 -36.29
CA PHE A 252 27.66 0.75 -37.45
C PHE A 252 26.95 1.26 -38.69
N ARG A 253 27.69 1.76 -39.68
CA ARG A 253 27.01 2.44 -40.77
C ARG A 253 26.63 1.47 -41.89
N GLY A 254 25.55 1.80 -42.61
CA GLY A 254 24.96 0.92 -43.63
C GLY A 254 24.66 -0.54 -43.32
N SER A 255 24.46 -0.93 -42.06
CA SER A 255 24.26 -2.32 -41.66
C SER A 255 22.80 -2.79 -41.65
N ALA A 256 21.84 -1.85 -41.54
CA ALA A 256 20.49 -2.23 -41.18
C ALA A 256 19.88 -3.22 -42.16
N GLN A 257 20.26 -3.15 -43.42
CA GLN A 257 19.71 -4.12 -44.34
C GLN A 257 20.32 -5.49 -44.08
N GLY A 258 21.63 -5.53 -43.78
CA GLY A 258 22.26 -6.79 -43.42
C GLY A 258 21.72 -7.43 -42.14
N ILE A 259 21.33 -6.62 -41.15
CA ILE A 259 20.81 -7.15 -39.89
C ILE A 259 19.46 -7.83 -40.10
N GLU A 260 18.55 -7.14 -40.78
CA GLU A 260 17.16 -7.62 -40.92
C GLU A 260 17.11 -8.92 -41.72
N ARG A 261 18.09 -9.11 -42.61
CA ARG A 261 18.17 -10.34 -43.40
C ARG A 261 18.66 -11.51 -42.62
N SER A 262 19.38 -11.25 -41.51
CA SER A 262 19.88 -12.35 -40.71
C SER A 262 18.79 -13.03 -39.87
N ILE A 263 17.57 -12.49 -39.86
CA ILE A 263 16.40 -13.13 -39.26
C ILE A 263 15.92 -14.17 -40.27
N ARG A 264 15.56 -15.35 -39.76
CA ARG A 264 15.06 -16.43 -40.62
C ARG A 264 13.77 -16.05 -41.38
N SER A 265 13.58 -16.68 -42.54
CA SER A 265 12.42 -16.38 -43.36
C SER A 265 11.20 -17.15 -42.85
N PRO A 266 9.99 -16.75 -43.26
CA PRO A 266 8.79 -17.36 -42.68
C PRO A 266 8.85 -18.88 -42.75
N HIS A 267 8.28 -19.51 -41.73
CA HIS A 267 8.59 -20.89 -41.38
C HIS A 267 7.45 -21.46 -40.57
N LEU A 268 7.35 -22.78 -40.57
CA LEU A 268 6.44 -23.43 -39.63
C LEU A 268 6.96 -23.19 -38.20
N MET A 269 6.02 -23.18 -37.25
CA MET A 269 6.37 -22.94 -35.86
C MET A 269 7.14 -24.13 -35.32
N ASP A 270 8.24 -23.86 -34.62
CA ASP A 270 9.04 -24.92 -34.02
C ASP A 270 9.19 -24.70 -32.52
N ILE A 271 9.73 -25.71 -31.87
CA ILE A 271 9.97 -25.66 -30.45
C ILE A 271 11.47 -25.69 -30.27
N LEU A 272 12.02 -24.63 -29.69
CA LEU A 272 13.45 -24.56 -29.43
C LEU A 272 13.85 -25.61 -28.39
N ASN A 273 14.76 -26.51 -28.76
CA ASN A 273 15.18 -27.56 -27.85
C ASN A 273 16.48 -27.22 -27.13
N SER A 274 17.54 -26.94 -27.89
CA SER A 274 18.85 -26.70 -27.32
C SER A 274 19.61 -25.68 -28.16
N ILE A 275 20.60 -25.06 -27.53
CA ILE A 275 21.49 -24.12 -28.19
C ILE A 275 22.90 -24.43 -27.71
N THR A 276 23.79 -24.80 -28.64
CA THR A 276 25.17 -25.09 -28.29
C THR A 276 26.04 -23.89 -28.67
N ILE A 277 26.58 -23.24 -27.69
CA ILE A 277 27.31 -22.00 -27.93
C ILE A 277 28.79 -22.32 -28.07
N TYR A 278 29.43 -21.68 -29.06
CA TYR A 278 30.88 -21.79 -29.27
C TYR A 278 31.54 -20.48 -28.84
N THR A 279 32.69 -20.56 -28.19
CA THR A 279 33.40 -19.41 -27.62
C THR A 279 34.72 -19.15 -28.36
N ASP A 280 35.07 -17.88 -28.49
CA ASP A 280 36.33 -17.44 -29.06
C ASP A 280 36.96 -16.43 -28.11
N ALA A 281 38.21 -16.08 -28.39
CA ALA A 281 38.90 -15.16 -27.49
C ALA A 281 39.86 -14.33 -28.30
N HIS A 282 40.16 -13.16 -27.75
CA HIS A 282 41.15 -12.30 -28.37
C HIS A 282 41.70 -11.42 -27.27
N ARG A 283 43.00 -11.53 -26.98
CA ARG A 283 43.50 -10.71 -25.91
C ARG A 283 42.75 -10.86 -24.60
N GLY A 284 42.64 -12.12 -24.17
CA GLY A 284 42.04 -12.38 -22.86
C GLY A 284 40.59 -11.98 -22.76
N TYR A 285 40.01 -11.52 -23.86
CA TYR A 285 38.58 -11.26 -23.98
C TYR A 285 37.89 -12.44 -24.67
N TYR A 286 37.07 -13.17 -23.92
CA TYR A 286 36.36 -14.34 -24.41
C TYR A 286 34.95 -13.93 -24.81
N TYR A 287 34.44 -14.51 -25.89
CA TYR A 287 33.14 -14.10 -26.38
C TYR A 287 32.40 -15.23 -27.10
N TRP A 288 31.08 -15.08 -27.14
CA TRP A 288 30.12 -15.87 -27.92
C TRP A 288 30.37 -15.63 -29.41
N SER A 289 31.02 -16.61 -30.09
CA SER A 289 31.45 -16.49 -31.49
C SER A 289 30.52 -17.17 -32.51
N GLY A 290 29.74 -18.15 -32.09
CA GLY A 290 28.84 -18.89 -32.95
C GLY A 290 28.03 -19.83 -32.09
N HIS A 291 27.03 -20.46 -32.69
CA HIS A 291 26.21 -21.39 -31.93
C HIS A 291 25.39 -22.23 -32.90
N GLN A 292 24.88 -23.34 -32.38
CA GLN A 292 24.02 -24.27 -33.11
C GLN A 292 22.66 -24.33 -32.43
N ILE A 293 21.62 -24.53 -33.24
CA ILE A 293 20.23 -24.57 -32.77
C ILE A 293 19.60 -25.89 -33.20
N MET A 294 18.97 -26.59 -32.27
CA MET A 294 18.17 -27.76 -32.61
C MET A 294 16.72 -27.52 -32.22
N ALA A 295 15.79 -27.95 -33.07
CA ALA A 295 14.38 -27.72 -32.81
C ALA A 295 13.58 -28.97 -33.15
N SER A 296 12.35 -29.01 -32.67
CA SER A 296 11.36 -30.04 -32.96
C SER A 296 10.11 -29.38 -33.53
N PRO A 297 9.28 -30.12 -34.25
CA PRO A 297 8.00 -29.56 -34.71
C PRO A 297 7.00 -29.43 -33.56
N VAL A 298 5.88 -28.78 -33.88
CA VAL A 298 4.77 -28.76 -32.93
C VAL A 298 4.35 -30.19 -32.63
N GLY A 299 4.16 -30.48 -31.34
CA GLY A 299 3.79 -31.79 -30.89
C GLY A 299 4.95 -32.74 -30.67
N PHE A 300 6.17 -32.34 -31.01
CA PHE A 300 7.34 -33.22 -30.98
C PHE A 300 7.06 -34.46 -31.85
N SER A 301 6.51 -34.20 -33.02
CA SER A 301 5.99 -35.19 -33.95
C SER A 301 7.10 -35.81 -34.76
N GLY A 302 8.33 -35.83 -34.24
CA GLY A 302 9.32 -36.63 -34.90
C GLY A 302 10.70 -36.07 -34.72
N PRO A 303 11.50 -36.08 -35.80
CA PRO A 303 12.94 -35.88 -35.64
C PRO A 303 13.37 -34.43 -35.55
N GLU A 304 14.43 -34.20 -34.76
CA GLU A 304 14.95 -32.86 -34.54
C GLU A 304 15.59 -32.29 -35.81
N PHE A 305 15.34 -31.01 -36.07
CA PHE A 305 16.01 -30.31 -37.15
C PHE A 305 17.18 -29.51 -36.58
N THR A 306 18.34 -29.61 -37.22
CA THR A 306 19.50 -28.85 -36.82
C THR A 306 19.76 -27.74 -37.83
N PHE A 307 19.78 -26.50 -37.36
CA PHE A 307 19.98 -25.37 -38.26
C PHE A 307 21.45 -25.26 -38.67
N PRO A 308 21.71 -24.69 -39.86
CA PRO A 308 23.09 -24.42 -40.28
C PRO A 308 23.85 -23.63 -39.22
N LEU A 309 25.18 -23.77 -39.24
CA LEU A 309 25.99 -23.06 -38.24
C LEU A 309 25.71 -21.58 -38.29
N TYR A 310 25.46 -20.99 -37.12
CA TYR A 310 25.38 -19.55 -36.96
C TYR A 310 26.72 -19.07 -36.47
N GLY A 311 27.26 -18.02 -37.11
CA GLY A 311 28.56 -17.52 -36.66
C GLY A 311 29.75 -18.42 -37.00
N THR A 312 30.77 -18.37 -36.13
CA THR A 312 32.02 -19.11 -36.35
C THR A 312 32.27 -20.05 -35.18
N MET A 313 32.78 -21.25 -35.49
CA MET A 313 32.90 -22.35 -34.51
C MET A 313 34.22 -22.21 -33.77
N GLY A 314 34.21 -21.35 -32.72
CA GLY A 314 35.40 -21.13 -31.93
C GLY A 314 35.66 -22.25 -30.94
N ASN A 315 36.93 -22.28 -30.44
CA ASN A 315 37.36 -23.32 -29.50
C ASN A 315 38.25 -22.79 -28.37
N ALA A 316 38.25 -21.48 -28.12
CA ALA A 316 39.00 -20.93 -26.99
C ALA A 316 38.48 -21.43 -25.66
N ALA A 317 37.31 -22.08 -25.67
CA ALA A 317 36.74 -22.86 -24.59
C ALA A 317 35.95 -23.98 -25.24
N PRO A 318 35.67 -25.08 -24.52
CA PRO A 318 34.85 -26.14 -25.12
C PRO A 318 33.42 -25.64 -25.34
N GLN A 319 32.76 -26.27 -26.32
CA GLN A 319 31.37 -25.91 -26.56
C GLN A 319 30.56 -26.15 -25.29
N GLN A 320 29.50 -25.34 -25.11
CA GLN A 320 28.57 -25.48 -23.99
C GLN A 320 27.16 -25.70 -24.52
N ARG A 321 26.54 -26.83 -24.18
CA ARG A 321 25.24 -27.16 -24.73
C ARG A 321 24.20 -26.77 -23.66
N ILE A 322 23.37 -25.77 -23.97
CA ILE A 322 22.31 -25.28 -23.09
C ILE A 322 20.99 -25.85 -23.59
N VAL A 323 20.27 -26.57 -22.74
CA VAL A 323 18.95 -27.11 -23.08
C VAL A 323 17.94 -26.02 -22.76
N ALA A 324 17.20 -25.58 -23.77
CA ALA A 324 16.21 -24.53 -23.55
C ALA A 324 14.89 -25.08 -23.01
N GLN A 325 14.47 -26.23 -23.53
CA GLN A 325 13.09 -26.71 -23.35
C GLN A 325 12.95 -27.52 -22.07
N LEU A 326 12.93 -26.80 -20.96
CA LEU A 326 12.63 -27.34 -19.64
C LEU A 326 11.51 -26.49 -19.07
N GLY A 327 10.52 -27.15 -18.46
CA GLY A 327 9.36 -26.44 -17.98
C GLY A 327 8.60 -25.84 -19.15
N GLN A 328 8.32 -24.54 -19.06
CA GLN A 328 7.59 -23.84 -20.11
C GLN A 328 8.50 -23.15 -21.11
N GLY A 329 9.81 -23.44 -21.04
CA GLY A 329 10.80 -22.85 -21.92
C GLY A 329 11.58 -21.74 -21.26
N VAL A 330 12.50 -21.17 -22.03
CA VAL A 330 13.27 -20.01 -21.59
C VAL A 330 12.41 -18.76 -21.72
N TYR A 331 12.15 -18.07 -20.60
CA TYR A 331 11.30 -16.88 -20.66
C TYR A 331 12.06 -15.57 -20.63
N ARG A 332 13.36 -15.61 -20.40
CA ARG A 332 14.10 -14.39 -20.10
C ARG A 332 15.58 -14.67 -20.35
N THR A 333 16.28 -13.65 -20.89
CA THR A 333 17.72 -13.66 -21.01
C THR A 333 18.27 -12.40 -20.37
N LEU A 334 19.40 -12.53 -19.67
CA LEU A 334 20.14 -11.40 -19.09
C LEU A 334 21.56 -11.48 -19.64
N SER A 335 21.92 -10.58 -20.55
CA SER A 335 23.17 -10.69 -21.28
C SER A 335 24.17 -9.62 -20.86
N SER A 336 25.45 -9.96 -21.02
CA SER A 336 26.57 -9.05 -20.76
C SER A 336 27.21 -8.71 -22.10
N THR A 337 27.19 -7.42 -22.46
CA THR A 337 27.76 -6.97 -23.72
C THR A 337 29.17 -6.45 -23.49
N LEU A 338 29.99 -6.55 -24.55
CA LEU A 338 31.39 -6.15 -24.50
C LEU A 338 31.76 -5.41 -25.78
N TYR A 339 32.10 -4.14 -25.64
CA TYR A 339 32.49 -3.29 -26.77
C TYR A 339 33.94 -2.82 -26.54
N ARG A 340 34.91 -3.52 -27.14
CA ARG A 340 36.31 -3.17 -26.98
C ARG A 340 36.72 -2.12 -28.02
N ARG A 341 37.19 -0.97 -27.53
CA ARG A 341 37.57 0.22 -28.30
C ARG A 341 39.02 0.59 -28.01
N PRO A 342 39.95 -0.04 -28.71
CA PRO A 342 41.38 0.21 -28.47
C PRO A 342 41.88 1.44 -29.21
N PHE A 343 43.07 1.87 -28.81
CA PHE A 343 43.65 3.06 -29.44
C PHE A 343 44.18 2.58 -30.78
N ASN A 344 43.61 3.10 -31.87
CA ASN A 344 43.21 2.27 -33.02
C ASN A 344 44.30 1.33 -33.41
N ILE A 345 44.83 0.46 -32.57
CA ILE A 345 45.64 -0.55 -33.25
C ILE A 345 44.69 -1.32 -34.17
N GLY A 346 45.18 -2.25 -34.99
CA GLY A 346 44.20 -3.08 -35.69
C GLY A 346 44.64 -4.50 -36.00
N ILE A 347 43.78 -5.21 -36.75
CA ILE A 347 43.96 -6.60 -37.20
C ILE A 347 44.35 -7.62 -36.12
N ASN A 348 45.36 -7.30 -35.31
CA ASN A 348 45.74 -8.10 -34.16
C ASN A 348 45.43 -7.41 -32.83
N ASN A 349 45.10 -6.13 -32.86
CA ASN A 349 44.42 -5.49 -31.75
C ASN A 349 43.07 -5.09 -32.34
N GLN A 350 42.08 -5.95 -32.10
CA GLN A 350 40.81 -5.96 -32.80
C GLN A 350 39.79 -5.10 -32.09
N GLN A 351 38.78 -4.70 -32.85
CA GLN A 351 37.59 -4.07 -32.30
C GLN A 351 36.50 -5.12 -32.12
N LEU A 352 35.95 -5.20 -30.91
CA LEU A 352 34.98 -6.23 -30.57
C LEU A 352 33.64 -5.60 -30.26
N SER A 353 32.58 -6.17 -30.84
CA SER A 353 31.20 -5.80 -30.53
C SER A 353 30.48 -7.12 -30.35
N VAL A 354 30.51 -7.66 -29.13
CA VAL A 354 30.07 -9.04 -28.86
C VAL A 354 29.46 -9.23 -27.47
N LEU A 355 28.92 -10.42 -27.22
CA LEU A 355 28.46 -10.84 -25.89
C LEU A 355 29.52 -11.66 -25.19
N ASP A 356 29.74 -11.38 -23.89
CA ASP A 356 30.67 -12.18 -23.12
C ASP A 356 29.99 -13.01 -22.03
N GLY A 357 28.67 -13.09 -22.05
CA GLY A 357 27.92 -13.95 -21.14
C GLY A 357 26.43 -13.75 -21.32
N THR A 358 25.61 -14.77 -21.04
CA THR A 358 24.15 -14.65 -21.00
C THR A 358 23.60 -15.65 -20.01
N GLU A 359 22.61 -15.21 -19.23
CA GLU A 359 21.86 -16.07 -18.32
C GLU A 359 20.53 -16.40 -19.00
N PHE A 360 20.19 -17.69 -19.08
CA PHE A 360 18.94 -18.18 -19.69
C PHE A 360 18.01 -18.61 -18.56
N ALA A 361 16.94 -17.86 -18.32
CA ALA A 361 16.04 -18.12 -17.20
C ALA A 361 14.83 -18.94 -17.61
N TYR A 362 14.52 -19.98 -16.83
CA TYR A 362 13.45 -20.88 -17.23
C TYR A 362 12.12 -20.41 -16.69
N GLY A 363 11.08 -20.56 -17.52
CA GLY A 363 9.69 -20.35 -17.15
C GLY A 363 9.15 -21.59 -16.47
N THR A 364 8.74 -21.46 -15.22
CA THR A 364 8.56 -22.67 -14.45
C THR A 364 7.94 -22.32 -13.10
N SER A 365 7.21 -23.28 -12.54
CA SER A 365 6.69 -23.15 -11.19
C SER A 365 7.61 -23.84 -10.20
N SER A 366 8.92 -23.74 -10.44
CA SER A 366 9.89 -24.56 -9.73
C SER A 366 11.15 -23.75 -9.49
N ASN A 367 12.06 -24.34 -8.69
CA ASN A 367 13.32 -23.73 -8.32
C ASN A 367 14.44 -23.96 -9.34
N LEU A 368 14.14 -24.57 -10.48
CA LEU A 368 15.14 -24.96 -11.45
C LEU A 368 16.08 -23.80 -11.78
N PRO A 369 17.40 -23.98 -11.60
CA PRO A 369 18.35 -22.88 -11.86
C PRO A 369 18.49 -22.52 -13.34
N SER A 370 18.89 -21.27 -13.55
CA SER A 370 19.14 -20.77 -14.90
C SER A 370 20.34 -21.46 -15.50
N ALA A 371 20.37 -21.45 -16.83
CA ALA A 371 21.56 -21.81 -17.59
C ALA A 371 22.43 -20.59 -17.77
N VAL A 372 23.74 -20.76 -17.62
CA VAL A 372 24.64 -19.62 -17.70
C VAL A 372 25.75 -19.94 -18.68
N TYR A 373 25.88 -19.11 -19.71
CA TYR A 373 27.06 -19.07 -20.58
C TYR A 373 28.04 -18.05 -19.99
N ARG A 374 29.15 -18.54 -19.42
CA ARG A 374 30.20 -17.75 -18.79
C ARG A 374 29.72 -16.93 -17.57
N LYS A 375 28.79 -16.00 -17.73
CA LYS A 375 28.40 -15.14 -16.61
C LYS A 375 27.13 -14.41 -17.01
N SER A 376 26.47 -13.76 -16.04
CA SER A 376 25.23 -13.07 -16.36
C SER A 376 25.52 -11.61 -16.73
N GLY A 377 24.45 -10.85 -17.04
CA GLY A 377 24.55 -9.46 -17.45
C GLY A 377 23.38 -8.62 -16.98
N THR A 378 23.35 -7.36 -17.39
CA THR A 378 22.26 -6.47 -17.00
C THR A 378 21.38 -6.04 -18.16
N VAL A 379 21.69 -6.46 -19.39
CA VAL A 379 20.82 -6.21 -20.55
C VAL A 379 19.69 -7.24 -20.50
N ASP A 380 18.54 -6.82 -19.97
CA ASP A 380 17.53 -7.71 -19.43
C ASP A 380 16.34 -7.73 -20.40
N SER A 381 16.08 -8.89 -21.00
CA SER A 381 14.99 -9.01 -21.96
C SER A 381 13.63 -8.77 -21.31
N LEU A 382 13.53 -8.97 -19.98
CA LEU A 382 12.26 -8.73 -19.35
C LEU A 382 11.87 -7.26 -19.44
N ASP A 383 12.88 -6.40 -19.65
CA ASP A 383 12.68 -4.97 -19.87
C ASP A 383 12.04 -4.66 -21.22
N GLU A 384 12.13 -5.55 -22.18
CA GLU A 384 11.52 -5.32 -23.49
C GLU A 384 10.35 -6.25 -23.78
N ILE A 385 10.29 -7.39 -23.10
CA ILE A 385 9.23 -8.37 -23.21
C ILE A 385 8.65 -8.60 -21.82
N PRO A 386 7.90 -7.66 -21.26
CA PRO A 386 7.56 -7.72 -19.80
C PRO A 386 6.59 -8.84 -19.47
N PRO A 387 6.32 -9.06 -18.19
CA PRO A 387 5.35 -10.10 -17.82
C PRO A 387 3.94 -9.69 -18.14
N GLN A 388 3.08 -10.67 -18.38
CA GLN A 388 1.65 -10.37 -18.45
C GLN A 388 1.03 -10.21 -17.06
N ASN A 389 1.66 -10.75 -16.02
CA ASN A 389 1.15 -10.68 -14.67
C ASN A 389 2.29 -10.27 -13.76
N ASN A 390 2.23 -9.04 -13.22
CA ASN A 390 3.25 -8.60 -12.29
C ASN A 390 2.89 -8.96 -10.85
N ASN A 391 1.75 -9.60 -10.63
CA ASN A 391 1.36 -9.97 -9.28
C ASN A 391 2.05 -11.25 -8.80
N VAL A 392 2.65 -12.02 -9.72
CA VAL A 392 3.35 -13.25 -9.37
C VAL A 392 4.74 -13.18 -9.95
N PRO A 393 5.68 -14.01 -9.47
CA PRO A 393 7.06 -13.90 -9.92
C PRO A 393 7.18 -14.09 -11.44
N PRO A 394 8.16 -13.42 -12.06
CA PRO A 394 8.24 -13.44 -13.54
C PRO A 394 8.24 -14.84 -14.16
N ARG A 395 8.93 -15.81 -13.55
CA ARG A 395 8.95 -17.16 -14.09
C ARG A 395 7.55 -17.79 -14.14
N GLN A 396 6.58 -17.22 -13.41
CA GLN A 396 5.20 -17.66 -13.54
C GLN A 396 4.36 -16.73 -14.39
N GLY A 397 4.58 -15.42 -14.36
CA GLY A 397 3.71 -14.55 -15.11
C GLY A 397 4.28 -14.02 -16.41
N PHE A 398 5.26 -14.71 -16.97
CA PHE A 398 5.92 -14.25 -18.18
C PHE A 398 4.95 -14.23 -19.35
N SER A 399 5.33 -13.53 -20.42
CA SER A 399 4.47 -13.41 -21.60
C SER A 399 4.97 -14.16 -22.83
N HIS A 400 6.28 -14.38 -22.97
CA HIS A 400 6.85 -14.98 -24.18
C HIS A 400 7.86 -16.06 -23.79
N ARG A 401 8.09 -16.96 -24.74
CA ARG A 401 9.05 -18.04 -24.61
C ARG A 401 10.08 -17.90 -25.73
N LEU A 402 11.34 -18.20 -25.45
CA LEU A 402 12.35 -18.09 -26.48
C LEU A 402 12.07 -19.10 -27.60
N SER A 403 12.12 -18.65 -28.85
CA SER A 403 11.78 -19.54 -29.95
C SER A 403 12.91 -19.76 -30.94
N HIS A 404 13.87 -18.84 -31.04
CA HIS A 404 15.03 -19.06 -31.89
C HIS A 404 16.16 -18.15 -31.44
N VAL A 405 17.37 -18.47 -31.91
CA VAL A 405 18.53 -17.60 -31.74
C VAL A 405 19.32 -17.62 -33.05
N SER A 406 19.23 -16.55 -33.82
CA SER A 406 20.06 -16.37 -35.01
C SER A 406 21.31 -15.57 -34.65
N MET A 407 22.07 -15.12 -35.64
CA MET A 407 23.14 -14.16 -35.38
C MET A 407 23.39 -13.23 -36.55
N PHE A 408 23.62 -11.95 -36.22
CA PHE A 408 24.16 -10.96 -37.15
C PHE A 408 25.67 -10.96 -36.98
N ARG A 409 26.37 -11.38 -38.04
CA ARG A 409 27.80 -11.59 -38.01
C ARG A 409 28.51 -10.59 -38.92
N SER A 410 29.75 -10.25 -38.55
CA SER A 410 30.63 -9.48 -39.43
C SER A 410 32.08 -9.75 -39.05
N GLY A 411 32.93 -9.88 -40.07
CA GLY A 411 34.34 -10.10 -39.84
C GLY A 411 34.67 -11.51 -39.40
N PHE A 412 35.93 -11.92 -39.58
CA PHE A 412 36.49 -13.16 -39.06
C PHE A 412 37.65 -12.75 -38.15
N SER A 413 38.23 -13.65 -37.34
CA SER A 413 39.22 -13.12 -36.40
C SER A 413 40.65 -13.17 -36.97
N ASN A 414 40.98 -14.11 -37.88
CA ASN A 414 41.69 -13.74 -39.11
C ASN A 414 42.49 -12.45 -39.18
N SER A 415 42.04 -11.70 -40.23
CA SER A 415 42.39 -10.32 -40.59
C SER A 415 41.38 -9.53 -39.80
N SER A 416 40.57 -8.73 -40.51
CA SER A 416 39.38 -8.10 -39.97
C SER A 416 39.78 -7.17 -38.87
N VAL A 417 39.70 -5.86 -39.08
CA VAL A 417 40.10 -5.06 -37.94
C VAL A 417 39.01 -5.09 -36.86
N SER A 418 37.81 -5.46 -37.27
CA SER A 418 36.56 -5.38 -36.51
C SER A 418 35.81 -6.71 -36.55
N ILE A 419 35.24 -7.15 -35.39
CA ILE A 419 34.42 -8.36 -35.31
C ILE A 419 33.08 -7.98 -34.71
N ILE A 420 31.99 -8.54 -35.23
CA ILE A 420 30.64 -8.35 -34.71
C ILE A 420 30.01 -9.72 -34.62
N ARG A 421 29.72 -10.16 -33.39
CA ARG A 421 28.89 -11.35 -33.12
C ARG A 421 27.68 -10.87 -32.32
N ALA A 422 26.54 -10.73 -32.98
CA ALA A 422 25.35 -10.14 -32.36
C ALA A 422 24.19 -11.13 -32.38
N PRO A 423 24.06 -11.98 -31.36
CA PRO A 423 23.00 -13.01 -31.39
C PRO A 423 21.63 -12.38 -31.32
N MET A 424 20.71 -12.89 -32.13
CA MET A 424 19.37 -12.34 -32.24
C MET A 424 18.36 -13.30 -31.60
N PHE A 425 17.66 -12.82 -30.59
CA PHE A 425 16.77 -13.64 -29.78
C PHE A 425 15.34 -13.44 -30.26
N SER A 426 14.67 -14.54 -30.65
CA SER A 426 13.27 -14.52 -31.07
C SER A 426 12.34 -14.96 -29.96
N TRP A 427 11.21 -14.26 -29.81
CA TRP A 427 10.24 -14.50 -28.74
C TRP A 427 8.85 -14.75 -29.34
N ILE A 428 8.31 -15.92 -29.12
CA ILE A 428 6.96 -16.27 -29.52
C ILE A 428 6.08 -16.04 -28.31
N HIS A 429 4.85 -15.62 -28.55
CA HIS A 429 3.94 -15.38 -27.43
C HIS A 429 3.55 -16.69 -26.78
N ARG A 430 3.28 -16.59 -25.49
CA ARG A 430 3.01 -17.77 -24.67
C ARG A 430 1.83 -18.58 -25.19
N SER A 431 0.85 -17.93 -25.82
CA SER A 431 -0.38 -18.60 -26.25
C SER A 431 -0.16 -19.64 -27.33
N ALA A 432 1.02 -19.63 -27.98
CA ALA A 432 1.34 -20.55 -29.06
C ALA A 432 1.79 -21.86 -28.46
N GLU A 433 0.84 -22.76 -28.27
CA GLU A 433 1.05 -23.95 -27.45
C GLU A 433 1.94 -24.97 -28.13
N PHE A 434 2.56 -25.80 -27.30
CA PHE A 434 3.50 -26.83 -27.78
C PHE A 434 2.79 -27.90 -28.57
N ASN A 435 1.52 -28.12 -28.27
CA ASN A 435 0.76 -29.17 -28.91
C ASN A 435 -0.46 -28.53 -29.53
N ASN A 436 -1.05 -29.25 -30.47
CA ASN A 436 -2.37 -28.93 -31.01
C ASN A 436 -3.34 -29.83 -30.28
N ILE A 437 -4.04 -29.29 -29.28
CA ILE A 437 -5.01 -30.06 -28.50
C ILE A 437 -6.41 -29.61 -28.90
N ILE A 438 -7.26 -30.57 -29.25
CA ILE A 438 -8.64 -30.26 -29.57
C ILE A 438 -9.41 -30.30 -28.27
N ALA A 439 -9.87 -29.14 -27.82
CA ALA A 439 -10.72 -29.09 -26.66
C ALA A 439 -12.14 -29.41 -27.07
N SER A 440 -12.70 -30.46 -26.43
CA SER A 440 -14.12 -30.48 -26.07
C SER A 440 -14.51 -29.09 -25.59
N ASP A 441 -15.74 -28.63 -25.85
CA ASP A 441 -16.29 -27.46 -25.13
C ASP A 441 -15.79 -26.07 -25.56
N SER A 442 -15.07 -25.95 -26.66
CA SER A 442 -14.74 -24.63 -27.20
C SER A 442 -14.44 -24.75 -28.70
N ILE A 443 -14.27 -23.60 -29.35
CA ILE A 443 -13.99 -23.52 -30.78
C ILE A 443 -12.48 -23.37 -30.96
N ASN A 444 -11.85 -24.47 -31.43
CA ASN A 444 -10.39 -24.62 -31.44
C ASN A 444 -9.75 -23.97 -32.65
N GLN A 445 -8.86 -23.01 -32.43
CA GLN A 445 -8.16 -22.40 -33.55
C GLN A 445 -6.78 -23.01 -33.69
N ILE A 446 -6.49 -23.55 -34.86
CA ILE A 446 -5.18 -24.10 -35.19
C ILE A 446 -4.67 -23.40 -36.44
N PRO A 447 -3.87 -22.35 -36.31
CA PRO A 447 -3.24 -21.77 -37.50
C PRO A 447 -2.41 -22.83 -38.21
N LEU A 448 -2.37 -22.72 -39.55
CA LEU A 448 -1.72 -23.74 -40.35
C LEU A 448 -0.21 -23.71 -40.15
N VAL A 449 0.32 -22.67 -39.50
CA VAL A 449 1.73 -22.61 -39.15
C VAL A 449 2.07 -23.58 -38.04
N LYS A 450 1.07 -24.25 -37.48
CA LYS A 450 1.25 -25.23 -36.42
C LYS A 450 1.35 -26.65 -36.95
N GLY A 451 1.46 -26.85 -38.25
CA GLY A 451 1.72 -28.16 -38.79
C GLY A 451 3.19 -28.52 -38.77
N PHE A 452 3.52 -29.76 -39.13
CA PHE A 452 4.93 -30.13 -39.09
C PHE A 452 5.60 -30.22 -40.44
N ARG A 453 4.84 -30.36 -41.52
CA ARG A 453 5.40 -30.46 -42.87
C ARG A 453 4.64 -29.55 -43.85
N VAL A 454 5.38 -28.78 -44.64
CA VAL A 454 4.83 -28.04 -45.78
C VAL A 454 5.14 -28.86 -47.01
N TRP A 455 4.14 -29.14 -47.83
CA TRP A 455 4.47 -29.94 -49.00
C TRP A 455 4.93 -29.02 -50.11
N GLY A 456 5.67 -29.58 -51.05
CA GLY A 456 6.34 -28.79 -52.08
C GLY A 456 5.33 -27.93 -52.80
N GLY A 457 5.71 -26.70 -53.12
CA GLY A 457 4.77 -25.84 -53.81
C GLY A 457 3.76 -25.14 -52.93
N THR A 458 3.86 -25.32 -51.61
CA THR A 458 3.26 -24.45 -50.61
C THR A 458 4.36 -23.63 -49.95
N SER A 459 4.21 -22.31 -49.92
CA SER A 459 5.17 -21.43 -49.27
C SER A 459 4.57 -20.90 -47.97
N VAL A 460 5.44 -20.63 -47.00
CA VAL A 460 5.07 -19.88 -45.81
C VAL A 460 5.35 -18.42 -46.08
N ILE A 461 4.33 -17.57 -45.96
CA ILE A 461 4.47 -16.17 -46.31
C ILE A 461 4.22 -15.33 -45.09
N THR A 462 4.97 -14.24 -44.98
CA THR A 462 4.82 -13.36 -43.84
C THR A 462 3.39 -12.84 -43.78
N GLY A 463 2.76 -12.96 -42.61
CA GLY A 463 1.34 -12.72 -42.45
C GLY A 463 0.94 -11.27 -42.67
N PRO A 464 -0.33 -11.06 -43.09
CA PRO A 464 -0.77 -9.71 -43.47
C PRO A 464 -0.80 -8.71 -42.33
N GLY A 465 -0.90 -9.15 -41.08
CA GLY A 465 -0.84 -8.22 -39.98
C GLY A 465 -1.92 -8.42 -38.94
N PHE A 466 -2.98 -9.16 -39.29
CA PHE A 466 -4.10 -9.33 -38.38
C PHE A 466 -4.44 -10.79 -38.10
N THR A 467 -3.59 -11.72 -38.49
CA THR A 467 -3.77 -13.13 -38.17
C THR A 467 -2.96 -13.53 -36.94
N GLY A 468 -2.11 -12.65 -36.44
CA GLY A 468 -1.24 -13.04 -35.35
C GLY A 468 -0.23 -14.11 -35.72
N GLY A 469 0.26 -14.07 -36.94
CA GLY A 469 1.24 -15.04 -37.38
C GLY A 469 1.28 -15.08 -38.89
N ASP A 470 2.10 -15.98 -39.39
CA ASP A 470 2.22 -16.12 -40.83
C ASP A 470 1.12 -17.04 -41.35
N ILE A 471 1.05 -17.18 -42.68
CA ILE A 471 0.04 -18.00 -43.33
C ILE A 471 0.67 -18.79 -44.46
N LEU A 472 -0.15 -19.63 -45.11
CA LEU A 472 0.33 -20.53 -46.15
C LEU A 472 -0.27 -20.19 -47.51
N ARG A 473 0.58 -20.24 -48.54
CA ARG A 473 0.15 -19.86 -49.88
C ARG A 473 0.41 -20.98 -50.88
N ARG A 474 -0.52 -21.14 -51.83
CA ARG A 474 -0.35 -22.03 -52.99
C ARG A 474 -0.69 -21.27 -54.25
N ASN A 475 0.17 -21.36 -55.28
CA ASN A 475 -0.19 -20.70 -56.54
C ASN A 475 -0.97 -21.64 -57.45
N THR A 476 -0.60 -22.90 -57.40
CA THR A 476 -1.28 -24.03 -58.03
C THR A 476 -2.14 -24.81 -57.02
N PHE A 477 -3.00 -25.72 -57.49
CA PHE A 477 -3.61 -26.65 -56.55
C PHE A 477 -2.57 -27.69 -56.09
N GLY A 478 -2.81 -28.30 -54.94
CA GLY A 478 -1.82 -29.23 -54.42
C GLY A 478 -1.96 -29.41 -52.93
N ASP A 479 -0.92 -29.99 -52.33
CA ASP A 479 -0.95 -30.31 -50.90
C ASP A 479 -0.39 -29.15 -50.08
N PHE A 480 -1.07 -28.79 -48.99
CA PHE A 480 -0.59 -27.69 -48.16
C PHE A 480 0.33 -28.19 -47.06
N VAL A 481 -0.27 -28.75 -45.99
CA VAL A 481 0.44 -29.18 -44.79
C VAL A 481 -0.01 -30.57 -44.38
N SER A 482 0.80 -31.18 -43.53
CA SER A 482 0.31 -32.19 -42.61
C SER A 482 0.56 -31.66 -41.20
N LEU A 483 -0.41 -31.86 -40.29
CA LEU A 483 -0.24 -31.44 -38.91
C LEU A 483 -0.75 -32.50 -37.94
N GLN A 484 -0.24 -32.46 -36.71
CA GLN A 484 -0.52 -33.46 -35.71
C GLN A 484 -1.45 -32.91 -34.66
N VAL A 485 -2.51 -33.66 -34.37
CA VAL A 485 -3.63 -33.27 -33.51
C VAL A 485 -3.74 -34.25 -32.37
N ASN A 486 -4.10 -33.75 -31.18
CA ASN A 486 -4.35 -34.58 -30.02
C ASN A 486 -5.79 -34.41 -29.57
N ILE A 487 -6.51 -35.51 -29.40
CA ILE A 487 -7.89 -35.46 -28.92
C ILE A 487 -7.93 -35.96 -27.49
N ASN A 488 -8.84 -35.42 -26.70
CA ASN A 488 -9.13 -35.98 -25.40
C ASN A 488 -10.57 -36.49 -25.41
N SER A 489 -10.79 -37.50 -26.26
CA SER A 489 -12.05 -38.17 -26.46
C SER A 489 -11.78 -39.55 -27.07
N PRO A 490 -12.71 -40.49 -26.93
CA PRO A 490 -12.57 -41.72 -27.72
C PRO A 490 -12.56 -41.35 -29.19
N ILE A 491 -11.89 -42.18 -30.01
CA ILE A 491 -11.79 -41.96 -31.45
C ILE A 491 -13.17 -41.87 -32.10
N THR A 492 -14.18 -42.46 -31.43
CA THR A 492 -15.53 -42.51 -31.99
CA THR A 492 -15.56 -42.53 -31.92
C THR A 492 -16.24 -41.16 -31.94
N GLN A 493 -15.73 -40.19 -31.17
CA GLN A 493 -16.35 -38.86 -31.05
C GLN A 493 -16.29 -38.09 -32.37
N ARG A 494 -17.39 -37.40 -32.69
CA ARG A 494 -17.56 -36.72 -33.98
C ARG A 494 -17.25 -35.23 -33.88
N TYR A 495 -16.60 -34.70 -34.93
CA TYR A 495 -16.14 -33.31 -34.96
C TYR A 495 -16.59 -32.64 -36.26
N ARG A 496 -16.50 -31.30 -36.25
CA ARG A 496 -16.76 -30.47 -37.43
C ARG A 496 -15.62 -29.48 -37.65
N LEU A 497 -15.53 -28.98 -38.86
CA LEU A 497 -14.38 -28.19 -39.25
C LEU A 497 -14.78 -27.05 -40.18
N ARG A 498 -14.15 -25.87 -40.02
CA ARG A 498 -14.25 -24.76 -40.96
C ARG A 498 -12.86 -24.18 -41.23
N PHE A 499 -12.77 -23.36 -42.28
CA PHE A 499 -11.53 -22.70 -42.68
C PHE A 499 -11.66 -21.18 -42.61
N ARG A 500 -10.53 -20.50 -42.47
CA ARG A 500 -10.49 -19.06 -42.72
C ARG A 500 -9.48 -18.86 -43.82
N TYR A 501 -9.93 -18.38 -44.98
CA TYR A 501 -9.11 -18.44 -46.17
C TYR A 501 -9.25 -17.16 -46.96
N ALA A 502 -8.35 -17.01 -47.93
CA ALA A 502 -8.37 -15.91 -48.88
C ALA A 502 -8.05 -16.51 -50.23
N SER A 503 -8.85 -16.19 -51.23
CA SER A 503 -8.60 -16.82 -52.51
C SER A 503 -9.03 -15.93 -53.66
N SER A 504 -8.19 -15.85 -54.68
CA SER A 504 -8.59 -15.10 -55.84
C SER A 504 -9.18 -16.02 -56.90
N ARG A 505 -9.59 -17.23 -56.52
CA ARG A 505 -10.20 -18.20 -57.43
C ARG A 505 -11.13 -19.12 -56.66
N ASP A 506 -11.95 -19.86 -57.39
CA ASP A 506 -12.73 -20.91 -56.75
C ASP A 506 -11.83 -22.13 -56.59
N ALA A 507 -12.07 -22.90 -55.54
CA ALA A 507 -11.25 -24.07 -55.34
C ALA A 507 -11.98 -25.07 -54.50
N ARG A 508 -11.34 -26.21 -54.36
CA ARG A 508 -11.89 -27.22 -53.50
C ARG A 508 -10.86 -27.64 -52.49
N VAL A 509 -11.26 -27.79 -51.23
CA VAL A 509 -10.30 -28.10 -50.18
C VAL A 509 -10.72 -29.38 -49.48
N ILE A 510 -9.74 -30.22 -49.16
CA ILE A 510 -10.02 -31.51 -48.52
C ILE A 510 -9.09 -31.73 -47.32
N VAL A 511 -9.64 -32.39 -46.30
CA VAL A 511 -8.91 -32.78 -45.09
C VAL A 511 -8.96 -34.31 -44.97
N LEU A 512 -7.78 -34.93 -44.95
CA LEU A 512 -7.62 -36.37 -44.77
C LEU A 512 -7.16 -36.68 -43.36
N THR A 513 -7.53 -37.87 -42.88
CA THR A 513 -7.22 -38.20 -41.50
C THR A 513 -6.54 -39.55 -41.28
N GLY A 514 -6.28 -40.33 -42.32
CA GLY A 514 -5.45 -41.51 -42.07
C GLY A 514 -4.08 -41.01 -41.64
N ALA A 515 -3.52 -41.60 -40.61
CA ALA A 515 -2.26 -41.05 -40.08
C ALA A 515 -1.07 -41.11 -41.05
N ALA A 516 -0.12 -41.96 -40.71
CA ALA A 516 1.20 -41.99 -41.31
C ALA A 516 1.91 -40.74 -40.85
N SER A 517 2.69 -40.94 -39.84
CA SER A 517 3.68 -39.96 -39.55
C SER A 517 4.54 -39.82 -40.80
N THR A 518 5.20 -38.62 -41.02
CA THR A 518 5.76 -38.12 -42.30
C THR A 518 4.65 -37.42 -43.11
N GLY A 519 3.37 -37.72 -42.79
CA GLY A 519 2.23 -37.18 -43.53
C GLY A 519 1.61 -38.09 -44.58
N VAL A 520 2.42 -38.59 -45.52
CA VAL A 520 2.00 -39.22 -46.78
C VAL A 520 0.68 -39.99 -46.83
N GLY A 521 0.25 -40.65 -45.76
CA GLY A 521 -1.00 -41.40 -45.91
C GLY A 521 -2.30 -40.62 -46.12
N GLY A 522 -3.34 -41.03 -45.39
CA GLY A 522 -4.57 -40.26 -45.37
C GLY A 522 -5.80 -40.90 -45.99
N GLN A 523 -6.95 -40.61 -45.37
CA GLN A 523 -8.24 -40.94 -45.96
C GLN A 523 -9.12 -39.71 -45.88
N VAL A 524 -9.75 -39.37 -47.00
CA VAL A 524 -10.54 -38.16 -47.11
C VAL A 524 -11.71 -38.23 -46.14
N SER A 525 -11.81 -37.22 -45.28
CA SER A 525 -12.85 -37.15 -44.28
C SER A 525 -13.73 -35.93 -44.44
N VAL A 526 -13.25 -34.90 -45.14
CA VAL A 526 -13.93 -33.61 -45.26
C VAL A 526 -13.66 -33.03 -46.62
N ASN A 527 -14.72 -32.63 -47.31
CA ASN A 527 -14.63 -32.08 -48.66
C ASN A 527 -15.47 -30.81 -48.66
N MET A 528 -14.84 -29.65 -48.92
CA MET A 528 -15.52 -28.35 -48.77
C MET A 528 -15.14 -27.37 -49.86
N PRO A 529 -16.06 -26.50 -50.30
CA PRO A 529 -15.75 -25.55 -51.36
C PRO A 529 -15.27 -24.20 -50.87
N LEU A 530 -14.41 -23.62 -51.69
CA LEU A 530 -13.81 -22.33 -51.36
C LEU A 530 -14.21 -21.34 -52.46
N GLN A 531 -15.08 -20.39 -52.14
CA GLN A 531 -15.50 -19.39 -53.10
C GLN A 531 -14.46 -18.29 -53.18
N LYS A 532 -14.30 -17.75 -54.40
CA LYS A 532 -13.40 -16.63 -54.68
C LYS A 532 -13.69 -15.49 -53.71
N THR A 533 -12.64 -14.89 -53.14
CA THR A 533 -12.85 -13.85 -52.14
C THR A 533 -12.28 -12.49 -52.52
N MET A 534 -11.45 -12.42 -53.55
CA MET A 534 -10.79 -11.19 -53.91
C MET A 534 -10.49 -11.26 -55.40
N GLU A 535 -10.09 -10.14 -55.97
CA GLU A 535 -9.72 -10.21 -57.37
C GLU A 535 -8.25 -10.56 -57.47
N ILE A 536 -7.88 -11.11 -58.62
CA ILE A 536 -6.50 -11.54 -58.82
C ILE A 536 -5.60 -10.32 -58.71
N GLY A 537 -4.62 -10.37 -57.81
CA GLY A 537 -3.66 -9.29 -57.73
C GLY A 537 -4.03 -8.22 -56.73
N GLU A 538 -5.12 -8.41 -56.00
CA GLU A 538 -5.56 -7.57 -54.90
C GLU A 538 -4.67 -7.80 -53.68
N ASN A 539 -4.67 -6.84 -52.77
CA ASN A 539 -3.93 -6.96 -51.52
C ASN A 539 -4.76 -7.60 -50.41
N LEU A 540 -4.05 -8.23 -49.46
CA LEU A 540 -4.64 -9.04 -48.39
C LEU A 540 -5.11 -8.13 -47.27
N THR A 541 -6.36 -7.69 -47.35
CA THR A 541 -7.06 -6.96 -46.32
C THR A 541 -8.07 -7.90 -45.66
N SER A 542 -8.61 -7.47 -44.53
CA SER A 542 -9.53 -8.34 -43.79
C SER A 542 -10.79 -8.69 -44.58
N ARG A 543 -11.17 -7.87 -45.56
CA ARG A 543 -12.36 -8.21 -46.33
C ARG A 543 -12.11 -9.37 -47.29
N THR A 544 -10.84 -9.65 -47.60
CA THR A 544 -10.48 -10.77 -48.47
C THR A 544 -10.49 -12.11 -47.74
N PHE A 545 -10.67 -12.12 -46.42
CA PHE A 545 -10.71 -13.35 -45.65
C PHE A 545 -12.14 -13.74 -45.31
N ARG A 546 -12.39 -15.06 -45.39
CA ARG A 546 -13.72 -15.61 -45.43
C ARG A 546 -13.74 -16.85 -44.55
N TYR A 547 -14.90 -17.19 -44.01
CA TYR A 547 -15.02 -18.43 -43.28
C TYR A 547 -15.82 -19.44 -44.09
N THR A 548 -15.38 -20.69 -44.10
CA THR A 548 -16.29 -21.76 -44.49
C THR A 548 -17.42 -21.87 -43.47
N ASP A 549 -18.41 -22.70 -43.81
CA ASP A 549 -19.30 -23.24 -42.80
C ASP A 549 -18.56 -24.32 -42.01
N PHE A 550 -19.21 -24.84 -40.99
CA PHE A 550 -18.68 -26.08 -40.47
C PHE A 550 -19.04 -27.22 -41.41
N SER A 551 -18.38 -28.36 -41.23
CA SER A 551 -17.99 -29.22 -42.35
C SER A 551 -18.91 -30.39 -42.69
N ASN A 552 -19.68 -30.98 -41.73
CA ASN A 552 -20.29 -32.33 -41.83
C ASN A 552 -19.54 -33.26 -40.91
N PRO A 553 -20.22 -33.91 -39.96
CA PRO A 553 -19.51 -34.65 -38.92
C PRO A 553 -18.53 -35.67 -39.50
N PHE A 554 -17.35 -35.73 -38.88
CA PHE A 554 -16.32 -36.70 -39.18
C PHE A 554 -15.63 -37.07 -37.87
N SER A 555 -14.84 -38.13 -37.90
CA SER A 555 -14.04 -38.55 -36.76
C SER A 555 -12.60 -38.79 -37.17
N PHE A 556 -11.72 -38.72 -36.15
CA PHE A 556 -10.31 -39.03 -36.38
C PHE A 556 -10.14 -40.56 -36.38
N ARG A 557 -8.99 -41.03 -36.87
CA ARG A 557 -8.72 -42.47 -36.84
C ARG A 557 -7.45 -42.84 -36.08
N ALA A 558 -7.03 -42.02 -35.11
CA ALA A 558 -5.90 -42.31 -34.23
C ALA A 558 -5.86 -41.19 -33.19
N ASN A 559 -5.28 -41.47 -32.02
CA ASN A 559 -5.56 -40.38 -31.08
C ASN A 559 -4.46 -39.35 -31.05
N PRO A 560 -3.25 -39.71 -31.28
CA PRO A 560 -2.36 -38.73 -31.88
C PRO A 560 -2.48 -38.92 -33.38
N ASP A 561 -3.33 -38.10 -33.99
CA ASP A 561 -3.67 -38.23 -35.41
C ASP A 561 -2.83 -37.31 -36.28
N ILE A 562 -2.69 -37.70 -37.55
CA ILE A 562 -1.92 -36.93 -38.52
C ILE A 562 -2.88 -36.59 -39.65
N ILE A 563 -3.23 -35.29 -39.79
CA ILE A 563 -4.19 -34.84 -40.79
C ILE A 563 -3.45 -34.05 -41.85
N GLY A 564 -3.98 -34.10 -43.05
CA GLY A 564 -3.36 -33.40 -44.18
C GLY A 564 -4.37 -32.52 -44.87
N ILE A 565 -3.90 -31.36 -45.34
CA ILE A 565 -4.76 -30.38 -46.03
C ILE A 565 -4.27 -30.21 -47.45
N SER A 566 -5.13 -30.50 -48.43
CA SER A 566 -4.75 -30.25 -49.81
C SER A 566 -5.87 -29.51 -50.54
N GLU A 567 -5.48 -28.85 -51.64
CA GLU A 567 -6.41 -28.12 -52.48
C GLU A 567 -6.42 -28.79 -53.84
N GLN A 568 -7.64 -29.15 -54.30
CA GLN A 568 -7.99 -30.03 -55.38
C GLN A 568 -8.58 -29.26 -56.55
N PRO A 569 -8.30 -29.66 -57.79
CA PRO A 569 -8.90 -28.98 -58.93
C PRO A 569 -10.37 -29.34 -59.06
N LEU A 570 -11.16 -28.36 -59.53
CA LEU A 570 -12.58 -28.59 -59.78
C LEU A 570 -12.75 -29.39 -61.07
N PHE A 571 -13.72 -30.30 -61.06
CA PHE A 571 -13.97 -31.13 -62.23
C PHE A 571 -14.21 -30.31 -63.50
N GLY A 572 -13.40 -30.57 -64.54
CA GLY A 572 -13.65 -29.99 -65.85
C GLY A 572 -12.96 -28.68 -66.12
N ALA A 573 -12.32 -28.09 -65.10
CA ALA A 573 -11.58 -26.83 -65.19
C ALA A 573 -10.31 -26.92 -66.03
N GLY A 574 -9.88 -28.11 -66.44
CA GLY A 574 -8.69 -28.25 -67.26
C GLY A 574 -7.30 -28.19 -66.65
N SER A 575 -7.17 -28.38 -65.32
CA SER A 575 -5.88 -28.56 -64.63
C SER A 575 -4.95 -27.35 -64.66
N ILE A 576 -5.39 -26.18 -65.11
CA ILE A 576 -4.64 -24.95 -64.88
C ILE A 576 -5.38 -24.09 -63.87
N SER A 577 -4.59 -23.45 -63.01
CA SER A 577 -5.03 -22.68 -61.87
C SER A 577 -4.36 -21.31 -61.95
N SER A 578 -5.17 -20.23 -61.94
CA SER A 578 -4.54 -18.92 -61.86
C SER A 578 -5.17 -18.16 -60.70
N GLY A 579 -4.33 -17.38 -60.03
CA GLY A 579 -4.60 -16.79 -58.75
C GLY A 579 -3.80 -17.49 -57.67
N GLU A 580 -4.09 -17.10 -56.43
CA GLU A 580 -3.43 -17.62 -55.23
C GLU A 580 -4.49 -18.20 -54.29
N LEU A 581 -4.08 -19.15 -53.47
CA LEU A 581 -4.87 -19.61 -52.33
C LEU A 581 -4.12 -19.34 -51.03
N TYR A 582 -4.79 -18.68 -50.10
CA TYR A 582 -4.24 -18.45 -48.77
C TYR A 582 -5.12 -19.19 -47.76
N ILE A 583 -4.49 -19.98 -46.88
CA ILE A 583 -5.20 -20.56 -45.72
C ILE A 583 -4.50 -20.11 -44.45
N ASP A 584 -5.29 -19.61 -43.52
CA ASP A 584 -4.76 -19.11 -42.25
C ASP A 584 -4.93 -20.15 -41.16
N LYS A 585 -6.17 -20.58 -40.93
CA LYS A 585 -6.64 -21.29 -39.75
C LYS A 585 -7.65 -22.33 -40.19
N ILE A 586 -7.60 -23.49 -39.54
CA ILE A 586 -8.75 -24.37 -39.46
C ILE A 586 -9.22 -24.29 -38.03
N GLU A 587 -10.53 -24.45 -37.84
CA GLU A 587 -11.15 -24.45 -36.53
C GLU A 587 -11.99 -25.72 -36.43
N ILE A 588 -11.99 -26.36 -35.24
CA ILE A 588 -12.70 -27.64 -35.02
C ILE A 588 -13.65 -27.56 -33.81
N ILE A 589 -14.87 -28.08 -33.97
CA ILE A 589 -15.83 -28.21 -32.88
C ILE A 589 -16.27 -29.66 -32.67
N LEU A 590 -17.15 -29.87 -31.68
CA LEU A 590 -17.65 -31.21 -31.33
C LEU A 590 -18.87 -31.66 -32.16
N ALA A 591 -19.84 -32.33 -31.50
CA ALA A 591 -21.08 -32.93 -32.08
C ALA A 591 -21.19 -32.82 -33.61
N GLY B 4 -14.44 3.82 23.38
CA GLY B 4 -15.15 5.09 23.43
C GLY B 4 -14.83 6.09 22.32
N ASN B 5 -15.63 6.06 21.24
CA ASN B 5 -15.57 7.06 20.17
C ASN B 5 -16.83 7.93 20.22
N THR B 6 -17.18 8.35 21.45
CA THR B 6 -18.34 9.14 21.84
C THR B 6 -18.58 10.35 20.95
N PRO B 7 -19.84 10.76 20.76
CA PRO B 7 -20.12 12.00 19.99
C PRO B 7 -19.41 13.24 20.49
N ILE B 8 -19.22 13.41 21.80
CA ILE B 8 -18.43 14.54 22.25
C ILE B 8 -16.99 14.41 21.77
N ASP B 9 -16.43 13.20 21.79
CA ASP B 9 -15.10 12.99 21.23
C ASP B 9 -15.06 13.45 19.77
N ILE B 10 -15.99 12.97 18.96
CA ILE B 10 -15.93 13.28 17.54
C ILE B 10 -16.04 14.79 17.33
N SER B 11 -16.92 15.45 18.07
CA SER B 11 -17.07 16.88 17.82
C SER B 11 -15.83 17.66 18.20
N LEU B 12 -15.08 17.18 19.21
CA LEU B 12 -13.89 17.91 19.65
C LEU B 12 -12.73 17.79 18.65
N SER B 13 -12.52 16.59 18.10
CA SER B 13 -11.57 16.44 16.99
C SER B 13 -12.01 17.22 15.75
N LEU B 14 -13.32 17.33 15.52
CA LEU B 14 -13.81 18.16 14.41
C LEU B 14 -13.64 19.64 14.72
N THR B 15 -13.94 20.05 15.95
CA THR B 15 -13.61 21.41 16.37
C THR B 15 -12.13 21.69 16.16
N GLN B 16 -11.26 20.71 16.48
CA GLN B 16 -9.83 20.90 16.31
C GLN B 16 -9.49 21.09 14.84
N PHE B 17 -10.12 20.30 13.98
CA PHE B 17 -9.81 20.40 12.56
C PHE B 17 -10.23 21.75 12.01
N LEU B 18 -11.51 22.11 12.21
CA LEU B 18 -12.01 23.37 11.66
C LEU B 18 -11.21 24.56 12.19
N LEU B 19 -10.67 24.45 13.39
CA LEU B 19 -9.93 25.58 13.93
C LEU B 19 -8.55 25.72 13.27
N SER B 20 -7.95 24.62 12.82
CA SER B 20 -6.55 24.56 12.34
C SER B 20 -6.40 24.65 10.83
N GLU B 21 -7.16 23.81 10.13
CA GLU B 21 -7.03 23.61 8.69
C GLU B 21 -8.26 24.06 7.93
N PHE B 22 -8.62 25.35 8.01
CA PHE B 22 -9.85 25.85 7.38
C PHE B 22 -9.70 26.31 5.91
N VAL B 23 -8.60 26.08 5.21
CA VAL B 23 -8.64 26.71 3.89
C VAL B 23 -9.18 25.68 2.91
N PRO B 24 -10.08 26.10 2.02
CA PRO B 24 -10.74 25.14 1.15
C PRO B 24 -9.73 24.43 0.28
N GLY B 25 -10.08 23.23 -0.15
CA GLY B 25 -9.20 22.43 -0.97
C GLY B 25 -9.43 20.96 -0.70
N ALA B 26 -8.53 20.14 -1.24
CA ALA B 26 -8.66 18.70 -1.08
C ALA B 26 -8.50 18.31 0.38
N GLY B 27 -7.57 18.98 1.07
CA GLY B 27 -7.33 18.69 2.48
C GLY B 27 -8.54 18.90 3.35
N PHE B 28 -9.29 19.99 3.09
CA PHE B 28 -10.52 20.20 3.84
C PHE B 28 -11.52 19.08 3.57
N VAL B 29 -11.79 18.78 2.30
CA VAL B 29 -12.81 17.76 2.01
C VAL B 29 -12.43 16.46 2.68
N LEU B 30 -11.16 16.07 2.57
CA LEU B 30 -10.68 14.85 3.18
C LEU B 30 -10.90 14.83 4.70
N GLY B 31 -10.82 16.01 5.34
CA GLY B 31 -11.00 16.09 6.79
C GLY B 31 -12.41 15.76 7.25
N LEU B 32 -13.41 16.23 6.51
CA LEU B 32 -14.75 15.87 6.89
C LEU B 32 -14.99 14.37 6.72
N ILE B 33 -14.33 13.76 5.72
CA ILE B 33 -14.50 12.32 5.54
C ILE B 33 -13.90 11.57 6.70
N ASP B 34 -12.66 11.91 7.08
CA ASP B 34 -11.97 11.17 8.14
C ASP B 34 -12.69 11.31 9.47
N LEU B 35 -13.18 12.49 9.80
CA LEU B 35 -13.72 12.69 11.12
C LEU B 35 -15.18 12.35 11.23
N ILE B 36 -15.94 12.49 10.16
CA ILE B 36 -17.38 12.30 10.30
C ILE B 36 -17.98 11.53 9.15
N TRP B 37 -17.87 12.07 7.93
CA TRP B 37 -18.77 11.64 6.88
C TRP B 37 -18.28 10.40 6.16
N GLY B 38 -17.15 9.84 6.58
CA GLY B 38 -16.73 8.56 6.03
C GLY B 38 -17.37 7.35 6.66
N PHE B 39 -17.90 7.49 7.89
CA PHE B 39 -18.43 6.35 8.63
C PHE B 39 -19.62 5.74 7.90
N VAL B 40 -19.60 4.42 7.75
CA VAL B 40 -20.63 3.68 7.03
C VAL B 40 -21.58 3.07 8.03
N GLY B 41 -22.87 3.32 7.87
CA GLY B 41 -23.85 2.68 8.71
C GLY B 41 -24.38 3.61 9.78
N PRO B 42 -25.22 3.06 10.69
CA PRO B 42 -26.02 3.90 11.59
C PRO B 42 -25.51 4.09 13.03
N SER B 43 -24.73 3.14 13.54
CA SER B 43 -24.34 3.12 14.96
C SER B 43 -23.85 4.48 15.46
N GLN B 44 -23.05 5.18 14.65
CA GLN B 44 -22.49 6.48 15.02
C GLN B 44 -23.60 7.53 15.16
N TRP B 45 -24.49 7.61 14.17
CA TRP B 45 -25.63 8.52 14.23
C TRP B 45 -26.59 8.12 15.34
N ASP B 46 -26.72 6.83 15.61
CA ASP B 46 -27.50 6.42 16.77
C ASP B 46 -26.91 6.99 18.07
N ALA B 47 -25.58 7.01 18.17
CA ALA B 47 -24.94 7.49 19.39
C ALA B 47 -25.12 8.99 19.54
N PHE B 48 -25.01 9.74 18.42
CA PHE B 48 -25.23 11.19 18.47
C PHE B 48 -26.62 11.50 19.02
N LEU B 49 -27.64 10.81 18.51
CA LEU B 49 -29.00 11.01 18.99
C LEU B 49 -29.15 10.58 20.43
N ALA B 50 -28.62 9.39 20.77
CA ALA B 50 -28.79 8.85 22.12
C ALA B 50 -28.28 9.81 23.19
N GLN B 51 -27.24 10.59 22.86
CA GLN B 51 -26.65 11.43 23.90
C GLN B 51 -27.60 12.51 24.34
N VAL B 52 -28.23 13.19 23.38
CA VAL B 52 -29.16 14.23 23.77
C VAL B 52 -30.45 13.63 24.26
N GLU B 53 -30.83 12.49 23.70
CA GLU B 53 -32.03 11.81 24.16
C GLU B 53 -31.92 11.50 25.65
N GLN B 54 -30.92 10.68 26.03
CA GLN B 54 -30.81 10.29 27.43
C GLN B 54 -30.46 11.46 28.33
N LEU B 55 -30.01 12.58 27.77
CA LEU B 55 -29.68 13.74 28.57
C LEU B 55 -30.94 14.45 29.10
N ILE B 56 -31.97 14.58 28.27
CA ILE B 56 -33.22 15.20 28.68
C ILE B 56 -34.34 14.17 28.87
N ASN B 57 -34.01 12.87 28.80
CA ASN B 57 -34.91 11.78 29.20
C ASN B 57 -36.22 11.76 28.39
N GLN B 58 -36.09 11.86 27.06
CA GLN B 58 -37.19 11.62 26.14
C GLN B 58 -36.62 11.04 24.85
N ARG B 59 -36.95 9.79 24.52
CA ARG B 59 -36.50 9.21 23.26
C ARG B 59 -37.39 9.64 22.09
N ILE B 60 -36.77 9.75 20.91
CA ILE B 60 -37.46 10.17 19.70
C ILE B 60 -38.37 9.05 19.23
N ALA B 61 -39.62 9.42 18.91
CA ALA B 61 -40.62 8.61 18.20
C ALA B 61 -39.98 7.77 17.12
N GLU B 62 -40.41 6.51 17.01
CA GLU B 62 -39.37 5.73 16.40
C GLU B 62 -39.33 5.88 14.88
N ALA B 63 -40.47 6.18 14.28
CA ALA B 63 -40.53 6.52 12.86
C ALA B 63 -39.66 7.74 12.55
N VAL B 64 -39.78 8.79 13.37
CA VAL B 64 -39.00 10.02 13.16
C VAL B 64 -37.51 9.75 13.32
N ARG B 65 -37.17 8.97 14.35
CA ARG B 65 -35.78 8.65 14.63
C ARG B 65 -35.15 7.88 13.49
N ASN B 66 -35.87 6.92 12.91
CA ASN B 66 -35.25 6.10 11.87
C ASN B 66 -35.08 6.87 10.55
N THR B 67 -36.07 7.68 10.15
CA THR B 67 -35.85 8.45 8.94
C THR B 67 -34.64 9.37 9.11
N ALA B 68 -34.50 9.99 10.30
CA ALA B 68 -33.34 10.85 10.56
C ALA B 68 -32.04 10.09 10.43
N ILE B 69 -31.97 8.88 10.99
CA ILE B 69 -30.73 8.09 10.90
C ILE B 69 -30.46 7.69 9.46
N GLN B 70 -31.51 7.25 8.74
CA GLN B 70 -31.31 6.75 7.38
C GLN B 70 -31.08 7.83 6.38
N GLU B 71 -31.55 9.05 6.66
CA GLU B 71 -31.27 10.18 5.79
C GLU B 71 -29.88 10.74 6.03
N LEU B 72 -29.37 10.62 7.27
CA LEU B 72 -27.96 10.87 7.54
C LEU B 72 -27.09 9.87 6.78
N GLU B 73 -27.44 8.57 6.83
CA GLU B 73 -26.76 7.58 5.99
C GLU B 73 -26.73 8.03 4.53
N GLY B 74 -27.87 8.54 4.04
CA GLY B 74 -27.92 9.02 2.67
C GLY B 74 -27.04 10.23 2.43
N MET B 75 -27.05 11.21 3.34
CA MET B 75 -26.17 12.36 3.19
C MET B 75 -24.72 11.90 3.15
N ALA B 76 -24.36 10.96 4.01
CA ALA B 76 -22.99 10.48 4.07
C ALA B 76 -22.58 9.81 2.74
N ARG B 77 -23.54 9.16 2.07
CA ARG B 77 -23.22 8.43 0.84
C ARG B 77 -22.89 9.37 -0.30
N VAL B 78 -23.75 10.37 -0.51
CA VAL B 78 -23.57 11.32 -1.62
C VAL B 78 -22.41 12.28 -1.36
N TYR B 79 -22.10 12.59 -0.08
CA TYR B 79 -20.87 13.35 0.17
C TYR B 79 -19.63 12.51 -0.17
N ARG B 80 -19.66 11.22 0.20
CA ARG B 80 -18.56 10.31 -0.09
C ARG B 80 -18.23 10.28 -1.57
N THR B 81 -19.25 10.24 -2.45
CA THR B 81 -18.93 10.20 -3.87
C THR B 81 -18.51 11.59 -4.37
N TYR B 82 -19.11 12.65 -3.82
CA TYR B 82 -18.62 13.98 -4.14
C TYR B 82 -17.15 14.10 -3.79
N ALA B 83 -16.73 13.49 -2.69
CA ALA B 83 -15.35 13.63 -2.23
C ALA B 83 -14.39 12.98 -3.22
N THR B 84 -14.73 11.78 -3.72
CA THR B 84 -13.83 11.12 -4.67
C THR B 84 -13.83 11.84 -6.01
N ALA B 85 -14.99 12.38 -6.42
CA ALA B 85 -15.06 13.32 -7.53
C ALA B 85 -14.17 14.54 -7.29
N PHE B 86 -14.16 15.04 -6.05
CA PHE B 86 -13.28 16.16 -5.70
C PHE B 86 -11.80 15.77 -5.79
N ALA B 87 -11.44 14.56 -5.31
CA ALA B 87 -10.04 14.15 -5.32
C ALA B 87 -9.55 13.93 -6.75
N GLU B 88 -10.40 13.40 -7.63
CA GLU B 88 -9.99 13.19 -9.01
C GLU B 88 -9.86 14.50 -9.74
N TRP B 89 -10.71 15.48 -9.43
CA TRP B 89 -10.59 16.77 -10.13
C TRP B 89 -9.25 17.43 -9.83
N GLU B 90 -8.76 17.27 -8.59
CA GLU B 90 -7.57 17.99 -8.16
C GLU B 90 -6.30 17.43 -8.79
N ARG B 91 -6.36 16.27 -9.43
CA ARG B 91 -5.17 15.73 -10.08
C ARG B 91 -4.87 16.39 -11.43
N ALA B 92 -5.89 16.83 -12.17
CA ALA B 92 -5.73 17.58 -13.42
C ALA B 92 -6.80 18.65 -13.48
N PRO B 93 -6.72 19.66 -12.62
CA PRO B 93 -7.88 20.55 -12.45
C PRO B 93 -8.33 21.31 -13.69
N ASP B 94 -7.49 21.44 -14.71
CA ASP B 94 -7.95 22.13 -15.92
C ASP B 94 -8.66 21.19 -16.90
N ASP B 95 -8.62 19.88 -16.67
CA ASP B 95 -9.28 18.89 -17.51
C ASP B 95 -10.77 19.11 -17.52
N PRO B 96 -11.38 19.39 -18.68
CA PRO B 96 -12.81 19.74 -18.70
C PRO B 96 -13.72 18.57 -18.38
N GLU B 97 -13.22 17.36 -18.50
CA GLU B 97 -14.10 16.24 -18.27
C GLU B 97 -14.17 15.96 -16.78
N LEU B 98 -13.04 16.11 -16.07
CA LEU B 98 -13.02 16.07 -14.62
C LEU B 98 -13.86 17.23 -14.04
N ARG B 99 -13.67 18.44 -14.60
CA ARG B 99 -14.47 19.59 -14.20
C ARG B 99 -15.96 19.32 -14.34
N GLU B 100 -16.38 18.79 -15.49
CA GLU B 100 -17.81 18.56 -15.64
C GLU B 100 -18.31 17.45 -14.72
N ALA B 101 -17.46 16.50 -14.35
CA ALA B 101 -17.93 15.47 -13.44
C ALA B 101 -18.17 16.01 -12.04
N LEU B 102 -17.25 16.89 -11.54
CA LEU B 102 -17.41 17.47 -10.20
C LEU B 102 -18.61 18.40 -10.17
N ARG B 103 -18.79 19.18 -11.24
CA ARG B 103 -19.94 20.07 -11.35
C ARG B 103 -21.24 19.30 -11.21
N THR B 104 -21.37 18.21 -11.97
CA THR B 104 -22.54 17.35 -11.88
C THR B 104 -22.71 16.75 -10.50
N GLN B 105 -21.66 16.13 -9.95
CA GLN B 105 -21.84 15.41 -8.68
C GLN B 105 -22.17 16.37 -7.55
N PHE B 106 -21.56 17.56 -7.58
CA PHE B 106 -21.89 18.59 -6.61
C PHE B 106 -23.39 18.88 -6.64
N THR B 107 -23.93 19.16 -7.83
CA THR B 107 -25.34 19.53 -7.88
C THR B 107 -26.23 18.42 -7.30
N ALA B 108 -25.81 17.16 -7.44
CA ALA B 108 -26.58 16.05 -6.90
C ALA B 108 -26.53 16.01 -5.37
N THR B 109 -25.33 16.15 -4.79
CA THR B 109 -25.21 16.04 -3.33
C THR B 109 -25.55 17.35 -2.59
N GLU B 110 -25.35 18.52 -3.21
CA GLU B 110 -25.85 19.75 -2.59
C GLU B 110 -27.38 19.73 -2.54
N THR B 111 -28.01 19.25 -3.61
CA THR B 111 -29.48 19.14 -3.65
C THR B 111 -29.99 18.08 -2.68
N TYR B 112 -29.28 16.95 -2.57
CA TYR B 112 -29.70 15.89 -1.64
C TYR B 112 -29.71 16.40 -0.20
N ILE B 113 -28.66 17.12 0.16
CA ILE B 113 -28.49 17.58 1.53
C ILE B 113 -29.44 18.73 1.84
N SER B 114 -29.52 19.74 0.97
CA SER B 114 -30.57 20.76 1.11
C SER B 114 -31.96 20.14 1.32
N GLY B 115 -32.30 19.16 0.47
CA GLY B 115 -33.66 18.65 0.49
C GLY B 115 -34.02 17.86 1.73
N ARG B 116 -33.05 17.18 2.32
CA ARG B 116 -33.33 16.20 3.35
C ARG B 116 -32.90 16.63 4.75
N ILE B 117 -32.38 17.84 4.90
CA ILE B 117 -32.12 18.35 6.24
C ILE B 117 -33.42 18.59 7.00
N SER B 118 -34.53 18.80 6.27
CA SER B 118 -35.87 18.87 6.85
C SER B 118 -36.07 17.91 8.03
N VAL B 119 -35.67 16.65 7.85
CA VAL B 119 -36.00 15.61 8.82
C VAL B 119 -35.20 15.71 10.10
N LEU B 120 -34.24 16.62 10.19
CA LEU B 120 -33.48 16.85 11.42
C LEU B 120 -34.04 18.00 12.23
N LYS B 121 -35.13 18.60 11.75
CA LYS B 121 -35.80 19.72 12.37
C LYS B 121 -37.19 19.36 12.85
N ILE B 122 -37.54 18.06 12.90
CA ILE B 122 -38.93 17.65 13.09
C ILE B 122 -39.53 18.25 14.34
N GLN B 123 -40.71 18.81 14.20
CA GLN B 123 -41.37 19.51 15.29
C GLN B 123 -41.69 18.56 16.43
N THR B 124 -41.44 19.01 17.69
CA THR B 124 -41.54 18.31 18.97
C THR B 124 -40.25 17.56 19.35
N PHE B 125 -39.31 17.43 18.40
CA PHE B 125 -38.05 16.72 18.63
C PHE B 125 -36.85 17.57 18.29
N GLU B 126 -37.02 18.89 18.18
CA GLU B 126 -35.96 19.77 17.69
C GLU B 126 -34.67 19.62 18.50
N VAL B 127 -34.79 19.57 19.84
CA VAL B 127 -33.62 19.46 20.72
C VAL B 127 -32.90 18.14 20.51
N GLN B 128 -33.62 17.01 20.66
CA GLN B 128 -32.95 15.72 20.52
C GLN B 128 -32.23 15.60 19.19
N LEU B 129 -32.72 16.26 18.15
CA LEU B 129 -32.09 16.18 16.85
C LEU B 129 -31.03 17.25 16.64
N LEU B 130 -30.77 18.11 17.62
CA LEU B 130 -29.94 19.29 17.36
C LEU B 130 -28.49 18.90 17.03
N SER B 131 -27.96 17.90 17.72
CA SER B 131 -26.55 17.56 17.52
C SER B 131 -26.33 17.01 16.11
N VAL B 132 -27.26 16.21 15.58
CA VAL B 132 -27.07 15.74 14.21
C VAL B 132 -27.40 16.84 13.22
N PHE B 133 -28.37 17.72 13.56
CA PHE B 133 -28.63 18.86 12.69
C PHE B 133 -27.40 19.75 12.57
N ALA B 134 -26.67 19.97 13.67
CA ALA B 134 -25.46 20.76 13.59
C ALA B 134 -24.43 20.11 12.68
N GLN B 135 -24.31 18.77 12.74
CA GLN B 135 -23.40 18.09 11.83
C GLN B 135 -23.82 18.28 10.37
N ALA B 136 -25.13 18.20 10.10
CA ALA B 136 -25.61 18.27 8.73
C ALA B 136 -25.54 19.69 8.18
N ALA B 137 -25.95 20.67 8.97
CA ALA B 137 -25.84 22.06 8.56
C ALA B 137 -24.39 22.42 8.31
N ASN B 138 -23.49 21.97 9.19
CA ASN B 138 -22.07 22.19 8.95
C ASN B 138 -21.64 21.56 7.61
N LEU B 139 -22.18 20.40 7.27
CA LEU B 139 -21.83 19.79 6.00
C LEU B 139 -22.34 20.62 4.83
N HIS B 140 -23.61 21.04 4.90
CA HIS B 140 -24.22 21.80 3.83
C HIS B 140 -23.47 23.10 3.56
N LEU B 141 -23.08 23.80 4.61
CA LEU B 141 -22.39 25.05 4.38
C LEU B 141 -21.01 24.81 3.76
N SER B 142 -20.35 23.70 4.13
CA SER B 142 -19.06 23.37 3.51
C SER B 142 -19.19 23.21 1.99
N LEU B 143 -20.26 22.57 1.53
CA LEU B 143 -20.47 22.43 0.09
C LEU B 143 -20.68 23.80 -0.55
N LEU B 144 -21.53 24.62 0.07
CA LEU B 144 -21.80 25.94 -0.49
C LEU B 144 -20.53 26.81 -0.48
N ARG B 145 -19.61 26.61 0.49
CA ARG B 145 -18.36 27.35 0.38
C ARG B 145 -17.57 26.90 -0.83
N ASP B 146 -17.59 25.60 -1.11
CA ASP B 146 -16.77 25.06 -2.18
C ASP B 146 -17.17 25.63 -3.52
N VAL B 147 -18.47 25.61 -3.83
CA VAL B 147 -18.90 26.11 -5.14
C VAL B 147 -18.69 27.62 -5.23
N VAL B 148 -18.85 28.35 -4.10
CA VAL B 148 -18.62 29.78 -4.18
C VAL B 148 -17.15 30.06 -4.47
N PHE B 149 -16.24 29.20 -3.97
CA PHE B 149 -14.79 29.39 -4.10
C PHE B 149 -14.18 28.80 -5.38
N PHE B 150 -14.68 27.65 -5.86
CA PHE B 150 -14.18 27.01 -7.07
C PHE B 150 -15.22 26.98 -8.19
N GLY B 151 -16.41 27.54 -7.97
CA GLY B 151 -17.48 27.41 -8.95
C GLY B 151 -17.08 27.89 -10.33
N GLN B 152 -16.32 29.00 -10.40
CA GLN B 152 -15.96 29.54 -11.70
C GLN B 152 -14.93 28.66 -12.41
N ARG B 153 -13.90 28.17 -11.68
CA ARG B 153 -12.92 27.25 -12.28
C ARG B 153 -13.57 25.96 -12.73
N TRP B 154 -14.60 25.51 -12.01
CA TRP B 154 -15.27 24.28 -12.39
C TRP B 154 -16.02 24.45 -13.70
N GLY B 155 -16.48 25.67 -13.98
CA GLY B 155 -17.29 25.92 -15.17
C GLY B 155 -18.68 26.43 -14.90
N PHE B 156 -19.07 26.56 -13.64
CA PHE B 156 -20.39 27.05 -13.31
C PHE B 156 -20.55 28.49 -13.75
N SER B 157 -21.77 28.81 -14.22
CA SER B 157 -22.17 30.17 -14.56
C SER B 157 -21.91 31.18 -13.45
N THR B 158 -21.51 32.38 -13.84
CA THR B 158 -21.45 33.54 -12.93
C THR B 158 -22.76 33.80 -12.20
N THR B 159 -23.89 33.40 -12.77
CA THR B 159 -25.17 33.63 -12.12
C THR B 159 -25.48 32.55 -11.11
N THR B 160 -25.29 31.28 -11.48
CA THR B 160 -25.54 30.17 -10.55
C THR B 160 -24.61 30.25 -9.36
N VAL B 161 -23.39 30.70 -9.56
CA VAL B 161 -22.50 30.85 -8.42
C VAL B 161 -23.08 31.88 -7.46
N ASN B 162 -23.54 33.01 -8.01
CA ASN B 162 -24.12 34.06 -7.17
C ASN B 162 -25.35 33.60 -6.42
N ASN B 163 -26.15 32.71 -7.02
CA ASN B 163 -27.30 32.17 -6.32
C ASN B 163 -26.86 31.27 -5.17
N TYR B 164 -25.85 30.42 -5.42
CA TYR B 164 -25.26 29.62 -4.36
C TYR B 164 -24.66 30.51 -3.28
N TYR B 165 -24.03 31.62 -3.69
CA TYR B 165 -23.53 32.58 -2.72
C TYR B 165 -24.65 33.09 -1.83
N ASN B 166 -25.83 33.32 -2.42
CA ASN B 166 -26.98 33.73 -1.62
C ASN B 166 -27.43 32.60 -0.69
N ASP B 167 -27.43 31.37 -1.18
CA ASP B 167 -27.77 30.23 -0.32
C ASP B 167 -26.85 30.19 0.88
N LEU B 168 -25.55 30.45 0.67
CA LEU B 168 -24.57 30.44 1.74
C LEU B 168 -24.82 31.55 2.73
N THR B 169 -24.86 32.79 2.26
CA THR B 169 -25.31 33.94 3.04
C THR B 169 -26.43 33.57 3.97
N GLU B 170 -27.55 33.10 3.40
CA GLU B 170 -28.74 32.86 4.21
C GLU B 170 -28.62 31.58 5.03
N GLY B 171 -28.02 30.54 4.44
CA GLY B 171 -27.78 29.32 5.20
C GLY B 171 -27.08 29.59 6.52
N ILE B 172 -25.99 30.36 6.50
CA ILE B 172 -25.23 30.65 7.71
C ILE B 172 -26.14 31.28 8.77
N SER B 173 -27.03 32.19 8.37
CA SER B 173 -27.86 32.92 9.34
C SER B 173 -29.03 32.10 9.85
N THR B 174 -29.73 31.40 8.96
CA THR B 174 -30.88 30.62 9.40
C THR B 174 -30.45 29.40 10.23
N TYR B 175 -29.33 28.75 9.85
CA TYR B 175 -28.83 27.60 10.59
C TYR B 175 -28.34 28.00 11.97
N THR B 176 -27.48 29.03 12.04
CA THR B 176 -27.08 29.62 13.32
C THR B 176 -28.28 29.85 14.21
N ASP B 177 -29.28 30.60 13.69
CA ASP B 177 -30.37 31.06 14.53
C ASP B 177 -31.25 29.90 15.02
N TYR B 178 -31.48 28.90 14.17
CA TYR B 178 -32.28 27.76 14.61
C TYR B 178 -31.54 27.02 15.70
N ALA B 179 -30.23 26.80 15.52
CA ALA B 179 -29.48 26.05 16.51
C ALA B 179 -29.45 26.79 17.85
N VAL B 180 -29.19 28.10 17.82
CA VAL B 180 -29.08 28.85 19.07
C VAL B 180 -30.42 28.92 19.79
N ARG B 181 -31.51 29.12 19.02
CA ARG B 181 -32.86 29.17 19.61
C ARG B 181 -33.16 27.89 20.38
N TRP B 182 -32.93 26.75 19.75
CA TRP B 182 -33.32 25.51 20.37
C TRP B 182 -32.35 25.08 21.45
N TYR B 183 -31.08 25.48 21.33
CA TYR B 183 -30.18 25.27 22.46
C TYR B 183 -30.69 25.98 23.69
N ASN B 184 -31.08 27.26 23.54
CA ASN B 184 -31.58 28.05 24.68
C ASN B 184 -32.85 27.43 25.26
N THR B 185 -33.71 26.92 24.37
CA THR B 185 -35.00 26.32 24.75
C THR B 185 -34.83 25.00 25.46
N GLY B 186 -33.93 24.15 24.96
CA GLY B 186 -33.70 22.87 25.62
C GLY B 186 -33.01 23.04 26.96
N LEU B 187 -32.05 23.96 27.03
CA LEU B 187 -31.36 24.24 28.28
C LEU B 187 -32.33 24.74 29.36
N GLU B 188 -33.23 25.69 29.01
CA GLU B 188 -34.19 26.22 29.97
C GLU B 188 -35.15 25.14 30.48
N ARG B 189 -35.53 24.21 29.61
CA ARG B 189 -36.42 23.12 30.00
C ARG B 189 -35.80 22.19 31.03
N VAL B 190 -34.47 22.20 31.20
CA VAL B 190 -33.82 21.30 32.15
C VAL B 190 -33.69 21.91 33.54
N TRP B 191 -33.89 23.21 33.67
CA TRP B 191 -33.68 23.89 34.95
C TRP B 191 -34.67 23.41 36.00
N GLY B 192 -34.16 23.14 37.19
CA GLY B 192 -34.99 22.80 38.32
C GLY B 192 -34.38 23.45 39.55
N PRO B 193 -35.02 23.30 40.71
CA PRO B 193 -34.61 24.10 41.86
C PRO B 193 -33.56 23.44 42.72
N ASP B 194 -33.30 22.16 42.50
CA ASP B 194 -32.45 21.39 43.38
C ASP B 194 -31.05 21.22 42.77
N SER B 195 -30.11 20.87 43.65
CA SER B 195 -28.75 20.53 43.24
C SER B 195 -28.73 19.50 42.12
N ARG B 196 -29.59 18.47 42.23
CA ARG B 196 -29.63 17.46 41.17
C ARG B 196 -30.01 18.09 39.84
N ASP B 197 -30.92 19.05 39.85
CA ASP B 197 -31.32 19.69 38.61
C ASP B 197 -30.20 20.53 38.05
N TRP B 198 -29.40 21.14 38.92
CA TRP B 198 -28.30 21.95 38.42
C TRP B 198 -27.25 21.10 37.72
N VAL B 199 -26.91 19.95 38.30
CA VAL B 199 -25.95 19.07 37.64
C VAL B 199 -26.40 18.74 36.21
N ARG B 200 -27.69 18.44 36.02
CA ARG B 200 -28.17 18.06 34.69
C ARG B 200 -28.27 19.26 33.77
N TYR B 201 -28.57 20.42 34.33
CA TYR B 201 -28.55 21.66 33.56
C TYR B 201 -27.15 21.91 33.01
N ASN B 202 -26.17 21.91 33.91
CA ASN B 202 -24.82 22.23 33.50
C ASN B 202 -24.26 21.15 32.58
N GLN B 203 -24.64 19.89 32.81
CA GLN B 203 -24.27 18.85 31.85
C GLN B 203 -24.83 19.16 30.47
N PHE B 204 -26.12 19.54 30.41
CA PHE B 204 -26.68 19.92 29.12
C PHE B 204 -25.88 21.07 28.53
N ARG B 205 -25.68 22.13 29.32
CA ARG B 205 -24.97 23.31 28.83
C ARG B 205 -23.60 22.91 28.26
N ARG B 206 -22.89 22.02 28.95
CA ARG B 206 -21.56 21.66 28.51
C ARG B 206 -21.63 20.75 27.29
N GLU B 207 -22.48 19.72 27.34
CA GLU B 207 -22.44 18.75 26.25
C GLU B 207 -22.85 19.39 24.93
N LEU B 208 -23.85 20.27 24.93
CA LEU B 208 -24.26 20.91 23.69
C LEU B 208 -23.42 22.14 23.34
N THR B 209 -22.62 22.65 24.28
CA THR B 209 -21.60 23.62 23.89
C THR B 209 -20.50 22.95 23.06
N LEU B 210 -20.10 21.73 23.43
CA LEU B 210 -19.06 21.03 22.67
C LEU B 210 -19.60 20.47 21.34
N THR B 211 -20.83 19.96 21.33
CA THR B 211 -21.36 19.26 20.16
C THR B 211 -22.14 20.15 19.21
N VAL B 212 -22.58 21.34 19.63
CA VAL B 212 -23.38 22.22 18.77
C VAL B 212 -22.78 23.61 18.73
N LEU B 213 -22.85 24.34 19.86
CA LEU B 213 -22.48 25.74 19.89
C LEU B 213 -21.04 25.99 19.41
N ASP B 214 -20.11 25.08 19.67
CA ASP B 214 -18.74 25.32 19.23
C ASP B 214 -18.63 25.22 17.73
N ILE B 215 -19.38 24.29 17.12
CA ILE B 215 -19.36 24.21 15.65
C ILE B 215 -20.12 25.37 15.05
N VAL B 216 -21.19 25.82 15.71
CA VAL B 216 -21.99 26.88 15.11
C VAL B 216 -21.16 28.16 14.99
N ALA B 217 -20.28 28.41 15.99
CA ALA B 217 -19.47 29.62 16.03
C ALA B 217 -18.52 29.73 14.85
N LEU B 218 -18.26 28.63 14.16
CA LEU B 218 -17.37 28.71 13.02
C LEU B 218 -18.12 28.87 11.70
N PHE B 219 -19.46 28.77 11.71
CA PHE B 219 -20.23 28.99 10.48
C PHE B 219 -19.84 30.27 9.73
N PRO B 220 -19.66 31.42 10.35
CA PRO B 220 -19.26 32.59 9.56
C PRO B 220 -18.00 32.39 8.71
N ASN B 221 -17.10 31.46 9.09
CA ASN B 221 -15.89 31.28 8.28
C ASN B 221 -16.18 30.63 6.94
N TYR B 222 -17.33 29.98 6.79
CA TYR B 222 -17.65 29.40 5.49
C TYR B 222 -17.94 30.46 4.41
N ASP B 223 -18.22 31.70 4.79
CA ASP B 223 -18.48 32.75 3.80
C ASP B 223 -17.14 33.16 3.20
N SER B 224 -16.78 32.51 2.09
CA SER B 224 -15.43 32.62 1.56
C SER B 224 -15.19 33.90 0.76
N ARG B 225 -16.22 34.66 0.45
CA ARG B 225 -15.94 35.98 -0.07
C ARG B 225 -15.52 36.90 1.05
N ARG B 226 -16.07 36.71 2.25
CA ARG B 226 -15.66 37.48 3.40
C ARG B 226 -14.33 37.01 3.95
N TYR B 227 -14.00 35.73 3.71
CA TYR B 227 -12.75 35.13 4.15
C TYR B 227 -12.10 34.46 2.95
N PRO B 228 -11.50 35.24 2.05
CA PRO B 228 -10.91 34.66 0.83
C PRO B 228 -9.73 33.74 1.10
N ILE B 229 -9.00 33.96 2.21
CA ILE B 229 -7.83 33.17 2.60
C ILE B 229 -8.04 32.50 3.96
N ARG B 230 -6.99 31.86 4.48
CA ARG B 230 -7.09 31.15 5.75
C ARG B 230 -7.57 32.07 6.84
N THR B 231 -8.35 31.50 7.78
CA THR B 231 -8.73 32.27 8.96
C THR B 231 -8.86 31.33 10.15
N VAL B 232 -8.46 31.83 11.32
CA VAL B 232 -8.37 31.07 12.56
C VAL B 232 -9.14 31.77 13.68
N SER B 233 -10.19 31.11 14.18
CA SER B 233 -11.02 31.59 15.29
C SER B 233 -10.40 31.20 16.65
N GLN B 234 -10.97 31.76 17.72
CA GLN B 234 -10.54 31.50 19.09
C GLN B 234 -11.79 31.37 19.93
N LEU B 235 -12.01 30.22 20.56
CA LEU B 235 -13.20 30.03 21.38
C LEU B 235 -12.81 30.38 22.81
N THR B 236 -13.29 31.52 23.30
CA THR B 236 -12.95 31.92 24.64
C THR B 236 -14.01 31.49 25.66
N ARG B 237 -15.07 30.81 25.23
CA ARG B 237 -16.10 30.41 26.17
C ARG B 237 -15.57 29.39 27.17
N GLU B 238 -16.18 29.35 28.34
CA GLU B 238 -15.77 28.45 29.41
C GLU B 238 -16.88 27.49 29.80
N ILE B 239 -16.56 26.21 29.87
CA ILE B 239 -17.49 25.19 30.37
C ILE B 239 -17.04 24.72 31.75
N TYR B 240 -18.00 24.14 32.52
CA TYR B 240 -17.87 23.98 33.97
C TYR B 240 -17.95 22.53 34.47
N THR B 241 -17.06 22.20 35.42
CA THR B 241 -17.13 20.94 36.17
C THR B 241 -17.22 21.22 37.67
N ASN B 242 -17.86 20.31 38.38
CA ASN B 242 -17.93 20.38 39.84
C ASN B 242 -17.95 18.98 40.38
N PRO B 243 -16.80 18.47 40.94
CA PRO B 243 -16.77 17.08 41.40
C PRO B 243 -17.69 16.83 42.59
N VAL B 244 -17.65 17.71 43.62
CA VAL B 244 -18.50 17.51 44.80
C VAL B 244 -19.96 17.34 44.38
N LEU B 245 -20.45 18.25 43.52
CA LEU B 245 -21.85 18.21 43.13
C LEU B 245 -22.11 17.14 42.09
N GLU B 246 -21.17 16.93 41.16
CA GLU B 246 -21.46 15.93 40.13
C GLU B 246 -21.37 14.50 40.65
N ASN B 247 -20.62 14.25 41.73
CA ASN B 247 -20.44 12.89 42.22
C ASN B 247 -21.32 12.58 43.43
N PHE B 248 -22.08 13.55 43.92
CA PHE B 248 -22.97 13.35 45.04
C PHE B 248 -24.18 12.51 44.64
N ASP B 249 -24.64 11.67 45.58
CA ASP B 249 -25.93 10.96 45.39
C ASP B 249 -27.15 11.65 45.96
N GLY B 250 -27.10 12.56 46.89
CA GLY B 250 -28.35 13.20 47.29
C GLY B 250 -28.70 14.27 46.29
N SER B 251 -29.38 15.28 46.78
CA SER B 251 -29.64 16.49 46.03
C SER B 251 -29.89 17.50 47.12
N PHE B 252 -29.06 18.53 47.18
CA PHE B 252 -29.28 19.62 48.12
C PHE B 252 -30.49 20.40 47.65
N ARG B 253 -31.47 20.59 48.51
CA ARG B 253 -32.74 21.08 47.99
C ARG B 253 -32.76 22.59 48.06
N GLY B 254 -33.40 23.21 47.06
CA GLY B 254 -33.41 24.65 46.83
C GLY B 254 -32.04 25.27 46.65
N SER B 255 -31.07 24.52 46.15
CA SER B 255 -29.68 24.96 46.01
C SER B 255 -29.34 25.63 44.70
N ALA B 256 -30.15 25.36 43.66
CA ALA B 256 -29.72 25.58 42.28
C ALA B 256 -29.37 27.05 42.01
N GLN B 257 -30.29 27.98 42.31
CA GLN B 257 -29.99 29.38 42.05
CA GLN B 257 -30.01 29.40 42.08
C GLN B 257 -28.69 29.79 42.73
N GLY B 258 -28.39 29.23 43.92
CA GLY B 258 -27.16 29.58 44.59
C GLY B 258 -25.91 28.99 43.95
N ILE B 259 -26.03 27.77 43.42
CA ILE B 259 -24.90 27.17 42.71
C ILE B 259 -24.57 27.97 41.47
N GLU B 260 -25.60 28.38 40.72
CA GLU B 260 -25.34 29.06 39.46
C GLU B 260 -24.77 30.47 39.68
N ARG B 261 -25.07 31.11 40.81
CA ARG B 261 -24.50 32.41 41.16
C ARG B 261 -23.07 32.30 41.67
N SER B 262 -22.61 31.09 41.99
CA SER B 262 -21.22 30.87 42.40
C SER B 262 -20.24 30.99 41.25
N ILE B 263 -20.72 31.02 40.00
CA ILE B 263 -19.89 31.19 38.81
C ILE B 263 -19.52 32.67 38.64
N ARG B 264 -18.29 32.91 38.19
CA ARG B 264 -17.86 34.26 37.81
C ARG B 264 -18.80 34.86 36.77
N SER B 265 -19.08 36.14 36.87
CA SER B 265 -19.90 36.80 35.87
C SER B 265 -19.01 37.34 34.74
N PRO B 266 -19.60 37.73 33.59
CA PRO B 266 -18.79 37.97 32.38
C PRO B 266 -17.61 38.92 32.56
N HIS B 267 -16.52 38.61 31.83
CA HIS B 267 -15.20 39.16 32.13
C HIS B 267 -14.29 39.12 30.90
N LEU B 268 -13.27 39.95 30.93
CA LEU B 268 -12.16 39.82 30.00
C LEU B 268 -11.43 38.50 30.23
N MET B 269 -10.85 37.96 29.17
CA MET B 269 -10.10 36.72 29.29
C MET B 269 -8.84 36.93 30.08
N ASP B 270 -8.62 36.05 31.07
CA ASP B 270 -7.39 36.07 31.83
C ASP B 270 -6.77 34.68 31.78
N ILE B 271 -5.53 34.62 32.25
CA ILE B 271 -4.77 33.38 32.29
C ILE B 271 -4.60 32.99 33.75
N LEU B 272 -5.08 31.79 34.13
CA LEU B 272 -4.90 31.31 35.50
C LEU B 272 -3.43 31.05 35.79
N ASN B 273 -2.90 31.74 36.79
CA ASN B 273 -1.49 31.61 37.17
C ASN B 273 -1.29 30.65 38.32
N SER B 274 -1.93 30.90 39.46
CA SER B 274 -1.71 30.07 40.64
C SER B 274 -3.02 29.98 41.42
N ILE B 275 -3.14 28.92 42.20
CA ILE B 275 -4.28 28.75 43.10
C ILE B 275 -3.70 28.32 44.45
N THR B 276 -3.91 29.14 45.48
CA THR B 276 -3.42 28.85 46.82
C THR B 276 -4.57 28.29 47.65
N ILE B 277 -4.45 27.02 48.04
CA ILE B 277 -5.55 26.28 48.68
C ILE B 277 -5.39 26.29 50.18
N TYR B 278 -6.49 26.55 50.90
CA TYR B 278 -6.52 26.54 52.37
C TYR B 278 -7.24 25.31 52.91
N THR B 279 -6.68 24.72 53.96
CA THR B 279 -7.19 23.46 54.49
C THR B 279 -7.84 23.65 55.86
N ASP B 280 -8.93 22.94 56.07
CA ASP B 280 -9.67 22.94 57.31
C ASP B 280 -9.87 21.49 57.72
N ALA B 281 -10.30 21.29 58.97
CA ALA B 281 -10.40 19.94 59.46
C ALA B 281 -11.55 19.81 60.44
N HIS B 282 -12.10 18.61 60.47
CA HIS B 282 -13.18 18.28 61.39
C HIS B 282 -13.15 16.77 61.63
N ARG B 283 -12.85 16.39 62.88
CA ARG B 283 -12.66 15.00 63.28
C ARG B 283 -11.74 14.23 62.31
N GLY B 284 -10.55 14.79 62.13
CA GLY B 284 -9.46 14.16 61.41
C GLY B 284 -9.67 13.96 59.93
N TYR B 285 -10.79 14.44 59.39
CA TYR B 285 -11.03 14.52 57.96
C TYR B 285 -10.57 15.90 57.52
N TYR B 286 -9.55 15.95 56.67
CA TYR B 286 -9.00 17.20 56.21
C TYR B 286 -9.57 17.52 54.83
N TYR B 287 -9.88 18.79 54.58
CA TYR B 287 -10.53 19.09 53.31
C TYR B 287 -10.17 20.49 52.83
N TRP B 288 -10.28 20.66 51.52
CA TRP B 288 -10.14 21.94 50.80
C TRP B 288 -11.24 22.90 51.21
N SER B 289 -10.90 23.89 52.04
CA SER B 289 -11.95 24.74 52.58
C SER B 289 -12.13 26.06 51.82
N GLY B 290 -11.09 26.56 51.19
CA GLY B 290 -11.16 27.80 50.46
C GLY B 290 -9.88 27.98 49.67
N HIS B 291 -9.85 29.01 48.84
CA HIS B 291 -8.64 29.25 48.08
C HIS B 291 -8.63 30.69 47.58
N GLN B 292 -7.46 31.09 47.12
CA GLN B 292 -7.25 32.39 46.49
C GLN B 292 -6.71 32.15 45.09
N ILE B 293 -7.12 32.97 44.15
CA ILE B 293 -6.70 32.78 42.77
C ILE B 293 -5.96 34.01 42.27
N MET B 294 -4.80 33.78 41.68
CA MET B 294 -4.04 34.84 41.02
C MET B 294 -4.07 34.56 39.52
N ALA B 295 -4.21 35.61 38.70
CA ALA B 295 -4.27 35.45 37.26
C ALA B 295 -3.56 36.62 36.57
N SER B 296 -3.31 36.48 35.26
CA SER B 296 -2.69 37.50 34.44
C SER B 296 -3.57 37.77 33.22
N PRO B 297 -3.44 38.95 32.61
CA PRO B 297 -4.17 39.24 31.37
C PRO B 297 -3.54 38.52 30.19
N VAL B 298 -4.30 38.50 29.08
CA VAL B 298 -3.78 37.95 27.84
C VAL B 298 -2.52 38.70 27.46
N GLY B 299 -1.47 37.94 27.14
CA GLY B 299 -0.19 38.51 26.83
C GLY B 299 0.67 38.81 28.04
N PHE B 300 0.15 38.66 29.26
CA PHE B 300 0.85 39.05 30.50
C PHE B 300 1.28 40.52 30.42
N SER B 301 0.32 41.34 29.98
CA SER B 301 0.45 42.75 29.62
C SER B 301 0.40 43.68 30.81
N GLY B 302 0.67 43.15 32.02
CA GLY B 302 0.89 43.96 33.19
C GLY B 302 0.81 43.14 34.44
N PRO B 303 0.16 43.67 35.48
CA PRO B 303 0.30 43.09 36.82
C PRO B 303 -0.68 41.95 37.08
N GLU B 304 -0.25 41.06 37.97
CA GLU B 304 -1.08 39.92 38.33
C GLU B 304 -2.30 40.42 39.10
N PHE B 305 -3.46 39.85 38.79
CA PHE B 305 -4.68 40.18 39.51
C PHE B 305 -4.87 39.12 40.58
N THR B 306 -5.13 39.56 41.81
CA THR B 306 -5.44 38.66 42.92
C THR B 306 -6.92 38.76 43.25
N PHE B 307 -7.64 37.62 43.16
CA PHE B 307 -9.07 37.56 43.44
C PHE B 307 -9.33 37.58 44.94
N PRO B 308 -10.47 38.14 45.37
CA PRO B 308 -10.87 37.96 46.77
C PRO B 308 -11.00 36.49 47.12
N LEU B 309 -10.83 36.19 48.41
CA LEU B 309 -10.91 34.82 48.92
C LEU B 309 -12.22 34.15 48.52
N TYR B 310 -12.10 32.91 48.02
CA TYR B 310 -13.21 31.98 47.79
C TYR B 310 -13.29 30.99 48.94
N GLY B 311 -14.49 30.76 49.47
CA GLY B 311 -14.60 29.87 50.62
C GLY B 311 -14.08 30.55 51.88
N THR B 312 -13.57 29.73 52.83
CA THR B 312 -13.09 30.17 54.15
C THR B 312 -11.63 29.82 54.34
N MET B 313 -10.89 30.67 55.06
CA MET B 313 -9.43 30.48 55.16
C MET B 313 -9.07 29.60 56.35
N GLY B 314 -9.06 28.30 56.11
CA GLY B 314 -8.77 27.33 57.15
C GLY B 314 -7.31 27.33 57.58
N ASN B 315 -7.06 26.63 58.69
CA ASN B 315 -5.74 26.66 59.29
C ASN B 315 -5.28 25.29 59.75
N ALA B 316 -5.98 24.22 59.39
CA ALA B 316 -5.62 22.84 59.75
C ALA B 316 -4.38 22.31 59.04
N ALA B 317 -3.89 22.98 58.00
CA ALA B 317 -2.63 22.69 57.35
C ALA B 317 -2.06 24.02 56.88
N PRO B 318 -0.76 24.09 56.60
CA PRO B 318 -0.25 25.31 55.98
C PRO B 318 -0.83 25.44 54.57
N GLN B 319 -0.93 26.68 54.11
CA GLN B 319 -1.49 26.87 52.78
C GLN B 319 -0.64 26.19 51.72
N GLN B 320 -1.27 25.76 50.62
CA GLN B 320 -0.53 25.16 49.52
C GLN B 320 -0.68 25.99 48.26
N ARG B 321 0.42 26.59 47.81
CA ARG B 321 0.37 27.41 46.60
C ARG B 321 0.76 26.51 45.44
N ILE B 322 -0.21 26.23 44.57
CA ILE B 322 -0.04 25.37 43.41
C ILE B 322 0.08 26.26 42.17
N VAL B 323 1.15 26.07 41.40
CA VAL B 323 1.32 26.85 40.19
C VAL B 323 0.61 26.12 39.05
N ALA B 324 -0.42 26.77 38.50
CA ALA B 324 -1.21 26.20 37.41
C ALA B 324 -0.55 26.45 36.06
N GLN B 325 0.02 27.64 35.86
CA GLN B 325 0.47 28.09 34.54
C GLN B 325 1.90 27.59 34.25
N LEU B 326 2.00 26.30 34.00
CA LEU B 326 3.24 25.65 33.61
C LEU B 326 3.00 24.95 32.29
N GLY B 327 3.96 25.08 31.39
CA GLY B 327 3.74 24.48 30.08
C GLY B 327 2.57 25.17 29.41
N GLN B 328 1.61 24.35 28.96
CA GLN B 328 0.42 24.91 28.33
C GLN B 328 -0.75 25.04 29.31
N GLY B 329 -0.48 24.87 30.64
CA GLY B 329 -1.50 24.98 31.67
C GLY B 329 -2.01 23.64 32.21
N VAL B 330 -2.95 23.74 33.15
CA VAL B 330 -3.54 22.55 33.78
C VAL B 330 -4.59 21.99 32.84
N TYR B 331 -4.39 20.74 32.37
CA TYR B 331 -5.31 20.21 31.37
C TYR B 331 -6.35 19.24 31.93
N ARG B 332 -6.23 18.87 33.20
CA ARG B 332 -7.00 17.78 33.79
C ARG B 332 -6.92 17.85 35.30
N THR B 333 -8.02 17.47 35.96
CA THR B 333 -8.05 17.31 37.41
C THR B 333 -8.58 15.93 37.77
N LEU B 334 -8.01 15.37 38.83
CA LEU B 334 -8.47 14.12 39.44
C LEU B 334 -8.77 14.47 40.89
N SER B 335 -10.04 14.45 41.24
CA SER B 335 -10.43 14.91 42.55
C SER B 335 -10.94 13.73 43.34
N SER B 336 -10.77 13.83 44.66
CA SER B 336 -11.28 12.85 45.60
C SER B 336 -12.36 13.53 46.43
N THR B 337 -13.58 13.00 46.38
CA THR B 337 -14.70 13.55 47.12
C THR B 337 -14.89 12.80 48.41
N LEU B 338 -15.42 13.51 49.41
CA LEU B 338 -15.65 12.98 50.75
C LEU B 338 -17.03 13.39 51.21
N TYR B 339 -17.92 12.41 51.40
CA TYR B 339 -19.30 12.63 51.82
C TYR B 339 -19.58 11.98 53.17
N ARG B 340 -19.34 12.72 54.25
CA ARG B 340 -19.59 12.20 55.59
C ARG B 340 -21.03 12.57 55.99
N ARG B 341 -21.84 11.53 56.26
CA ARG B 341 -23.23 11.69 56.71
C ARG B 341 -23.39 10.88 57.98
N PRO B 342 -22.94 11.40 59.12
CA PRO B 342 -23.01 10.63 60.36
C PRO B 342 -24.43 10.65 60.88
N PHE B 343 -24.75 9.71 61.79
CA PHE B 343 -26.13 9.56 62.19
C PHE B 343 -26.46 10.42 63.41
N ASN B 344 -27.56 11.17 63.26
CA ASN B 344 -28.26 12.01 64.23
C ASN B 344 -27.40 12.73 65.27
N ILE B 345 -26.39 13.47 64.79
CA ILE B 345 -25.86 14.64 65.48
C ILE B 345 -25.75 15.77 64.44
N GLY B 346 -25.38 16.95 64.93
CA GLY B 346 -24.99 18.14 64.16
C GLY B 346 -23.94 18.97 64.89
N ILE B 347 -23.61 20.17 64.37
CA ILE B 347 -22.56 21.10 64.82
C ILE B 347 -21.25 20.50 65.33
N ASN B 348 -21.30 19.49 66.20
CA ASN B 348 -20.04 18.87 66.63
C ASN B 348 -19.79 17.53 65.99
N ASN B 349 -20.80 16.91 65.41
CA ASN B 349 -20.60 15.83 64.44
C ASN B 349 -21.34 16.29 63.17
N GLN B 350 -20.57 16.85 62.23
CA GLN B 350 -21.07 17.60 61.10
C GLN B 350 -21.19 16.71 59.87
N GLN B 351 -21.99 17.17 58.92
CA GLN B 351 -22.07 16.62 57.56
C GLN B 351 -21.09 17.37 56.67
N LEU B 352 -20.24 16.62 55.98
CA LEU B 352 -19.26 17.23 55.09
C LEU B 352 -19.51 16.76 53.65
N SER B 353 -19.47 17.72 52.72
CA SER B 353 -19.54 17.51 51.27
C SER B 353 -18.42 18.39 50.74
N VAL B 354 -17.22 17.83 50.63
CA VAL B 354 -16.03 18.61 50.35
C VAL B 354 -15.04 17.78 49.54
N LEU B 355 -13.96 18.42 49.11
CA LEU B 355 -12.85 17.73 48.50
C LEU B 355 -11.78 17.54 49.56
N ASP B 356 -11.24 16.33 49.64
CA ASP B 356 -10.10 16.07 50.51
C ASP B 356 -8.83 15.74 49.71
N GLY B 357 -8.84 15.96 48.40
CA GLY B 357 -7.65 15.89 47.58
C GLY B 357 -7.93 16.16 46.10
N THR B 358 -6.97 16.76 45.39
CA THR B 358 -7.09 16.95 43.95
C THR B 358 -5.74 16.98 43.27
N GLU B 359 -5.60 16.24 42.18
CA GLU B 359 -4.37 16.23 41.38
C GLU B 359 -4.57 17.09 40.13
N PHE B 360 -3.62 18.02 39.90
CA PHE B 360 -3.63 18.95 38.77
C PHE B 360 -2.57 18.52 37.76
N ALA B 361 -2.98 17.96 36.62
CA ALA B 361 -2.01 17.45 35.66
C ALA B 361 -1.77 18.46 34.55
N TYR B 362 -0.52 18.66 34.20
CA TYR B 362 -0.18 19.68 33.22
C TYR B 362 -0.18 19.13 31.79
N GLY B 363 -0.65 19.99 30.88
CA GLY B 363 -0.50 19.78 29.45
C GLY B 363 0.86 20.29 28.99
N THR B 364 1.65 19.35 28.49
CA THR B 364 3.07 19.52 28.21
C THR B 364 3.52 18.29 27.45
N SER B 365 4.53 18.43 26.61
CA SER B 365 5.11 17.30 25.88
C SER B 365 6.33 16.72 26.61
N SER B 366 6.20 16.59 27.93
CA SER B 366 7.30 16.25 28.82
C SER B 366 6.77 15.49 30.04
N ASN B 367 7.69 14.99 30.88
CA ASN B 367 7.43 14.51 32.28
C ASN B 367 7.46 15.59 33.34
N LEU B 368 6.68 16.65 33.18
CA LEU B 368 6.39 17.43 34.37
C LEU B 368 5.49 16.61 35.28
N PRO B 369 5.85 16.40 36.54
CA PRO B 369 4.92 15.71 37.44
C PRO B 369 3.77 16.62 37.80
N SER B 370 2.62 16.01 38.04
CA SER B 370 1.43 16.79 38.38
C SER B 370 1.54 17.41 39.76
N ALA B 371 0.86 18.54 39.94
CA ALA B 371 0.74 19.15 41.26
C ALA B 371 -0.39 18.48 42.03
N VAL B 372 -0.12 18.17 43.29
CA VAL B 372 -1.03 17.35 44.10
C VAL B 372 -1.40 18.06 45.39
N TYR B 373 -2.69 18.32 45.58
CA TYR B 373 -3.21 18.77 46.87
C TYR B 373 -3.62 17.55 47.67
N ARG B 374 -2.82 17.21 48.70
CA ARG B 374 -3.03 16.07 49.61
C ARG B 374 -2.96 14.70 48.93
N LYS B 375 -3.83 14.47 47.94
CA LYS B 375 -3.89 13.16 47.29
C LYS B 375 -4.73 13.30 46.04
N SER B 376 -4.61 12.29 45.18
CA SER B 376 -5.39 12.25 43.95
C SER B 376 -6.66 11.43 44.17
N GLY B 377 -7.52 11.44 43.16
CA GLY B 377 -8.79 10.76 43.26
C GLY B 377 -9.22 10.19 41.93
N THR B 378 -10.44 9.67 41.87
CA THR B 378 -10.96 9.05 40.67
C THR B 378 -12.07 9.86 40.02
N VAL B 379 -12.47 11.00 40.60
CA VAL B 379 -13.43 11.91 39.97
C VAL B 379 -12.64 12.77 38.98
N ASP B 380 -12.75 12.41 37.69
CA ASP B 380 -11.78 12.74 36.63
C ASP B 380 -12.38 13.73 35.63
N SER B 381 -11.77 14.92 35.54
CA SER B 381 -12.27 15.94 34.62
C SER B 381 -12.14 15.53 33.15
N LEU B 382 -11.27 14.58 32.82
CA LEU B 382 -11.13 14.10 31.45
C LEU B 382 -12.34 13.29 30.97
N ASP B 383 -13.16 12.75 31.88
CA ASP B 383 -14.41 12.08 31.51
C ASP B 383 -15.46 13.07 30.98
N GLU B 384 -15.33 14.35 31.36
CA GLU B 384 -16.25 15.40 30.95
C GLU B 384 -15.61 16.40 30.00
N ILE B 385 -14.30 16.56 30.03
CA ILE B 385 -13.55 17.44 29.13
C ILE B 385 -12.54 16.58 28.38
N PRO B 386 -12.99 15.74 27.44
CA PRO B 386 -12.11 14.68 26.85
C PRO B 386 -11.05 15.23 25.92
N PRO B 387 -10.17 14.37 25.39
CA PRO B 387 -9.18 14.88 24.45
C PRO B 387 -9.84 15.22 23.14
N GLN B 388 -9.27 16.21 22.48
CA GLN B 388 -9.61 16.47 21.09
C GLN B 388 -8.92 15.49 20.15
N ASN B 389 -7.81 14.90 20.60
CA ASN B 389 -6.97 14.00 19.80
C ASN B 389 -6.71 12.76 20.65
N ASN B 390 -7.35 11.66 20.31
CA ASN B 390 -7.23 10.46 21.14
C ASN B 390 -6.09 9.53 20.72
N ASN B 391 -5.34 9.85 19.68
CA ASN B 391 -4.21 9.02 19.27
C ASN B 391 -2.91 9.29 20.03
N VAL B 392 -2.79 10.38 20.77
CA VAL B 392 -1.55 10.70 21.48
C VAL B 392 -1.91 10.80 22.95
N PRO B 393 -0.93 10.75 23.85
CA PRO B 393 -1.25 10.76 25.28
C PRO B 393 -1.95 12.04 25.68
N PRO B 394 -2.86 11.95 26.66
CA PRO B 394 -3.69 13.12 27.00
C PRO B 394 -2.92 14.41 27.23
N ARG B 395 -1.75 14.36 27.86
CA ARG B 395 -1.06 15.60 28.11
C ARG B 395 -0.68 16.33 26.82
N GLN B 396 -0.67 15.65 25.68
CA GLN B 396 -0.47 16.38 24.42
C GLN B 396 -1.74 16.57 23.65
N GLY B 397 -2.72 15.67 23.77
CA GLY B 397 -3.92 15.79 22.95
C GLY B 397 -5.15 16.39 23.61
N PHE B 398 -4.97 17.16 24.68
CA PHE B 398 -6.07 17.72 25.44
C PHE B 398 -6.82 18.79 24.64
N SER B 399 -8.04 19.07 25.08
CA SER B 399 -8.91 20.03 24.43
C SER B 399 -9.06 21.35 25.19
N HIS B 400 -8.93 21.32 26.51
CA HIS B 400 -9.17 22.52 27.30
C HIS B 400 -8.07 22.69 28.31
N ARG B 401 -7.96 23.92 28.79
CA ARG B 401 -7.04 24.35 29.84
C ARG B 401 -7.83 25.00 30.96
N LEU B 402 -7.40 24.79 32.20
CA LEU B 402 -8.06 25.41 33.35
C LEU B 402 -7.82 26.93 33.34
N SER B 403 -8.91 27.68 33.60
CA SER B 403 -8.87 29.14 33.59
C SER B 403 -9.33 29.76 34.90
N HIS B 404 -10.09 29.04 35.70
CA HIS B 404 -10.50 29.58 36.98
C HIS B 404 -10.97 28.47 37.89
N VAL B 405 -11.07 28.78 39.18
CA VAL B 405 -11.74 27.91 40.14
C VAL B 405 -12.62 28.80 41.02
N SER B 406 -13.94 28.73 40.81
CA SER B 406 -14.94 29.44 41.60
C SER B 406 -15.23 28.54 42.81
N MET B 407 -16.22 28.88 43.61
CA MET B 407 -16.65 27.90 44.62
C MET B 407 -18.09 28.12 45.01
N PHE B 408 -18.82 27.02 45.17
CA PHE B 408 -20.11 27.03 45.84
C PHE B 408 -19.92 26.61 47.28
N ARG B 409 -20.09 27.55 48.21
CA ARG B 409 -19.85 27.36 49.63
C ARG B 409 -21.15 27.31 50.40
N SER B 410 -21.16 26.57 51.50
CA SER B 410 -22.28 26.60 52.43
C SER B 410 -21.81 26.18 53.81
N GLY B 411 -22.40 26.80 54.83
CA GLY B 411 -22.10 26.49 56.21
C GLY B 411 -20.78 27.08 56.68
N PHE B 412 -20.66 27.21 57.99
CA PHE B 412 -19.41 27.63 58.62
C PHE B 412 -18.99 26.54 59.60
N SER B 413 -17.78 26.67 60.16
CA SER B 413 -17.18 25.53 60.87
C SER B 413 -17.65 25.38 62.31
N ASN B 414 -18.00 26.44 63.04
CA ASN B 414 -19.05 26.22 64.03
C ASN B 414 -20.31 26.95 63.58
N SER B 415 -21.41 26.57 64.22
CA SER B 415 -22.76 26.73 63.73
C SER B 415 -22.90 25.65 62.69
N SER B 416 -23.90 25.69 61.83
CA SER B 416 -23.95 24.85 60.64
C SER B 416 -23.74 23.34 60.93
N VAL B 417 -24.80 22.56 60.90
CA VAL B 417 -24.60 21.14 61.06
C VAL B 417 -24.07 20.53 59.77
N SER B 418 -24.21 21.23 58.64
CA SER B 418 -23.66 20.72 57.38
C SER B 418 -22.85 21.80 56.67
N ILE B 419 -21.71 21.38 56.13
CA ILE B 419 -20.78 22.25 55.41
C ILE B 419 -20.62 21.71 54.00
N ILE B 420 -20.55 22.63 53.04
CA ILE B 420 -20.35 22.32 51.63
C ILE B 420 -19.22 23.20 51.12
N ARG B 421 -18.14 22.57 50.65
CA ARG B 421 -17.14 23.25 49.84
C ARG B 421 -17.08 22.47 48.53
N ALA B 422 -17.67 23.04 47.48
CA ALA B 422 -17.74 22.43 46.16
C ALA B 422 -17.05 23.39 45.21
N PRO B 423 -15.72 23.27 45.02
CA PRO B 423 -15.04 24.18 44.10
C PRO B 423 -15.52 23.94 42.68
N MET B 424 -15.67 25.02 41.93
CA MET B 424 -16.23 24.98 40.58
C MET B 424 -15.14 25.29 39.56
N PHE B 425 -14.88 24.33 38.69
CA PHE B 425 -13.75 24.41 37.76
C PHE B 425 -14.22 24.96 36.41
N SER B 426 -13.63 26.08 35.99
CA SER B 426 -13.92 26.64 34.68
C SER B 426 -12.82 26.20 33.73
N TRP B 427 -13.22 25.74 32.54
CA TRP B 427 -12.32 25.20 31.54
C TRP B 427 -12.45 26.02 30.25
N ILE B 428 -11.37 26.64 29.83
CA ILE B 428 -11.40 27.36 28.56
C ILE B 428 -10.87 26.45 27.46
N HIS B 429 -11.36 26.64 26.23
CA HIS B 429 -10.89 25.82 25.12
C HIS B 429 -9.48 26.22 24.73
N ARG B 430 -8.73 25.21 24.29
CA ARG B 430 -7.30 25.34 24.02
C ARG B 430 -7.00 26.42 22.98
N SER B 431 -7.91 26.63 22.01
CA SER B 431 -7.69 27.61 20.95
C SER B 431 -7.57 29.04 21.47
N ALA B 432 -7.95 29.29 22.71
CA ALA B 432 -7.87 30.63 23.27
C ALA B 432 -6.41 30.82 23.60
N GLU B 433 -5.68 31.43 22.67
CA GLU B 433 -4.24 31.48 22.80
C GLU B 433 -3.81 32.48 23.86
N PHE B 434 -2.65 32.21 24.48
CA PHE B 434 -2.16 33.08 25.57
C PHE B 434 -1.87 34.47 25.07
N ASN B 435 -1.52 34.61 23.80
CA ASN B 435 -1.15 35.87 23.20
C ASN B 435 -2.04 36.21 22.00
N ASN B 436 -2.08 37.50 21.66
CA ASN B 436 -2.68 37.97 20.42
C ASN B 436 -1.54 38.12 19.45
N ILE B 437 -1.35 37.11 18.62
CA ILE B 437 -0.24 37.09 17.68
C ILE B 437 -0.82 37.22 16.29
N ILE B 438 -0.29 38.19 15.54
CA ILE B 438 -0.70 38.47 14.18
C ILE B 438 0.12 37.60 13.24
N ALA B 439 -0.54 36.67 12.57
CA ALA B 439 0.08 35.89 11.52
C ALA B 439 0.00 36.63 10.20
N SER B 440 1.16 36.87 9.59
CA SER B 440 1.29 36.84 8.14
C SER B 440 0.50 35.65 7.66
N ASP B 441 -0.17 35.81 6.52
CA ASP B 441 -0.74 34.67 5.79
C ASP B 441 -2.08 34.16 6.28
N SER B 442 -2.75 34.87 7.19
CA SER B 442 -4.10 34.46 7.52
C SER B 442 -4.88 35.66 8.02
N ILE B 443 -6.18 35.45 8.21
CA ILE B 443 -7.08 36.48 8.70
C ILE B 443 -7.21 36.25 10.20
N ASN B 444 -6.56 37.12 10.98
CA ASN B 444 -6.45 36.91 12.42
C ASN B 444 -7.74 37.37 13.08
N GLN B 445 -8.43 36.46 13.76
CA GLN B 445 -9.58 36.86 14.55
C GLN B 445 -9.13 37.10 15.98
N ILE B 446 -9.38 38.30 16.47
CA ILE B 446 -9.05 38.67 17.83
C ILE B 446 -10.31 39.15 18.54
N PRO B 447 -11.03 38.26 19.24
CA PRO B 447 -12.19 38.70 20.03
C PRO B 447 -11.78 39.72 21.07
N LEU B 448 -12.66 40.71 21.29
CA LEU B 448 -12.28 41.83 22.12
C LEU B 448 -12.15 41.50 23.60
N VAL B 449 -12.67 40.36 24.06
CA VAL B 449 -12.43 40.02 25.46
C VAL B 449 -10.99 39.56 25.68
N LYS B 450 -10.17 39.57 24.66
CA LYS B 450 -8.76 39.27 24.78
C LYS B 450 -7.94 40.52 25.03
N GLY B 451 -8.59 41.65 25.28
CA GLY B 451 -7.88 42.84 25.71
C GLY B 451 -7.65 42.79 27.19
N PHE B 452 -6.88 43.75 27.71
CA PHE B 452 -6.52 43.69 29.11
C PHE B 452 -7.22 44.70 30.01
N ARG B 453 -7.77 45.76 29.45
CA ARG B 453 -8.44 46.78 30.23
C ARG B 453 -9.80 47.11 29.63
N VAL B 454 -10.82 47.21 30.48
CA VAL B 454 -12.15 47.73 30.14
C VAL B 454 -12.26 49.18 30.64
N TRP B 455 -12.76 50.07 29.79
CA TRP B 455 -12.89 51.45 30.24
C TRP B 455 -14.27 51.67 30.86
N GLY B 456 -14.41 52.77 31.61
CA GLY B 456 -15.66 53.04 32.27
C GLY B 456 -16.78 53.07 31.24
N GLY B 457 -17.91 52.44 31.57
CA GLY B 457 -19.06 52.46 30.68
C GLY B 457 -19.01 51.45 29.55
N THR B 458 -18.00 50.56 29.53
CA THR B 458 -18.02 49.35 28.71
C THR B 458 -18.33 48.17 29.63
N SER B 459 -19.30 47.35 29.25
CA SER B 459 -19.60 46.13 29.99
C SER B 459 -19.11 44.94 29.18
N VAL B 460 -18.75 43.86 29.89
CA VAL B 460 -18.62 42.55 29.25
C VAL B 460 -19.94 41.82 29.49
N ILE B 461 -20.61 41.44 28.42
CA ILE B 461 -21.91 40.82 28.60
C ILE B 461 -21.87 39.43 27.99
N THR B 462 -22.62 38.53 28.61
CA THR B 462 -22.61 37.15 28.18
C THR B 462 -23.10 37.06 26.75
N GLY B 463 -22.34 36.33 25.92
CA GLY B 463 -22.51 36.27 24.48
C GLY B 463 -23.79 35.63 24.00
N PRO B 464 -24.21 35.99 22.78
CA PRO B 464 -25.48 35.48 22.27
C PRO B 464 -25.49 33.96 22.06
N GLY B 465 -24.34 33.35 21.79
CA GLY B 465 -24.35 31.92 21.68
C GLY B 465 -23.64 31.43 20.44
N PHE B 466 -23.41 32.33 19.49
CA PHE B 466 -22.86 31.96 18.18
C PHE B 466 -21.56 32.70 17.87
N THR B 467 -20.99 33.41 18.85
CA THR B 467 -19.66 34.00 18.72
C THR B 467 -18.58 33.15 19.40
N GLY B 468 -18.96 32.10 20.11
CA GLY B 468 -18.02 31.30 20.88
C GLY B 468 -17.32 32.03 22.01
N GLY B 469 -18.01 32.97 22.64
CA GLY B 469 -17.41 33.74 23.70
C GLY B 469 -18.25 34.97 24.01
N ASP B 470 -17.78 35.74 24.98
CA ASP B 470 -18.55 36.91 25.39
C ASP B 470 -18.20 38.09 24.50
N ILE B 471 -18.91 39.20 24.69
CA ILE B 471 -18.72 40.39 23.88
C ILE B 471 -18.77 41.62 24.79
N LEU B 472 -18.58 42.81 24.20
CA LEU B 472 -18.53 44.08 24.93
C LEU B 472 -19.64 45.01 24.45
N ARG B 473 -20.20 45.78 25.40
CA ARG B 473 -21.35 46.66 25.15
C ARG B 473 -21.05 48.08 25.62
N ARG B 474 -21.56 49.07 24.89
CA ARG B 474 -21.57 50.49 25.28
C ARG B 474 -22.94 51.11 25.02
N ASN B 475 -23.47 51.87 25.98
CA ASN B 475 -24.74 52.58 25.79
C ASN B 475 -24.57 54.03 25.33
N THR B 476 -23.58 54.75 25.84
CA THR B 476 -23.19 56.03 25.29
C THR B 476 -21.94 55.82 24.45
N PHE B 477 -21.53 56.85 23.70
CA PHE B 477 -20.23 56.77 23.07
C PHE B 477 -19.13 56.83 24.14
N GLY B 478 -17.95 56.35 23.78
CA GLY B 478 -16.85 56.29 24.72
C GLY B 478 -15.85 55.22 24.32
N ASP B 479 -14.98 54.89 25.27
CA ASP B 479 -13.88 53.96 25.06
C ASP B 479 -14.27 52.52 25.41
N PHE B 480 -13.88 51.58 24.55
CA PHE B 480 -14.18 50.16 24.76
C PHE B 480 -13.09 49.42 25.54
N VAL B 481 -12.00 49.04 24.87
CA VAL B 481 -10.90 48.28 25.47
C VAL B 481 -9.56 48.79 24.98
N SER B 482 -8.51 48.39 25.71
CA SER B 482 -7.15 48.37 25.18
C SER B 482 -6.69 46.92 25.15
N LEU B 483 -5.91 46.57 24.13
CA LEU B 483 -5.33 45.23 24.06
C LEU B 483 -3.89 45.29 23.56
N GLN B 484 -3.16 44.19 23.76
CA GLN B 484 -1.78 44.07 23.35
C GLN B 484 -1.70 43.13 22.16
N VAL B 485 -1.02 43.58 21.11
CA VAL B 485 -0.92 42.83 19.87
C VAL B 485 0.55 42.60 19.57
N ASN B 486 0.84 41.40 19.08
CA ASN B 486 2.19 41.03 18.67
C ASN B 486 2.19 40.78 17.17
N ILE B 487 3.11 41.41 16.45
CA ILE B 487 3.25 41.16 15.02
C ILE B 487 4.56 40.43 14.80
N ASN B 488 4.58 39.61 13.77
CA ASN B 488 5.86 39.00 13.41
C ASN B 488 6.36 39.52 12.08
N SER B 489 6.60 40.82 12.07
CA SER B 489 7.28 41.48 10.99
C SER B 489 7.64 42.90 11.44
N PRO B 490 8.58 43.58 10.73
CA PRO B 490 9.09 44.92 11.14
C PRO B 490 7.97 45.90 11.31
N ILE B 491 8.23 46.93 12.11
CA ILE B 491 7.24 47.95 12.38
C ILE B 491 6.78 48.61 11.07
N THR B 492 7.53 48.41 9.98
CA THR B 492 7.16 48.98 8.68
C THR B 492 5.91 48.37 8.09
N GLN B 493 5.77 47.04 8.19
CA GLN B 493 4.73 46.33 7.42
C GLN B 493 3.34 46.88 7.73
N ARG B 494 2.59 47.12 6.67
CA ARG B 494 1.32 47.80 6.78
C ARG B 494 0.20 46.77 6.84
N TYR B 495 -0.80 47.04 7.70
CA TYR B 495 -1.89 46.12 8.02
C TYR B 495 -3.24 46.77 7.72
N ARG B 496 -4.28 45.95 7.67
CA ARG B 496 -5.61 46.54 7.56
C ARG B 496 -6.49 45.77 8.56
N LEU B 497 -7.61 46.36 9.00
CA LEU B 497 -8.43 45.68 10.01
C LEU B 497 -9.91 45.95 9.74
N ARG B 498 -10.77 44.97 10.09
CA ARG B 498 -12.21 45.12 9.98
C ARG B 498 -12.82 44.77 11.33
N PHE B 499 -14.10 45.10 11.50
CA PHE B 499 -14.84 44.81 12.73
C PHE B 499 -16.00 43.88 12.43
N ARG B 500 -16.43 43.13 13.45
CA ARG B 500 -17.72 42.44 13.43
C ARG B 500 -18.49 42.93 14.63
N TYR B 501 -19.59 43.65 14.40
CA TYR B 501 -20.27 44.45 15.42
C TYR B 501 -21.78 44.36 15.24
N ALA B 502 -22.51 44.82 16.25
CA ALA B 502 -23.96 44.94 16.18
C ALA B 502 -24.40 46.18 16.93
N SER B 503 -25.23 47.04 16.32
CA SER B 503 -25.66 48.24 17.05
C SER B 503 -27.00 48.75 16.55
N SER B 504 -27.78 49.32 17.49
CA SER B 504 -29.05 49.98 17.21
C SER B 504 -28.89 51.51 17.06
N ARG B 505 -27.72 51.95 16.62
CA ARG B 505 -27.42 53.37 16.48
C ARG B 505 -26.42 53.50 15.33
N ASP B 506 -26.29 54.70 14.79
CA ASP B 506 -25.15 54.98 13.92
C ASP B 506 -24.00 55.54 14.75
N ALA B 507 -22.78 55.10 14.45
CA ALA B 507 -21.61 55.65 15.11
C ALA B 507 -20.38 55.43 14.23
N ARG B 508 -19.27 55.99 14.73
CA ARG B 508 -17.92 55.84 14.19
C ARG B 508 -17.06 55.17 15.25
N VAL B 509 -16.15 54.31 14.80
CA VAL B 509 -15.21 53.64 15.70
C VAL B 509 -13.80 53.98 15.22
N ILE B 510 -12.91 54.19 16.18
CA ILE B 510 -11.53 54.57 15.90
C ILE B 510 -10.58 53.70 16.73
N VAL B 511 -9.42 53.38 16.15
CA VAL B 511 -8.37 52.59 16.80
C VAL B 511 -7.12 53.43 16.91
N LEU B 512 -6.59 53.55 18.12
CA LEU B 512 -5.33 54.23 18.38
C LEU B 512 -4.19 53.23 18.47
N THR B 513 -2.94 53.72 18.25
CA THR B 513 -1.76 52.86 18.22
C THR B 513 -0.63 53.30 19.18
N GLY B 514 -0.83 54.33 19.99
CA GLY B 514 0.09 54.72 21.06
C GLY B 514 0.26 53.75 22.22
N ALA B 515 1.26 52.91 22.09
CA ALA B 515 1.55 51.96 23.17
C ALA B 515 1.77 52.74 24.47
N ALA B 516 0.79 52.72 25.36
CA ALA B 516 1.02 53.17 26.73
C ALA B 516 0.53 52.02 27.59
N SER B 517 1.45 51.15 28.06
CA SER B 517 1.00 49.95 28.76
C SER B 517 0.26 50.31 30.04
N THR B 518 -0.94 50.84 29.84
CA THR B 518 -1.89 51.36 30.79
C THR B 518 -3.12 51.53 29.90
N GLY B 519 -2.83 51.67 28.58
CA GLY B 519 -3.82 51.88 27.55
C GLY B 519 -4.09 53.32 27.14
N VAL B 520 -3.74 54.32 27.98
CA VAL B 520 -4.15 55.72 27.76
C VAL B 520 -3.32 56.37 26.65
N GLY B 521 -4.01 57.01 25.70
CA GLY B 521 -3.31 57.74 24.67
C GLY B 521 -2.90 56.88 23.49
N GLY B 522 -2.94 57.44 22.30
CA GLY B 522 -2.47 56.69 21.15
C GLY B 522 -2.25 57.58 19.95
N GLN B 523 -2.26 57.00 18.75
CA GLN B 523 -2.30 57.83 17.56
C GLN B 523 -3.45 57.26 16.75
N VAL B 524 -4.36 58.09 16.27
CA VAL B 524 -5.47 57.49 15.52
C VAL B 524 -4.96 56.95 14.17
N SER B 525 -5.16 55.65 13.94
CA SER B 525 -4.72 54.92 12.73
C SER B 525 -5.88 54.36 11.92
N VAL B 526 -7.07 54.24 12.51
CA VAL B 526 -8.23 53.68 11.83
C VAL B 526 -9.44 54.48 12.25
N ASN B 527 -10.19 55.00 11.27
CA ASN B 527 -11.43 55.74 11.51
C ASN B 527 -12.48 55.14 10.58
N MET B 528 -13.58 54.64 11.15
CA MET B 528 -14.49 53.90 10.31
C MET B 528 -15.93 54.14 10.75
N PRO B 529 -16.88 54.18 9.81
CA PRO B 529 -18.29 54.34 10.18
C PRO B 529 -18.99 52.99 10.28
N LEU B 530 -19.97 52.92 11.19
CA LEU B 530 -20.69 51.69 11.51
C LEU B 530 -22.19 51.87 11.29
N GLN B 531 -22.77 51.12 10.37
CA GLN B 531 -24.19 51.32 10.14
C GLN B 531 -25.01 50.68 11.24
N LYS B 532 -26.18 51.28 11.47
CA LYS B 532 -27.20 50.67 12.31
C LYS B 532 -27.49 49.26 11.81
N THR B 533 -27.66 48.31 12.73
CA THR B 533 -27.99 46.94 12.38
C THR B 533 -29.23 46.39 13.05
N MET B 534 -29.80 47.09 14.04
CA MET B 534 -30.92 46.55 14.77
C MET B 534 -31.78 47.71 15.26
N GLU B 535 -32.98 47.35 15.75
CA GLU B 535 -33.82 48.30 16.46
C GLU B 535 -33.63 48.14 17.97
N ILE B 536 -33.87 49.23 18.71
CA ILE B 536 -33.62 49.22 20.15
C ILE B 536 -34.48 48.14 20.76
N GLY B 537 -33.86 47.16 21.39
CA GLY B 537 -34.63 46.15 22.10
C GLY B 537 -34.85 44.87 21.30
N GLU B 538 -34.27 44.79 20.12
CA GLU B 538 -34.31 43.56 19.36
C GLU B 538 -33.34 42.56 20.00
N ASN B 539 -33.57 41.28 19.72
CA ASN B 539 -32.66 40.24 20.20
C ASN B 539 -31.46 40.14 19.26
N LEU B 540 -30.35 39.67 19.81
CA LEU B 540 -29.11 39.60 19.05
C LEU B 540 -29.10 38.28 18.27
N THR B 541 -29.57 38.31 17.04
CA THR B 541 -29.47 37.13 16.20
C THR B 541 -28.34 37.34 15.20
N SER B 542 -28.03 36.28 14.45
CA SER B 542 -26.86 36.32 13.57
C SER B 542 -26.95 37.49 12.60
N ARG B 543 -28.16 37.86 12.19
CA ARG B 543 -28.32 38.93 11.21
C ARG B 543 -28.06 40.31 11.79
N THR B 544 -28.12 40.48 13.10
CA THR B 544 -27.85 41.78 13.67
C THR B 544 -26.37 42.09 13.73
N PHE B 545 -25.51 41.15 13.34
CA PHE B 545 -24.07 41.35 13.30
C PHE B 545 -23.60 41.58 11.86
N ARG B 546 -22.68 42.54 11.66
CA ARG B 546 -22.18 42.91 10.34
C ARG B 546 -20.67 43.08 10.39
N TYR B 547 -20.04 43.00 9.22
CA TYR B 547 -18.62 43.22 9.05
C TYR B 547 -18.36 44.61 8.45
N THR B 548 -17.36 45.33 8.97
CA THR B 548 -16.82 46.49 8.26
C THR B 548 -16.09 46.10 6.97
N ASP B 549 -15.79 47.11 6.17
CA ASP B 549 -14.75 46.90 5.19
C ASP B 549 -13.43 46.90 5.91
N PHE B 550 -12.37 46.55 5.19
CA PHE B 550 -11.06 46.72 5.75
C PHE B 550 -10.64 48.19 5.73
N SER B 551 -9.60 48.51 6.49
CA SER B 551 -9.54 49.74 7.27
C SER B 551 -8.91 50.96 6.60
N ASN B 552 -8.12 50.81 5.50
CA ASN B 552 -7.13 51.77 4.96
C ASN B 552 -5.80 51.32 5.56
N PRO B 553 -4.76 51.11 4.77
CA PRO B 553 -3.53 50.53 5.35
C PRO B 553 -2.96 51.42 6.45
N PHE B 554 -2.50 50.78 7.51
CA PHE B 554 -1.84 51.46 8.62
C PHE B 554 -0.75 50.55 9.15
N SER B 555 0.14 51.13 9.96
CA SER B 555 1.21 50.37 10.60
C SER B 555 1.16 50.54 12.10
N PHE B 556 1.76 49.58 12.77
CA PHE B 556 1.89 49.65 14.21
C PHE B 556 3.06 50.59 14.55
N ARG B 557 3.25 50.81 15.85
CA ARG B 557 4.35 51.67 16.25
C ARG B 557 5.43 50.95 17.04
N ALA B 558 5.07 50.13 18.02
CA ALA B 558 5.98 49.27 18.78
C ALA B 558 5.69 47.83 18.41
N ASN B 559 6.63 46.93 18.68
CA ASN B 559 6.25 45.61 18.13
C ASN B 559 5.57 44.66 19.11
N PRO B 560 5.65 44.90 20.36
CA PRO B 560 4.49 44.56 21.17
C PRO B 560 3.68 45.86 21.23
N ASP B 561 2.67 46.02 20.39
CA ASP B 561 1.93 47.28 20.38
C ASP B 561 0.64 47.18 21.20
N ILE B 562 0.20 48.33 21.69
CA ILE B 562 -1.00 48.41 22.52
C ILE B 562 -1.97 49.34 21.83
N ILE B 563 -3.10 48.79 21.39
CA ILE B 563 -4.09 49.53 20.64
C ILE B 563 -5.26 49.84 21.55
N GLY B 564 -5.99 50.87 21.17
CA GLY B 564 -7.21 51.24 21.89
C GLY B 564 -8.37 51.39 20.93
N ILE B 565 -9.52 50.90 21.35
CA ILE B 565 -10.73 50.93 20.54
C ILE B 565 -11.72 51.82 21.25
N SER B 566 -12.05 52.94 20.63
CA SER B 566 -12.93 53.93 21.23
C SER B 566 -14.00 54.27 20.21
N GLU B 567 -15.08 54.85 20.69
CA GLU B 567 -16.16 55.11 19.78
C GLU B 567 -16.74 56.46 20.09
N GLN B 568 -16.61 57.33 19.13
CA GLN B 568 -16.83 58.73 19.17
C GLN B 568 -18.09 58.96 18.37
N PRO B 569 -18.84 59.98 18.69
CA PRO B 569 -20.15 60.13 18.06
C PRO B 569 -20.01 60.48 16.60
N LEU B 570 -20.88 59.90 15.79
CA LEU B 570 -20.90 60.21 14.38
C LEU B 570 -21.41 61.63 14.21
N PHE B 571 -20.78 62.38 13.31
CA PHE B 571 -21.24 63.73 12.95
C PHE B 571 -21.20 64.71 14.13
N GLY B 572 -20.26 64.57 15.08
CA GLY B 572 -20.12 65.52 16.17
C GLY B 572 -21.18 65.40 17.25
N ALA B 573 -22.26 64.67 16.96
CA ALA B 573 -23.39 64.27 17.81
C ALA B 573 -24.35 65.36 18.25
N GLY B 574 -23.82 66.41 18.87
CA GLY B 574 -24.67 67.19 19.73
C GLY B 574 -25.01 66.40 20.96
N SER B 575 -24.28 65.29 21.18
CA SER B 575 -24.42 64.35 22.30
C SER B 575 -25.80 63.67 22.30
N ILE B 576 -26.36 63.48 21.11
CA ILE B 576 -27.50 62.58 20.93
C ILE B 576 -26.94 61.25 20.39
N SER B 577 -27.08 60.19 21.21
CA SER B 577 -26.35 58.92 21.09
C SER B 577 -26.97 57.94 22.05
N SER B 578 -28.12 57.36 21.67
CA SER B 578 -28.80 56.39 22.50
C SER B 578 -29.12 55.12 21.73
N GLY B 579 -29.14 54.02 22.46
CA GLY B 579 -29.11 52.66 21.99
C GLY B 579 -27.85 51.98 22.48
N GLU B 580 -27.57 50.80 21.93
CA GLU B 580 -26.43 50.01 22.35
C GLU B 580 -25.49 49.78 21.17
N LEU B 581 -24.19 49.67 21.43
CA LEU B 581 -23.25 49.06 20.48
C LEU B 581 -22.55 47.87 21.13
N TYR B 582 -22.58 46.73 20.44
CA TYR B 582 -21.82 45.54 20.79
C TYR B 582 -20.70 45.37 19.77
N ILE B 583 -19.48 45.13 20.25
CA ILE B 583 -18.41 44.71 19.37
C ILE B 583 -17.92 43.34 19.83
N ASP B 584 -17.82 42.42 18.88
CA ASP B 584 -17.39 41.06 19.10
C ASP B 584 -15.90 40.89 18.80
N LYS B 585 -15.51 41.25 17.58
CA LYS B 585 -14.30 40.77 16.95
C LYS B 585 -13.65 41.90 16.19
N ILE B 586 -12.33 41.96 16.24
CA ILE B 586 -11.54 42.64 15.21
C ILE B 586 -10.76 41.58 14.42
N GLU B 587 -10.55 41.84 13.14
CA GLU B 587 -9.81 40.92 12.29
C GLU B 587 -8.75 41.72 11.56
N ILE B 588 -7.54 41.15 11.39
CA ILE B 588 -6.40 41.88 10.84
C ILE B 588 -5.79 41.10 9.67
N ILE B 589 -5.47 41.80 8.56
CA ILE B 589 -4.67 41.27 7.44
C ILE B 589 -3.52 42.23 7.10
N LEU B 590 -2.65 41.78 6.18
CA LEU B 590 -1.54 42.58 5.66
C LEU B 590 -1.97 43.49 4.50
N ALA B 591 -0.99 43.97 3.74
CA ALA B 591 -1.18 44.77 2.53
C ALA B 591 -2.31 44.26 1.61
N GLY C 4 -18.57 -18.69 4.37
CA GLY C 4 -18.29 -20.12 4.40
C GLY C 4 -16.81 -20.54 4.31
N ASN C 5 -16.19 -20.67 5.47
CA ASN C 5 -14.82 -21.19 5.60
C ASN C 5 -14.86 -22.53 6.30
N THR C 6 -15.71 -23.43 5.78
CA THR C 6 -15.87 -24.79 6.29
C THR C 6 -14.47 -25.38 6.53
N PRO C 7 -14.31 -26.21 7.55
CA PRO C 7 -13.05 -26.97 7.64
C PRO C 7 -12.76 -27.74 6.38
N ILE C 8 -13.81 -28.27 5.74
CA ILE C 8 -13.65 -28.95 4.46
C ILE C 8 -13.19 -27.95 3.41
N ASP C 9 -13.74 -26.72 3.44
CA ASP C 9 -13.29 -25.71 2.49
C ASP C 9 -11.79 -25.51 2.58
N ILE C 10 -11.30 -25.24 3.79
CA ILE C 10 -9.89 -24.90 4.00
C ILE C 10 -9.01 -26.05 3.57
N SER C 11 -9.39 -27.29 3.92
CA SER C 11 -8.55 -28.45 3.60
C SER C 11 -8.46 -28.66 2.11
N LEU C 12 -9.52 -28.29 1.38
CA LEU C 12 -9.47 -28.33 -0.09
C LEU C 12 -8.59 -27.19 -0.63
N SER C 13 -8.72 -25.99 -0.04
CA SER C 13 -7.84 -24.88 -0.40
C SER C 13 -6.39 -25.24 -0.19
N LEU C 14 -6.11 -26.02 0.85
CA LEU C 14 -4.77 -26.49 1.16
C LEU C 14 -4.33 -27.64 0.25
N THR C 15 -5.22 -28.60 0.01
CA THR C 15 -4.91 -29.70 -0.91
C THR C 15 -4.53 -29.15 -2.28
N GLN C 16 -5.27 -28.13 -2.74
CA GLN C 16 -4.93 -27.56 -4.03
C GLN C 16 -3.55 -26.93 -4.00
N PHE C 17 -3.21 -26.30 -2.88
CA PHE C 17 -1.90 -25.68 -2.78
C PHE C 17 -0.80 -26.73 -2.77
N LEU C 18 -0.89 -27.70 -1.85
CA LEU C 18 0.11 -28.76 -1.73
C LEU C 18 0.29 -29.57 -2.99
N LEU C 19 -0.74 -29.67 -3.84
CA LEU C 19 -0.60 -30.48 -5.05
C LEU C 19 0.18 -29.75 -6.15
N SER C 20 0.03 -28.43 -6.27
CA SER C 20 0.58 -27.62 -7.35
C SER C 20 1.88 -26.90 -6.97
N GLU C 21 1.91 -26.29 -5.79
CA GLU C 21 3.03 -25.45 -5.40
C GLU C 21 3.86 -26.12 -4.31
N PHE C 22 4.51 -27.25 -4.62
CA PHE C 22 5.15 -27.97 -3.52
C PHE C 22 6.55 -27.45 -3.19
N VAL C 23 7.37 -27.05 -4.17
CA VAL C 23 8.79 -26.74 -3.92
C VAL C 23 9.11 -25.86 -2.71
N PRO C 24 10.09 -26.26 -1.91
CA PRO C 24 10.42 -25.48 -0.72
C PRO C 24 10.94 -24.12 -1.10
N GLY C 25 10.73 -23.17 -0.21
CA GLY C 25 11.11 -21.79 -0.45
C GLY C 25 10.15 -20.84 0.24
N ALA C 26 10.29 -19.55 -0.12
CA ALA C 26 9.48 -18.52 0.50
C ALA C 26 8.00 -18.67 0.13
N GLY C 27 7.72 -19.09 -1.11
CA GLY C 27 6.33 -19.25 -1.52
C GLY C 27 5.56 -20.26 -0.67
N PHE C 28 6.19 -21.41 -0.37
CA PHE C 28 5.54 -22.44 0.46
C PHE C 28 5.27 -21.94 1.88
N VAL C 29 6.23 -21.27 2.49
CA VAL C 29 5.98 -20.73 3.82
C VAL C 29 4.81 -19.75 3.76
N LEU C 30 4.78 -18.88 2.74
CA LEU C 30 3.68 -17.93 2.58
C LEU C 30 2.34 -18.66 2.43
N GLY C 31 2.34 -19.81 1.75
CA GLY C 31 1.12 -20.56 1.53
C GLY C 31 0.54 -21.16 2.79
N LEU C 32 1.39 -21.68 3.68
CA LEU C 32 0.82 -22.22 4.91
C LEU C 32 0.21 -21.12 5.77
N ILE C 33 0.79 -19.92 5.73
CA ILE C 33 0.23 -18.81 6.51
C ILE C 33 -1.12 -18.39 5.94
N ASP C 34 -1.19 -18.20 4.61
CA ASP C 34 -2.43 -17.71 4.01
C ASP C 34 -3.59 -18.68 4.22
N LEU C 35 -3.34 -20.00 4.10
CA LEU C 35 -4.44 -20.96 4.13
C LEU C 35 -4.80 -21.45 5.52
N ILE C 36 -3.85 -21.46 6.46
CA ILE C 36 -4.16 -22.03 7.77
C ILE C 36 -3.55 -21.23 8.91
N TRP C 37 -2.22 -21.15 8.93
CA TRP C 37 -1.52 -20.75 10.15
C TRP C 37 -1.38 -19.26 10.31
N GLY C 38 -1.95 -18.47 9.40
CA GLY C 38 -2.00 -17.05 9.66
C GLY C 38 -3.15 -16.65 10.56
N PHE C 39 -4.14 -17.51 10.68
CA PHE C 39 -5.35 -17.17 11.41
C PHE C 39 -5.01 -16.96 12.88
N VAL C 40 -5.52 -15.88 13.44
CA VAL C 40 -5.29 -15.51 14.82
C VAL C 40 -6.52 -15.88 15.61
N GLY C 41 -6.34 -16.60 16.71
CA GLY C 41 -7.45 -16.85 17.58
C GLY C 41 -8.02 -18.25 17.51
N PRO C 42 -9.17 -18.45 18.18
CA PRO C 42 -9.73 -19.78 18.38
C PRO C 42 -10.82 -20.16 17.39
N SER C 43 -11.46 -19.19 16.74
CA SER C 43 -12.65 -19.47 15.93
C SER C 43 -12.47 -20.67 15.01
N GLN C 44 -11.33 -20.70 14.31
CA GLN C 44 -11.01 -21.73 13.32
C GLN C 44 -10.75 -23.12 13.93
N TRP C 45 -9.89 -23.19 14.94
CA TRP C 45 -9.62 -24.48 15.58
C TRP C 45 -10.86 -25.00 16.30
N ASP C 46 -11.71 -24.11 16.83
CA ASP C 46 -12.99 -24.56 17.36
C ASP C 46 -13.82 -25.22 16.25
N ALA C 47 -13.75 -24.69 15.05
CA ALA C 47 -14.55 -25.26 13.97
C ALA C 47 -14.06 -26.66 13.61
N PHE C 48 -12.74 -26.85 13.50
CA PHE C 48 -12.20 -28.16 13.14
C PHE C 48 -12.67 -29.24 14.11
N LEU C 49 -12.54 -28.98 15.41
CA LEU C 49 -13.00 -29.98 16.38
C LEU C 49 -14.50 -30.19 16.28
N ALA C 50 -15.26 -29.10 16.14
CA ALA C 50 -16.71 -29.18 16.07
C ALA C 50 -17.16 -30.10 14.95
N GLN C 51 -16.44 -30.13 13.83
CA GLN C 51 -16.93 -30.89 12.68
C GLN C 51 -16.87 -32.40 12.96
N VAL C 52 -15.76 -32.88 13.53
CA VAL C 52 -15.67 -34.31 13.84
C VAL C 52 -16.50 -34.63 15.07
N GLU C 53 -16.61 -33.68 16.00
CA GLU C 53 -17.48 -33.84 17.16
C GLU C 53 -18.91 -34.12 16.71
N GLN C 54 -19.47 -33.23 15.85
CA GLN C 54 -20.83 -33.40 15.36
C GLN C 54 -21.03 -34.68 14.56
N LEU C 55 -19.94 -35.23 14.02
CA LEU C 55 -20.06 -36.40 13.16
C LEU C 55 -20.28 -37.68 13.96
N ILE C 56 -19.55 -37.87 15.05
CA ILE C 56 -19.72 -39.08 15.86
C ILE C 56 -20.45 -38.80 17.16
N ASN C 57 -20.98 -37.58 17.32
CA ASN C 57 -21.88 -37.24 18.42
C ASN C 57 -21.23 -37.41 19.79
N GLN C 58 -20.02 -36.87 19.94
CA GLN C 58 -19.35 -36.80 21.23
C GLN C 58 -18.53 -35.53 21.30
N ARG C 59 -18.93 -34.60 22.15
CA ARG C 59 -18.09 -33.41 22.32
C ARG C 59 -16.91 -33.80 23.22
N ILE C 60 -15.75 -33.20 22.96
CA ILE C 60 -14.55 -33.49 23.75
C ILE C 60 -14.71 -32.91 25.14
N ALA C 61 -14.41 -33.72 26.17
CA ALA C 61 -14.27 -33.24 27.54
C ALA C 61 -13.60 -31.88 27.55
N GLU C 62 -14.20 -30.92 28.29
CA GLU C 62 -13.88 -29.50 28.06
C GLU C 62 -12.46 -29.11 28.51
N ALA C 63 -11.91 -29.76 29.54
CA ALA C 63 -10.52 -29.48 29.91
C ALA C 63 -9.56 -29.79 28.77
N VAL C 64 -9.71 -30.99 28.18
CA VAL C 64 -8.88 -31.43 27.06
C VAL C 64 -9.13 -30.57 25.83
N ARG C 65 -10.40 -30.22 25.58
CA ARG C 65 -10.75 -29.48 24.38
C ARG C 65 -10.10 -28.10 24.40
N ASN C 66 -10.12 -27.43 25.55
CA ASN C 66 -9.59 -26.08 25.55
C ASN C 66 -8.06 -26.11 25.45
N THR C 67 -7.43 -27.11 26.07
CA THR C 67 -5.97 -27.21 25.95
C THR C 67 -5.54 -27.37 24.50
N ALA C 68 -6.26 -28.21 23.74
CA ALA C 68 -5.93 -28.41 22.34
C ALA C 68 -6.03 -27.11 21.55
N ILE C 69 -7.13 -26.38 21.75
CA ILE C 69 -7.31 -25.12 21.03
C ILE C 69 -6.23 -24.13 21.43
N GLN C 70 -5.91 -24.05 22.73
CA GLN C 70 -4.98 -23.02 23.19
C GLN C 70 -3.56 -23.34 22.76
N GLU C 71 -3.24 -24.63 22.61
CA GLU C 71 -1.94 -25.06 22.10
C GLU C 71 -1.85 -24.95 20.59
N LEU C 72 -2.95 -25.15 19.88
CA LEU C 72 -2.96 -24.85 18.46
C LEU C 72 -2.70 -23.37 18.24
N GLU C 73 -3.40 -22.51 18.99
CA GLU C 73 -3.13 -21.07 18.94
C GLU C 73 -1.64 -20.78 19.14
N GLY C 74 -1.01 -21.46 20.10
CA GLY C 74 0.43 -21.28 20.28
C GLY C 74 1.23 -21.70 19.07
N MET C 75 0.89 -22.86 18.49
CA MET C 75 1.57 -23.34 17.29
C MET C 75 1.50 -22.33 16.16
N ALA C 76 0.32 -21.71 15.97
CA ALA C 76 0.18 -20.66 14.95
C ALA C 76 1.08 -19.47 15.25
N ARG C 77 1.26 -19.14 16.54
CA ARG C 77 2.04 -17.95 16.89
C ARG C 77 3.51 -18.15 16.54
N VAL C 78 4.08 -19.29 16.92
CA VAL C 78 5.50 -19.49 16.65
C VAL C 78 5.76 -19.75 15.18
N TYR C 79 4.80 -20.31 14.44
CA TYR C 79 5.01 -20.39 13.00
C TYR C 79 4.99 -18.99 12.37
N ARG C 80 4.05 -18.15 12.80
CA ARG C 80 3.97 -16.80 12.24
C ARG C 80 5.30 -16.08 12.36
N THR C 81 5.99 -16.28 13.49
CA THR C 81 7.27 -15.63 13.73
C THR C 81 8.38 -16.25 12.91
N TYR C 82 8.37 -17.57 12.80
CA TYR C 82 9.30 -18.26 11.93
C TYR C 82 9.13 -17.80 10.49
N ALA C 83 7.88 -17.58 10.06
CA ALA C 83 7.63 -17.23 8.68
C ALA C 83 8.21 -15.85 8.35
N THR C 84 8.02 -14.86 9.24
CA THR C 84 8.59 -13.54 8.94
C THR C 84 10.11 -13.60 8.99
N ALA C 85 10.67 -14.37 9.93
CA ALA C 85 12.11 -14.64 9.95
C ALA C 85 12.56 -15.28 8.63
N PHE C 86 11.76 -16.22 8.11
CA PHE C 86 12.07 -16.81 6.80
C PHE C 86 12.00 -15.77 5.69
N ALA C 87 11.00 -14.89 5.76
CA ALA C 87 10.80 -13.91 4.70
C ALA C 87 11.95 -12.91 4.63
N GLU C 88 12.48 -12.50 5.79
CA GLU C 88 13.59 -11.54 5.77
C GLU C 88 14.87 -12.19 5.27
N TRP C 89 15.10 -13.45 5.66
CA TRP C 89 16.33 -14.12 5.26
C TRP C 89 16.44 -14.21 3.76
N GLU C 90 15.31 -14.40 3.06
CA GLU C 90 15.38 -14.62 1.62
C GLU C 90 15.74 -13.34 0.86
N ARG C 91 15.68 -12.18 1.53
CA ARG C 91 16.07 -10.94 0.88
C ARG C 91 17.57 -10.73 0.81
N ALA C 92 18.32 -11.29 1.79
CA ALA C 92 19.79 -11.25 1.79
C ALA C 92 20.28 -12.58 2.32
N PRO C 93 20.07 -13.66 1.58
CA PRO C 93 20.27 -14.99 2.15
C PRO C 93 21.71 -15.35 2.52
N ASP C 94 22.73 -14.62 2.01
CA ASP C 94 24.12 -14.86 2.39
C ASP C 94 24.54 -14.09 3.66
N ASP C 95 23.70 -13.15 4.12
CA ASP C 95 23.91 -12.35 5.32
C ASP C 95 23.98 -13.22 6.58
N PRO C 96 25.08 -13.18 7.33
CA PRO C 96 25.21 -14.06 8.51
C PRO C 96 24.31 -13.68 9.67
N GLU C 97 23.77 -12.46 9.70
CA GLU C 97 22.94 -12.11 10.83
C GLU C 97 21.52 -12.61 10.60
N LEU C 98 21.04 -12.50 9.36
CA LEU C 98 19.78 -13.12 8.98
C LEU C 98 19.87 -14.63 9.08
N ARG C 99 20.98 -15.23 8.61
CA ARG C 99 21.20 -16.66 8.73
C ARG C 99 21.08 -17.08 10.18
N GLU C 100 21.70 -16.32 11.09
CA GLU C 100 21.63 -16.70 12.49
C GLU C 100 20.22 -16.51 13.06
N ALA C 101 19.46 -15.56 12.54
CA ALA C 101 18.12 -15.35 13.11
C ALA C 101 17.18 -16.49 12.77
N LEU C 102 17.20 -16.97 11.51
CA LEU C 102 16.36 -18.10 11.12
C LEU C 102 16.80 -19.37 11.84
N ARG C 103 18.11 -19.53 12.03
CA ARG C 103 18.62 -20.68 12.77
C ARG C 103 18.02 -20.71 14.17
N THR C 104 18.12 -19.59 14.89
CA THR C 104 17.51 -19.48 16.22
C THR C 104 16.00 -19.67 16.15
N GLN C 105 15.34 -18.89 15.27
CA GLN C 105 13.89 -18.92 15.28
C GLN C 105 13.36 -20.27 14.83
N PHE C 106 14.07 -20.95 13.93
CA PHE C 106 13.60 -22.28 13.58
C PHE C 106 13.57 -23.20 14.80
N THR C 107 14.69 -23.31 15.53
CA THR C 107 14.79 -24.29 16.61
C THR C 107 13.75 -24.04 17.70
N ALA C 108 13.35 -22.78 17.89
CA ALA C 108 12.31 -22.47 18.87
C ALA C 108 10.95 -23.01 18.45
N THR C 109 10.57 -22.81 17.19
CA THR C 109 9.24 -23.23 16.75
C THR C 109 9.16 -24.74 16.45
N GLU C 110 10.26 -25.37 15.99
CA GLU C 110 10.23 -26.82 15.76
C GLU C 110 10.08 -27.59 17.07
N THR C 111 10.84 -27.19 18.10
CA THR C 111 10.68 -27.76 19.44
C THR C 111 9.32 -27.46 20.08
N TYR C 112 8.78 -26.25 19.88
CA TYR C 112 7.46 -25.94 20.42
C TYR C 112 6.39 -26.85 19.79
N ILE C 113 6.46 -27.05 18.48
CA ILE C 113 5.49 -27.88 17.78
C ILE C 113 5.74 -29.37 18.06
N SER C 114 6.99 -29.81 17.95
CA SER C 114 7.36 -31.15 18.39
C SER C 114 6.74 -31.50 19.75
N GLY C 115 6.90 -30.62 20.73
CA GLY C 115 6.51 -30.98 22.09
C GLY C 115 5.02 -31.01 22.34
N ARG C 116 4.25 -30.15 21.70
CA ARG C 116 2.89 -29.95 22.14
C ARG C 116 1.85 -30.62 21.26
N ILE C 117 2.30 -31.36 20.23
CA ILE C 117 1.36 -32.15 19.45
C ILE C 117 0.77 -33.29 20.30
N SER C 118 1.49 -33.71 21.35
CA SER C 118 0.90 -34.59 22.37
C SER C 118 -0.57 -34.21 22.64
N VAL C 119 -0.83 -32.91 22.80
CA VAL C 119 -2.15 -32.49 23.22
C VAL C 119 -3.18 -32.73 22.14
N LEU C 120 -2.75 -33.07 20.94
CA LEU C 120 -3.66 -33.35 19.84
C LEU C 120 -3.90 -34.84 19.66
N LYS C 121 -3.34 -35.68 20.53
CA LYS C 121 -3.51 -37.11 20.44
C LYS C 121 -4.39 -37.64 21.55
N ILE C 122 -4.18 -37.16 22.77
CA ILE C 122 -4.94 -37.50 23.98
C ILE C 122 -5.92 -38.67 23.88
N GLN C 123 -5.72 -39.59 24.77
CA GLN C 123 -6.30 -40.90 24.71
C GLN C 123 -7.82 -40.87 24.96
N THR C 124 -8.61 -41.55 24.09
CA THR C 124 -10.09 -41.64 23.96
C THR C 124 -10.74 -40.50 23.17
N PHE C 125 -9.97 -39.46 22.82
CA PHE C 125 -10.47 -38.37 21.97
C PHE C 125 -9.67 -38.31 20.68
N GLU C 126 -8.94 -39.39 20.38
CA GLU C 126 -8.05 -39.43 19.22
C GLU C 126 -8.81 -39.10 17.95
N VAL C 127 -10.02 -39.66 17.78
CA VAL C 127 -10.76 -39.40 16.55
C VAL C 127 -11.22 -37.96 16.47
N GLN C 128 -11.93 -37.48 17.50
CA GLN C 128 -12.43 -36.10 17.47
C GLN C 128 -11.32 -35.11 17.22
N LEU C 129 -10.09 -35.40 17.65
CA LEU C 129 -8.92 -34.55 17.47
C LEU C 129 -8.16 -34.84 16.17
N LEU C 130 -8.63 -35.77 15.35
CA LEU C 130 -7.86 -36.30 14.23
C LEU C 130 -7.60 -35.24 13.16
N SER C 131 -8.60 -34.42 12.84
CA SER C 131 -8.46 -33.43 11.78
C SER C 131 -7.51 -32.32 12.18
N VAL C 132 -7.51 -31.95 13.46
CA VAL C 132 -6.56 -30.93 13.89
C VAL C 132 -5.17 -31.49 14.08
N PHE C 133 -5.04 -32.74 14.54
CA PHE C 133 -3.73 -33.37 14.58
C PHE C 133 -3.11 -33.42 13.19
N ALA C 134 -3.92 -33.73 12.17
CA ALA C 134 -3.40 -33.83 10.81
C ALA C 134 -2.84 -32.50 10.33
N GLN C 135 -3.50 -31.39 10.71
CA GLN C 135 -3.00 -30.07 10.39
C GLN C 135 -1.66 -29.81 11.07
N ALA C 136 -1.56 -30.14 12.35
CA ALA C 136 -0.33 -29.83 13.08
C ALA C 136 0.80 -30.74 12.61
N ALA C 137 0.50 -32.01 12.37
CA ALA C 137 1.51 -32.92 11.85
C ALA C 137 2.02 -32.43 10.51
N ASN C 138 1.11 -31.95 9.67
CA ASN C 138 1.54 -31.40 8.40
C ASN C 138 2.46 -30.21 8.62
N LEU C 139 2.16 -29.36 9.60
CA LEU C 139 3.01 -28.20 9.84
C LEU C 139 4.40 -28.64 10.26
N HIS C 140 4.48 -29.63 11.16
CA HIS C 140 5.75 -30.12 11.66
C HIS C 140 6.60 -30.71 10.53
N LEU C 141 5.98 -31.45 9.61
CA LEU C 141 6.76 -32.03 8.54
C LEU C 141 7.27 -30.96 7.57
N SER C 142 6.49 -29.91 7.32
CA SER C 142 7.00 -28.85 6.45
C SER C 142 8.28 -28.24 7.02
N LEU C 143 8.30 -28.00 8.35
CA LEU C 143 9.48 -27.45 9.01
C LEU C 143 10.67 -28.39 8.86
N LEU C 144 10.45 -29.70 9.12
CA LEU C 144 11.52 -30.66 8.96
C LEU C 144 11.99 -30.73 7.51
N ARG C 145 11.09 -30.50 6.56
CA ARG C 145 11.56 -30.43 5.18
C ARG C 145 12.51 -29.26 4.99
N ASP C 146 12.20 -28.13 5.63
CA ASP C 146 12.97 -26.91 5.43
C ASP C 146 14.41 -27.06 5.95
N VAL C 147 14.60 -27.62 7.16
CA VAL C 147 15.97 -27.74 7.70
C VAL C 147 16.80 -28.68 6.84
N VAL C 148 16.19 -29.77 6.38
CA VAL C 148 16.91 -30.70 5.54
C VAL C 148 17.32 -30.05 4.25
N PHE C 149 16.48 -29.12 3.76
CA PHE C 149 16.75 -28.49 2.47
C PHE C 149 17.62 -27.25 2.59
N PHE C 150 17.44 -26.45 3.63
CA PHE C 150 18.22 -25.22 3.75
C PHE C 150 19.19 -25.23 4.94
N GLY C 151 19.25 -26.32 5.72
CA GLY C 151 20.07 -26.33 6.93
C GLY C 151 21.51 -25.93 6.70
N GLN C 152 22.11 -26.40 5.59
CA GLN C 152 23.51 -26.10 5.37
C GLN C 152 23.72 -24.63 5.07
N ARG C 153 22.83 -24.08 4.25
CA ARG C 153 22.79 -22.66 3.93
C ARG C 153 22.57 -21.76 5.13
N TRP C 154 21.78 -22.22 6.08
CA TRP C 154 21.56 -21.47 7.28
C TRP C 154 22.81 -21.40 8.14
N GLY C 155 23.65 -22.44 8.07
CA GLY C 155 24.81 -22.48 8.94
C GLY C 155 24.79 -23.63 9.91
N PHE C 156 23.75 -24.46 9.84
CA PHE C 156 23.62 -25.61 10.72
C PHE C 156 24.69 -26.65 10.45
N SER C 157 25.09 -27.33 11.53
CA SER C 157 25.92 -28.54 11.53
C SER C 157 25.46 -29.49 10.44
N THR C 158 26.40 -30.13 9.71
CA THR C 158 25.92 -31.29 8.94
C THR C 158 25.38 -32.40 9.89
N THR C 159 25.80 -32.43 11.14
CA THR C 159 25.31 -33.49 12.01
C THR C 159 23.92 -33.14 12.56
N THR C 160 23.69 -31.88 12.96
CA THR C 160 22.34 -31.55 13.41
C THR C 160 21.35 -31.68 12.26
N VAL C 161 21.79 -31.42 11.01
CA VAL C 161 20.86 -31.62 9.88
C VAL C 161 20.48 -33.08 9.80
N ASN C 162 21.48 -33.98 9.88
CA ASN C 162 21.22 -35.41 9.77
C ASN C 162 20.27 -35.88 10.85
N ASN C 163 20.33 -35.31 12.05
CA ASN C 163 19.36 -35.71 13.07
C ASN C 163 17.97 -35.21 12.72
N TYR C 164 17.87 -33.97 12.23
CA TYR C 164 16.59 -33.44 11.78
C TYR C 164 16.02 -34.29 10.66
N TYR C 165 16.88 -34.70 9.73
CA TYR C 165 16.43 -35.58 8.66
C TYR C 165 15.83 -36.87 9.23
N ASN C 166 16.42 -37.42 10.27
CA ASN C 166 15.82 -38.61 10.88
C ASN C 166 14.46 -38.28 11.49
N ASP C 167 14.35 -37.12 12.13
CA ASP C 167 13.06 -36.71 12.67
C ASP C 167 12.01 -36.68 11.57
N LEU C 168 12.41 -36.25 10.38
CA LEU C 168 11.51 -36.18 9.24
C LEU C 168 11.07 -37.55 8.79
N THR C 169 12.02 -38.40 8.41
CA THR C 169 11.83 -39.83 8.18
C THR C 169 10.83 -40.46 9.14
N GLU C 170 11.08 -40.35 10.44
CA GLU C 170 10.20 -41.04 11.36
C GLU C 170 8.83 -40.38 11.41
N GLY C 171 8.82 -39.04 11.42
CA GLY C 171 7.57 -38.29 11.41
C GLY C 171 6.63 -38.72 10.30
N ILE C 172 7.15 -38.80 9.08
CA ILE C 172 6.32 -39.20 7.96
C ILE C 172 5.67 -40.56 8.23
N SER C 173 6.42 -41.49 8.85
CA SER C 173 5.91 -42.83 9.13
C SER C 173 5.06 -42.87 10.38
N THR C 174 5.50 -42.17 11.42
CA THR C 174 4.77 -42.17 12.70
C THR C 174 3.43 -41.46 12.57
N TYR C 175 3.43 -40.30 11.90
CA TYR C 175 2.20 -39.55 11.73
C TYR C 175 1.24 -40.26 10.78
N THR C 176 1.74 -40.66 9.59
CA THR C 176 0.92 -41.47 8.69
C THR C 176 0.24 -42.60 9.44
N ASP C 177 1.04 -43.44 10.10
CA ASP C 177 0.51 -44.67 10.67
C ASP C 177 -0.54 -44.36 11.73
N TYR C 178 -0.32 -43.29 12.50
CA TYR C 178 -1.27 -42.90 13.55
C TYR C 178 -2.61 -42.52 12.95
N ALA C 179 -2.59 -41.66 11.91
CA ALA C 179 -3.83 -41.12 11.35
C ALA C 179 -4.69 -42.21 10.71
N VAL C 180 -4.10 -43.05 9.86
CA VAL C 180 -4.94 -44.04 9.23
C VAL C 180 -5.41 -45.05 10.27
N ARG C 181 -4.59 -45.33 11.29
CA ARG C 181 -5.00 -46.26 12.35
C ARG C 181 -6.32 -45.78 12.94
N TRP C 182 -6.38 -44.49 13.26
CA TRP C 182 -7.54 -43.89 13.90
C TRP C 182 -8.66 -43.53 12.90
N TYR C 183 -8.29 -43.19 11.66
CA TYR C 183 -9.34 -43.05 10.66
C TYR C 183 -10.12 -44.36 10.58
N ASN C 184 -9.40 -45.48 10.46
CA ASN C 184 -10.06 -46.78 10.35
C ASN C 184 -10.87 -47.10 11.62
N THR C 185 -10.31 -46.79 12.78
CA THR C 185 -10.99 -47.16 14.01
C THR C 185 -12.27 -46.35 14.18
N GLY C 186 -12.22 -45.06 13.86
CA GLY C 186 -13.40 -44.22 13.99
C GLY C 186 -14.46 -44.51 12.94
N LEU C 187 -14.01 -44.80 11.70
CA LEU C 187 -14.91 -45.18 10.63
C LEU C 187 -15.67 -46.46 10.96
N GLU C 188 -14.96 -47.47 11.51
CA GLU C 188 -15.60 -48.73 11.88
C GLU C 188 -16.62 -48.51 13.00
N ARG C 189 -16.26 -47.62 13.90
CA ARG C 189 -17.02 -47.33 15.09
C ARG C 189 -18.38 -46.71 14.77
N VAL C 190 -18.56 -46.12 13.58
CA VAL C 190 -19.85 -45.56 13.16
C VAL C 190 -20.74 -46.53 12.35
N TRP C 191 -20.22 -47.67 11.91
CA TRP C 191 -21.00 -48.56 11.07
C TRP C 191 -22.18 -49.14 11.82
N GLY C 192 -23.34 -49.14 11.19
CA GLY C 192 -24.53 -49.76 11.71
C GLY C 192 -25.26 -50.45 10.58
N PRO C 193 -26.41 -51.08 10.86
CA PRO C 193 -27.07 -51.91 9.84
C PRO C 193 -28.09 -51.23 8.94
N ASP C 194 -28.52 -50.02 9.24
CA ASP C 194 -29.61 -49.40 8.51
C ASP C 194 -29.12 -48.33 7.53
N SER C 195 -30.03 -47.93 6.63
CA SER C 195 -29.73 -46.82 5.71
C SER C 195 -29.26 -45.56 6.46
N ARG C 196 -29.89 -45.24 7.59
CA ARG C 196 -29.45 -44.09 8.38
C ARG C 196 -28.00 -44.27 8.84
N ASP C 197 -27.62 -45.48 9.22
CA ASP C 197 -26.25 -45.70 9.67
C ASP C 197 -25.28 -45.57 8.51
N TRP C 198 -25.67 -46.00 7.31
CA TRP C 198 -24.77 -45.89 6.17
C TRP C 198 -24.54 -44.44 5.76
N VAL C 199 -25.60 -43.65 5.74
CA VAL C 199 -25.39 -42.24 5.40
C VAL C 199 -24.32 -41.61 6.29
N ARG C 200 -24.35 -41.86 7.62
CA ARG C 200 -23.36 -41.15 8.43
C ARG C 200 -22.02 -41.89 8.39
N TYR C 201 -22.03 -43.20 8.13
CA TYR C 201 -20.78 -43.90 7.90
C TYR C 201 -20.05 -43.26 6.74
N ASN C 202 -20.71 -43.14 5.59
CA ASN C 202 -20.07 -42.59 4.40
C ASN C 202 -19.80 -41.09 4.56
N GLN C 203 -20.65 -40.37 5.27
CA GLN C 203 -20.33 -38.98 5.61
C GLN C 203 -19.02 -38.91 6.36
N PHE C 204 -18.83 -39.80 7.33
CA PHE C 204 -17.53 -39.85 7.99
C PHE C 204 -16.44 -40.18 6.97
N ARG C 205 -16.64 -41.24 6.19
CA ARG C 205 -15.61 -41.63 5.23
C ARG C 205 -15.24 -40.47 4.33
N ARG C 206 -16.25 -39.74 3.84
CA ARG C 206 -16.01 -38.65 2.90
C ARG C 206 -15.37 -37.46 3.58
N GLU C 207 -15.95 -37.02 4.71
CA GLU C 207 -15.43 -35.80 5.32
C GLU C 207 -13.98 -35.99 5.74
N LEU C 208 -13.65 -37.13 6.37
CA LEU C 208 -12.28 -37.31 6.84
C LEU C 208 -11.33 -37.73 5.74
N THR C 209 -11.83 -38.15 4.58
CA THR C 209 -10.95 -38.27 3.43
C THR C 209 -10.49 -36.88 2.95
N LEU C 210 -11.39 -35.88 2.99
CA LEU C 210 -11.00 -34.52 2.59
C LEU C 210 -10.17 -33.82 3.66
N THR C 211 -10.48 -34.03 4.94
CA THR C 211 -9.86 -33.25 6.00
C THR C 211 -8.57 -33.86 6.53
N VAL C 212 -8.33 -35.16 6.32
CA VAL C 212 -7.18 -35.87 6.89
C VAL C 212 -6.41 -36.66 5.83
N LEU C 213 -7.06 -37.69 5.29
CA LEU C 213 -6.37 -38.65 4.41
C LEU C 213 -5.76 -37.97 3.18
N ASP C 214 -6.42 -36.94 2.64
CA ASP C 214 -5.87 -36.31 1.44
C ASP C 214 -4.56 -35.61 1.76
N ILE C 215 -4.46 -35.03 2.96
CA ILE C 215 -3.22 -34.39 3.40
C ILE C 215 -2.13 -35.43 3.71
N VAL C 216 -2.53 -36.58 4.26
CA VAL C 216 -1.56 -37.61 4.66
C VAL C 216 -0.87 -38.22 3.44
N ALA C 217 -1.61 -38.38 2.33
CA ALA C 217 -1.06 -38.99 1.11
C ALA C 217 0.09 -38.17 0.55
N LEU C 218 0.15 -36.89 0.92
CA LEU C 218 1.21 -36.03 0.46
C LEU C 218 2.37 -35.95 1.44
N PHE C 219 2.20 -36.44 2.68
CA PHE C 219 3.32 -36.46 3.62
C PHE C 219 4.60 -37.03 3.03
N PRO C 220 4.60 -38.15 2.29
CA PRO C 220 5.87 -38.62 1.75
C PRO C 220 6.62 -37.58 0.93
N ASN C 221 5.94 -36.59 0.35
CA ASN C 221 6.61 -35.63 -0.53
C ASN C 221 7.53 -34.68 0.22
N TYR C 222 7.36 -34.53 1.54
CA TYR C 222 8.23 -33.67 2.32
C TYR C 222 9.67 -34.21 2.47
N ASP C 223 9.96 -35.45 2.11
CA ASP C 223 11.33 -35.94 2.23
C ASP C 223 12.15 -35.37 1.09
N SER C 224 12.81 -34.24 1.36
CA SER C 224 13.41 -33.47 0.28
C SER C 224 14.71 -34.07 -0.21
N ARG C 225 15.26 -35.06 0.50
CA ARG C 225 16.33 -35.84 -0.08
C ARG C 225 15.79 -36.81 -1.10
N ARG C 226 14.60 -37.34 -0.86
CA ARG C 226 13.95 -38.21 -1.83
C ARG C 226 13.34 -37.42 -2.97
N TYR C 227 12.99 -36.18 -2.71
CA TYR C 227 12.42 -35.28 -3.73
C TYR C 227 13.16 -33.95 -3.74
N PRO C 228 14.36 -33.88 -4.35
CA PRO C 228 15.08 -32.59 -4.37
C PRO C 228 14.38 -31.49 -5.16
N ILE C 229 13.58 -31.84 -6.19
CA ILE C 229 12.90 -30.84 -6.99
C ILE C 229 11.38 -31.01 -6.94
N ARG C 230 10.66 -30.12 -7.64
CA ARG C 230 9.20 -30.09 -7.58
C ARG C 230 8.63 -31.46 -7.85
N THR C 231 7.52 -31.78 -7.19
CA THR C 231 6.89 -33.05 -7.45
C THR C 231 5.38 -32.88 -7.32
N VAL C 232 4.65 -33.59 -8.19
CA VAL C 232 3.21 -33.42 -8.39
C VAL C 232 2.52 -34.74 -8.18
N SER C 233 1.70 -34.83 -7.12
CA SER C 233 0.93 -36.00 -6.78
C SER C 233 -0.41 -36.01 -7.48
N GLN C 234 -1.07 -37.17 -7.42
CA GLN C 234 -2.38 -37.39 -8.03
C GLN C 234 -3.24 -38.22 -7.07
N LEU C 235 -4.39 -37.70 -6.67
CA LEU C 235 -5.28 -38.44 -5.79
C LEU C 235 -6.32 -39.15 -6.65
N THR C 236 -6.16 -40.46 -6.85
CA THR C 236 -7.11 -41.19 -7.66
C THR C 236 -8.27 -41.77 -6.85
N ARG C 237 -8.28 -41.56 -5.53
CA ARG C 237 -9.36 -42.04 -4.70
C ARG C 237 -10.68 -41.38 -5.05
N GLU C 238 -11.78 -42.08 -4.76
CA GLU C 238 -13.14 -41.61 -5.05
C GLU C 238 -13.98 -41.52 -3.78
N ILE C 239 -14.64 -40.38 -3.57
CA ILE C 239 -15.56 -40.22 -2.45
C ILE C 239 -16.99 -40.24 -3.02
N TYR C 240 -17.95 -40.56 -2.16
CA TYR C 240 -19.26 -41.00 -2.63
C TYR C 240 -20.41 -40.13 -2.11
N THR C 241 -21.37 -39.80 -3.00
CA THR C 241 -22.61 -39.15 -2.60
C THR C 241 -23.81 -39.91 -3.15
N ASN C 242 -24.91 -39.83 -2.40
CA ASN C 242 -26.18 -40.48 -2.75
C ASN C 242 -27.35 -39.57 -2.33
N PRO C 243 -28.02 -38.86 -3.30
CA PRO C 243 -29.10 -37.94 -2.90
C PRO C 243 -30.34 -38.61 -2.32
N VAL C 244 -30.86 -39.65 -2.98
CA VAL C 244 -32.07 -40.29 -2.47
C VAL C 244 -31.88 -40.64 -1.00
N LEU C 245 -30.75 -41.28 -0.66
CA LEU C 245 -30.51 -41.76 0.71
C LEU C 245 -30.11 -40.64 1.66
N GLU C 246 -29.29 -39.71 1.21
CA GLU C 246 -28.80 -38.68 2.11
C GLU C 246 -29.88 -37.68 2.48
N ASN C 247 -30.92 -37.57 1.64
CA ASN C 247 -32.00 -36.61 1.83
C ASN C 247 -33.24 -37.26 2.44
N PHE C 248 -33.21 -38.58 2.59
CA PHE C 248 -34.32 -39.36 3.12
C PHE C 248 -34.44 -39.10 4.61
N ASP C 249 -35.68 -39.02 5.10
CA ASP C 249 -35.91 -38.70 6.50
C ASP C 249 -36.10 -39.91 7.39
N GLY C 250 -36.41 -41.06 6.81
CA GLY C 250 -36.51 -42.31 7.53
C GLY C 250 -35.21 -43.06 7.57
N SER C 251 -35.33 -44.39 7.55
CA SER C 251 -34.18 -45.29 7.44
C SER C 251 -34.69 -46.65 7.00
N PHE C 252 -34.18 -47.12 5.85
CA PHE C 252 -34.47 -48.49 5.40
C PHE C 252 -33.71 -49.48 6.26
N ARG C 253 -34.40 -50.46 6.79
CA ARG C 253 -33.82 -51.31 7.83
C ARG C 253 -33.09 -52.51 7.23
N GLY C 254 -31.93 -52.83 7.83
CA GLY C 254 -30.99 -53.84 7.34
C GLY C 254 -30.47 -53.72 5.92
N SER C 255 -30.43 -52.51 5.36
CA SER C 255 -29.93 -52.28 4.00
C SER C 255 -28.44 -51.92 3.93
N ALA C 256 -27.83 -51.48 5.05
CA ALA C 256 -26.53 -50.81 4.99
C ALA C 256 -25.49 -51.70 4.33
N GLN C 257 -25.55 -53.02 4.56
CA GLN C 257 -24.62 -53.93 3.87
C GLN C 257 -24.94 -54.00 2.37
N GLY C 258 -26.22 -53.90 1.99
CA GLY C 258 -26.56 -53.86 0.58
C GLY C 258 -26.27 -52.55 -0.11
N ILE C 259 -26.39 -51.42 0.59
CA ILE C 259 -26.01 -50.16 0.00
C ILE C 259 -24.52 -50.16 -0.32
N GLU C 260 -23.71 -50.64 0.64
CA GLU C 260 -22.26 -50.55 0.47
C GLU C 260 -21.74 -51.49 -0.61
N ARG C 261 -22.41 -52.64 -0.83
CA ARG C 261 -21.95 -53.53 -1.89
C ARG C 261 -22.32 -53.03 -3.27
N SER C 262 -23.23 -52.05 -3.33
CA SER C 262 -23.60 -51.48 -4.60
C SER C 262 -22.54 -50.53 -5.15
N ILE C 263 -21.53 -50.15 -4.36
CA ILE C 263 -20.44 -49.32 -4.85
C ILE C 263 -19.52 -50.19 -5.67
N ARG C 264 -19.05 -49.66 -6.81
CA ARG C 264 -18.12 -50.37 -7.67
C ARG C 264 -16.86 -50.82 -6.90
N SER C 265 -16.35 -52.03 -7.25
CA SER C 265 -15.18 -52.62 -6.59
C SER C 265 -13.87 -52.16 -7.25
N PRO C 266 -12.71 -52.38 -6.59
CA PRO C 266 -11.48 -51.73 -7.04
C PRO C 266 -11.17 -51.95 -8.51
N HIS C 267 -10.59 -50.93 -9.13
CA HIS C 267 -10.50 -50.82 -10.59
C HIS C 267 -9.36 -49.89 -10.95
N LEU C 268 -8.91 -50.01 -12.19
CA LEU C 268 -8.08 -48.98 -12.79
C LEU C 268 -8.91 -47.69 -12.94
N MET C 269 -8.23 -46.56 -12.93
CA MET C 269 -8.95 -45.31 -13.13
C MET C 269 -9.51 -45.22 -14.54
N ASP C 270 -10.78 -44.87 -14.66
CA ASP C 270 -11.33 -44.57 -15.97
C ASP C 270 -11.92 -43.16 -15.99
N ILE C 271 -12.23 -42.71 -17.20
CA ILE C 271 -12.80 -41.39 -17.42
C ILE C 271 -14.24 -41.59 -17.88
N LEU C 272 -15.19 -41.06 -17.10
CA LEU C 272 -16.60 -41.16 -17.45
C LEU C 272 -16.90 -40.37 -18.72
N ASN C 273 -17.52 -41.05 -19.69
CA ASN C 273 -17.82 -40.45 -20.97
C ASN C 273 -19.27 -40.00 -21.07
N SER C 274 -20.21 -40.92 -20.90
CA SER C 274 -21.62 -40.63 -21.09
C SER C 274 -22.44 -41.48 -20.13
N ILE C 275 -23.65 -41.04 -19.86
CA ILE C 275 -24.57 -41.84 -19.06
C ILE C 275 -25.93 -41.80 -19.74
N THR C 276 -26.47 -42.97 -20.06
CA THR C 276 -27.79 -43.05 -20.67
C THR C 276 -28.80 -43.42 -19.61
N ILE C 277 -29.69 -42.51 -19.29
CA ILE C 277 -30.63 -42.70 -18.20
C ILE C 277 -31.94 -43.22 -18.79
N TYR C 278 -32.51 -44.23 -18.14
CA TYR C 278 -33.81 -44.78 -18.49
C TYR C 278 -34.87 -44.38 -17.47
N THR C 279 -36.04 -44.02 -17.97
CA THR C 279 -37.10 -43.48 -17.15
C THR C 279 -38.24 -44.48 -17.04
N ASP C 280 -38.84 -44.53 -15.86
CA ASP C 280 -40.01 -45.34 -15.58
C ASP C 280 -41.02 -44.45 -14.87
N ALA C 281 -42.22 -44.98 -14.73
CA ALA C 281 -43.30 -44.16 -14.22
C ALA C 281 -44.23 -45.02 -13.40
N HIS C 282 -44.91 -44.34 -12.49
CA HIS C 282 -45.95 -44.96 -11.70
C HIS C 282 -46.89 -43.84 -11.29
N ARG C 283 -48.14 -43.93 -11.75
CA ARG C 283 -49.18 -42.92 -11.55
C ARG C 283 -48.67 -41.49 -11.83
N GLY C 284 -48.15 -41.29 -13.03
CA GLY C 284 -47.74 -39.97 -13.43
C GLY C 284 -46.57 -39.40 -12.67
N TYR C 285 -45.93 -40.22 -11.82
CA TYR C 285 -44.63 -39.92 -11.20
C TYR C 285 -43.57 -40.54 -12.09
N TYR C 286 -42.76 -39.71 -12.70
CA TYR C 286 -41.72 -40.21 -13.59
C TYR C 286 -40.41 -40.22 -12.82
N TYR C 287 -39.60 -41.26 -13.02
CA TYR C 287 -38.39 -41.37 -12.21
C TYR C 287 -37.28 -42.11 -12.94
N TRP C 288 -36.04 -41.77 -12.53
CA TRP C 288 -34.78 -42.39 -12.93
C TRP C 288 -34.76 -43.85 -12.51
N SER C 289 -34.96 -44.76 -13.44
CA SER C 289 -35.09 -46.16 -13.04
C SER C 289 -33.81 -46.98 -13.19
N GLY C 290 -32.93 -46.60 -14.11
CA GLY C 290 -31.73 -47.36 -14.40
C GLY C 290 -30.84 -46.55 -15.31
N HIS C 291 -29.63 -47.08 -15.56
CA HIS C 291 -28.75 -46.37 -16.49
C HIS C 291 -27.65 -47.27 -17.02
N GLN C 292 -27.08 -46.83 -18.12
CA GLN C 292 -25.93 -47.47 -18.72
C GLN C 292 -24.80 -46.44 -18.75
N ILE C 293 -23.58 -46.88 -18.49
CA ILE C 293 -22.46 -45.97 -18.41
C ILE C 293 -21.40 -46.41 -19.38
N MET C 294 -20.86 -45.45 -20.11
CA MET C 294 -19.72 -45.69 -20.98
C MET C 294 -18.55 -44.88 -20.46
N ALA C 295 -17.35 -45.44 -20.54
CA ALA C 295 -16.18 -44.76 -19.98
C ALA C 295 -14.97 -45.00 -20.86
N SER C 296 -13.92 -44.23 -20.62
CA SER C 296 -12.67 -44.42 -21.34
C SER C 296 -11.54 -44.67 -20.37
N PRO C 297 -10.48 -45.34 -20.80
CA PRO C 297 -9.29 -45.42 -19.97
C PRO C 297 -8.57 -44.09 -20.00
N VAL C 298 -7.62 -43.95 -19.07
CA VAL C 298 -6.75 -42.80 -19.08
C VAL C 298 -6.03 -42.71 -20.42
N GLY C 299 -6.00 -41.52 -20.99
CA GLY C 299 -5.39 -41.33 -22.29
C GLY C 299 -6.31 -41.60 -23.46
N PHE C 300 -7.53 -42.10 -23.22
CA PHE C 300 -8.46 -42.45 -24.30
C PHE C 300 -7.74 -43.38 -25.29
N SER C 301 -7.21 -44.48 -24.73
CA SER C 301 -6.20 -45.32 -25.40
C SER C 301 -6.78 -46.26 -26.44
N GLY C 302 -8.10 -46.41 -26.48
CA GLY C 302 -8.70 -47.14 -27.56
C GLY C 302 -10.20 -47.13 -27.44
N PRO C 303 -10.79 -48.29 -27.14
CA PRO C 303 -12.24 -48.43 -27.29
C PRO C 303 -13.00 -48.02 -26.04
N GLU C 304 -14.21 -47.52 -26.25
CA GLU C 304 -15.06 -47.16 -25.12
C GLU C 304 -15.47 -48.46 -24.41
N PHE C 305 -15.46 -48.45 -23.09
CA PHE C 305 -15.97 -49.57 -22.32
C PHE C 305 -17.41 -49.28 -21.91
N THR C 306 -18.31 -50.20 -22.17
CA THR C 306 -19.72 -50.05 -21.78
C THR C 306 -20.04 -50.96 -20.58
N PHE C 307 -20.45 -50.34 -19.47
CA PHE C 307 -20.79 -51.11 -18.29
C PHE C 307 -22.15 -51.75 -18.47
N PRO C 308 -22.38 -52.94 -17.91
CA PRO C 308 -23.74 -53.50 -17.89
C PRO C 308 -24.74 -52.55 -17.23
N LEU C 309 -26.00 -52.73 -17.61
CA LEU C 309 -27.09 -51.92 -17.09
C LEU C 309 -27.11 -51.92 -15.56
N TYR C 310 -27.26 -50.73 -14.99
CA TYR C 310 -27.53 -50.53 -13.57
C TYR C 310 -29.02 -50.27 -13.40
N GLY C 311 -29.65 -50.94 -12.44
CA GLY C 311 -31.08 -50.77 -12.29
C GLY C 311 -31.87 -51.48 -13.38
N THR C 312 -33.02 -50.91 -13.73
CA THR C 312 -33.99 -51.51 -14.66
C THR C 312 -34.20 -50.59 -15.86
N MET C 313 -34.41 -51.19 -17.05
CA MET C 313 -34.51 -50.42 -18.29
C MET C 313 -35.96 -50.05 -18.57
N GLY C 314 -36.41 -48.94 -17.96
CA GLY C 314 -37.77 -48.44 -18.15
C GLY C 314 -37.97 -47.87 -19.56
N ASN C 315 -39.26 -47.63 -19.88
CA ASN C 315 -39.64 -47.19 -21.23
C ASN C 315 -40.70 -46.09 -21.20
N ALA C 316 -40.97 -45.52 -20.03
CA ALA C 316 -41.95 -44.46 -19.86
C ALA C 316 -41.55 -43.15 -20.51
N ALA C 317 -40.30 -43.02 -20.92
CA ALA C 317 -39.83 -41.93 -21.77
C ALA C 317 -38.73 -42.52 -22.62
N PRO C 318 -38.42 -41.92 -23.76
CA PRO C 318 -37.28 -42.42 -24.53
C PRO C 318 -36.01 -42.18 -23.72
N GLN C 319 -35.02 -43.04 -23.93
CA GLN C 319 -33.77 -42.89 -23.20
C GLN C 319 -33.14 -41.52 -23.47
N GLN C 320 -32.42 -41.01 -22.49
CA GLN C 320 -31.70 -39.74 -22.65
C GLN C 320 -30.22 -39.96 -22.42
N ARG C 321 -29.41 -39.74 -23.44
CA ARG C 321 -27.96 -39.96 -23.36
C ARG C 321 -27.31 -38.64 -22.98
N ILE C 322 -26.73 -38.60 -21.79
CA ILE C 322 -26.07 -37.41 -21.26
C ILE C 322 -24.55 -37.55 -21.39
N VAL C 323 -23.93 -36.62 -22.10
CA VAL C 323 -22.49 -36.65 -22.25
C VAL C 323 -21.88 -35.88 -21.08
N ALA C 324 -21.12 -36.60 -20.24
CA ALA C 324 -20.45 -35.97 -19.11
C ALA C 324 -19.12 -35.37 -19.52
N GLN C 325 -18.39 -36.02 -20.41
CA GLN C 325 -17.01 -35.60 -20.66
C GLN C 325 -17.00 -34.42 -21.64
N LEU C 326 -17.37 -33.25 -21.12
CA LEU C 326 -17.30 -31.97 -21.83
C LEU C 326 -16.56 -31.02 -20.93
N GLY C 327 -15.68 -30.21 -21.51
CA GLY C 327 -14.86 -29.32 -20.69
C GLY C 327 -13.96 -30.16 -19.82
N GLN C 328 -13.99 -29.90 -18.53
CA GLN C 328 -13.18 -30.69 -17.62
C GLN C 328 -13.97 -31.81 -16.93
N GLY C 329 -15.20 -32.09 -17.41
CA GLY C 329 -16.10 -33.06 -16.84
C GLY C 329 -17.22 -32.42 -16.02
N VAL C 330 -18.08 -33.28 -15.47
CA VAL C 330 -19.19 -32.82 -14.63
C VAL C 330 -18.67 -32.52 -13.22
N TYR C 331 -18.85 -31.28 -12.77
CA TYR C 331 -18.30 -30.90 -11.46
C TYR C 331 -19.34 -30.92 -10.35
N ARG C 332 -20.62 -31.08 -10.68
CA ARG C 332 -21.70 -30.81 -9.74
C ARG C 332 -22.98 -31.46 -10.22
N THR C 333 -23.79 -31.92 -9.26
CA THR C 333 -25.14 -32.38 -9.56
C THR C 333 -26.12 -31.68 -8.64
N LEU C 334 -27.31 -31.40 -9.18
CA LEU C 334 -28.44 -30.87 -8.41
C LEU C 334 -29.61 -31.83 -8.66
N SER C 335 -30.00 -32.57 -7.63
CA SER C 335 -30.93 -33.68 -7.82
C SER C 335 -32.26 -33.37 -7.15
N SER C 336 -33.33 -33.92 -7.71
CA SER C 336 -34.66 -33.79 -7.14
C SER C 336 -35.09 -35.17 -6.67
N THR C 337 -35.36 -35.28 -5.38
CA THR C 337 -35.79 -36.52 -4.78
C THR C 337 -37.30 -36.54 -4.63
N LEU C 338 -37.88 -37.75 -4.70
CA LEU C 338 -39.32 -37.99 -4.64
C LEU C 338 -39.57 -39.14 -3.68
N TYR C 339 -40.27 -38.85 -2.58
CA TYR C 339 -40.58 -39.85 -1.55
C TYR C 339 -42.08 -40.06 -1.43
N ARG C 340 -42.67 -40.97 -2.22
CA ARG C 340 -44.10 -41.22 -2.13
C ARG C 340 -44.36 -42.33 -1.11
N ARG C 341 -45.10 -42.00 -0.04
CA ARG C 341 -45.54 -42.98 0.95
C ARG C 341 -47.06 -42.86 1.11
N PRO C 342 -47.83 -43.41 0.16
CA PRO C 342 -49.30 -43.24 0.19
C PRO C 342 -49.87 -44.14 1.27
N PHE C 343 -51.15 -43.91 1.58
CA PHE C 343 -51.73 -44.55 2.76
C PHE C 343 -52.18 -45.98 2.49
N ASN C 344 -51.71 -46.88 3.35
CA ASN C 344 -52.14 -48.28 3.54
C ASN C 344 -52.05 -49.20 2.31
N ILE C 345 -51.46 -48.79 1.19
CA ILE C 345 -51.46 -49.65 0.02
C ILE C 345 -50.05 -50.14 -0.35
N GLY C 346 -50.02 -51.08 -1.31
CA GLY C 346 -48.84 -51.58 -1.99
C GLY C 346 -49.10 -52.10 -3.40
N ILE C 347 -48.08 -52.72 -4.01
CA ILE C 347 -47.97 -53.32 -5.35
C ILE C 347 -48.65 -52.56 -6.50
N ASN C 348 -49.85 -52.02 -6.27
CA ASN C 348 -50.49 -51.17 -7.27
C ASN C 348 -50.53 -49.70 -6.87
N ASN C 349 -50.41 -49.41 -5.60
CA ASN C 349 -50.11 -48.06 -5.12
C ASN C 349 -48.78 -48.23 -4.37
N GLN C 350 -47.68 -47.89 -5.04
CA GLN C 350 -46.34 -48.25 -4.58
C GLN C 350 -45.74 -47.16 -3.74
N GLN C 351 -44.72 -47.53 -2.95
CA GLN C 351 -43.85 -46.58 -2.27
C GLN C 351 -42.65 -46.29 -3.17
N LEU C 352 -42.37 -45.01 -3.38
CA LEU C 352 -41.27 -44.64 -4.26
C LEU C 352 -40.20 -43.88 -3.48
N SER C 353 -38.93 -44.25 -3.71
CA SER C 353 -37.75 -43.55 -3.19
C SER C 353 -36.80 -43.41 -4.37
N VAL C 354 -36.91 -42.29 -5.08
CA VAL C 354 -36.24 -42.17 -6.37
C VAL C 354 -35.79 -40.74 -6.65
N LEU C 355 -35.06 -40.57 -7.75
CA LEU C 355 -34.77 -39.29 -8.33
C LEU C 355 -35.72 -39.05 -9.48
N ASP C 356 -36.37 -37.89 -9.50
CA ASP C 356 -37.24 -37.52 -10.62
C ASP C 356 -36.64 -36.40 -11.46
N GLY C 357 -35.37 -36.07 -11.24
CA GLY C 357 -34.68 -35.11 -12.08
C GLY C 357 -33.27 -34.92 -11.58
N THR C 358 -32.33 -34.61 -12.47
CA THR C 358 -30.98 -34.25 -12.05
C THR C 358 -30.34 -33.34 -13.09
N GLU C 359 -29.68 -32.28 -12.61
CA GLU C 359 -28.91 -31.35 -13.44
C GLU C 359 -27.42 -31.65 -13.30
N PHE C 360 -26.75 -31.81 -14.43
CA PHE C 360 -25.32 -32.10 -14.49
C PHE C 360 -24.59 -30.85 -14.95
N ALA C 361 -23.87 -30.20 -14.04
CA ALA C 361 -23.23 -28.93 -14.33
C ALA C 361 -21.78 -29.17 -14.73
N TYR C 362 -21.34 -28.51 -15.80
CA TYR C 362 -20.00 -28.77 -16.30
C TYR C 362 -18.97 -27.83 -15.69
N GLY C 363 -17.77 -28.37 -15.47
CA GLY C 363 -16.61 -27.57 -15.13
C GLY C 363 -15.90 -27.05 -16.39
N THR C 364 -15.87 -25.72 -16.53
CA THR C 364 -15.44 -25.08 -17.77
C THR C 364 -15.30 -23.58 -17.52
N SER C 365 -14.42 -22.93 -18.28
CA SER C 365 -14.23 -21.48 -18.23
C SER C 365 -15.07 -20.80 -19.29
N SER C 366 -16.27 -21.30 -19.47
CA SER C 366 -17.14 -20.97 -20.58
C SER C 366 -18.57 -21.10 -20.08
N ASN C 367 -19.53 -20.91 -20.98
CA ASN C 367 -20.90 -21.06 -20.54
C ASN C 367 -21.30 -22.52 -20.58
N LEU C 368 -21.81 -22.97 -21.70
CA LEU C 368 -22.25 -24.33 -21.91
C LEU C 368 -23.39 -24.60 -20.95
N PRO C 369 -24.56 -24.95 -21.46
CA PRO C 369 -25.66 -25.27 -20.56
C PRO C 369 -25.41 -26.59 -19.84
N SER C 370 -26.02 -26.70 -18.67
CA SER C 370 -25.98 -27.97 -17.96
C SER C 370 -26.78 -29.00 -18.75
N ALA C 371 -26.45 -30.27 -18.54
CA ALA C 371 -27.28 -31.34 -19.05
C ALA C 371 -28.39 -31.57 -18.05
N VAL C 372 -29.64 -31.68 -18.52
CA VAL C 372 -30.78 -31.76 -17.60
C VAL C 372 -31.54 -33.02 -17.90
N TYR C 373 -31.64 -33.89 -16.90
CA TYR C 373 -32.56 -35.02 -16.94
C TYR C 373 -33.85 -34.55 -16.30
N ARG C 374 -34.90 -34.36 -17.11
CA ARG C 374 -36.22 -33.90 -16.66
C ARG C 374 -36.24 -32.48 -16.07
N LYS C 375 -35.53 -32.24 -14.97
CA LYS C 375 -35.63 -30.97 -14.26
C LYS C 375 -34.49 -30.87 -13.25
N SER C 376 -34.33 -29.69 -12.66
CA SER C 376 -33.29 -29.47 -11.65
C SER C 376 -33.82 -29.76 -10.25
N GLY C 377 -32.94 -29.66 -9.26
CA GLY C 377 -33.32 -29.90 -7.88
C GLY C 377 -32.51 -29.05 -6.93
N THR C 378 -32.78 -29.25 -5.64
CA THR C 378 -32.11 -28.49 -4.58
C THR C 378 -31.19 -29.34 -3.71
N VAL C 379 -31.12 -30.65 -3.96
CA VAL C 379 -30.16 -31.59 -3.37
C VAL C 379 -28.86 -31.47 -4.17
N ASP C 380 -27.93 -30.71 -3.62
CA ASP C 380 -26.82 -30.12 -4.35
C ASP C 380 -25.51 -30.76 -3.91
N SER C 381 -24.79 -31.39 -4.85
CA SER C 381 -23.52 -32.04 -4.58
C SER C 381 -22.44 -31.05 -4.12
N LEU C 382 -22.59 -29.75 -4.44
CA LEU C 382 -21.64 -28.76 -3.95
C LEU C 382 -21.70 -28.60 -2.45
N ASP C 383 -22.83 -28.99 -1.82
CA ASP C 383 -22.93 -28.94 -0.36
C ASP C 383 -22.00 -29.96 0.29
N GLU C 384 -21.64 -31.05 -0.42
CA GLU C 384 -20.75 -32.08 0.11
C GLU C 384 -19.38 -32.14 -0.56
N ILE C 385 -19.28 -31.71 -1.81
CA ILE C 385 -17.97 -31.67 -2.46
C ILE C 385 -17.73 -30.22 -2.88
N PRO C 386 -17.38 -29.37 -1.92
CA PRO C 386 -17.32 -27.93 -2.18
C PRO C 386 -16.13 -27.57 -3.07
N PRO C 387 -16.00 -26.30 -3.45
CA PRO C 387 -14.87 -25.89 -4.26
C PRO C 387 -13.59 -25.87 -3.44
N GLN C 388 -12.48 -26.06 -4.15
CA GLN C 388 -11.16 -25.81 -3.59
C GLN C 388 -10.82 -24.32 -3.57
N ASN C 389 -11.41 -23.54 -4.48
CA ASN C 389 -11.15 -22.10 -4.58
C ASN C 389 -12.51 -21.41 -4.60
N ASN C 390 -12.83 -20.71 -3.52
CA ASN C 390 -14.11 -20.03 -3.42
C ASN C 390 -14.08 -18.61 -3.95
N ASN C 391 -12.94 -18.13 -4.46
CA ASN C 391 -12.88 -16.77 -4.99
C ASN C 391 -13.38 -16.64 -6.42
N VAL C 392 -13.48 -17.73 -7.15
CA VAL C 392 -13.93 -17.70 -8.54
C VAL C 392 -15.18 -18.58 -8.62
N PRO C 393 -15.98 -18.43 -9.68
CA PRO C 393 -17.24 -19.15 -9.73
C PRO C 393 -17.02 -20.66 -9.71
N PRO C 394 -17.94 -21.41 -9.09
CA PRO C 394 -17.77 -22.87 -8.94
C PRO C 394 -17.36 -23.61 -10.20
N ARG C 395 -17.90 -23.25 -11.37
CA ARG C 395 -17.49 -23.95 -12.57
C ARG C 395 -15.99 -23.80 -12.85
N GLN C 396 -15.30 -22.84 -12.24
CA GLN C 396 -13.85 -22.80 -12.41
C GLN C 396 -13.09 -23.35 -11.22
N GLY C 397 -13.62 -23.15 -10.00
CA GLY C 397 -12.88 -23.49 -8.80
C GLY C 397 -13.29 -24.75 -8.07
N PHE C 398 -13.92 -25.68 -8.79
CA PHE C 398 -14.43 -26.94 -8.25
C PHE C 398 -13.29 -27.84 -7.82
N SER C 399 -13.60 -28.80 -6.97
CA SER C 399 -12.55 -29.68 -6.48
C SER C 399 -12.55 -31.06 -7.09
N HIS C 400 -13.71 -31.57 -7.50
CA HIS C 400 -13.87 -32.94 -7.98
C HIS C 400 -14.66 -32.98 -9.27
N ARG C 401 -14.47 -34.07 -9.98
CA ARG C 401 -15.14 -34.38 -11.22
C ARG C 401 -15.89 -35.72 -11.10
N LEU C 402 -17.08 -35.80 -11.72
CA LEU C 402 -17.84 -37.04 -11.64
C LEU C 402 -17.10 -38.14 -12.38
N SER C 403 -16.98 -39.30 -11.75
CA SER C 403 -16.23 -40.40 -12.36
C SER C 403 -17.05 -41.67 -12.59
N HIS C 404 -18.14 -41.88 -11.86
CA HIS C 404 -18.99 -43.04 -12.08
C HIS C 404 -20.34 -42.79 -11.45
N VAL C 405 -21.32 -43.61 -11.85
CA VAL C 405 -22.62 -43.66 -11.19
C VAL C 405 -23.03 -45.12 -11.03
N SER C 406 -23.00 -45.59 -9.78
CA SER C 406 -23.49 -46.92 -9.40
C SER C 406 -24.98 -46.79 -9.13
N MET C 407 -25.61 -47.82 -8.57
CA MET C 407 -26.97 -47.67 -8.08
C MET C 407 -27.27 -48.67 -6.98
N PHE C 408 -27.99 -48.18 -5.95
CA PHE C 408 -28.63 -49.04 -4.96
C PHE C 408 -30.09 -49.25 -5.34
N ARG C 409 -30.45 -50.48 -5.73
CA ARG C 409 -31.77 -50.78 -6.26
C ARG C 409 -32.55 -51.66 -5.30
N SER C 410 -33.87 -51.48 -5.30
CA SER C 410 -34.78 -52.36 -4.56
C SER C 410 -36.15 -52.33 -5.22
N GLY C 411 -36.77 -53.52 -5.30
CA GLY C 411 -38.10 -53.67 -5.85
C GLY C 411 -38.13 -53.63 -7.37
N PHE C 412 -39.22 -54.17 -7.93
CA PHE C 412 -39.48 -54.11 -9.36
C PHE C 412 -40.83 -53.44 -9.62
N SER C 413 -41.12 -53.14 -10.89
CA SER C 413 -42.29 -52.30 -11.16
C SER C 413 -43.62 -53.08 -11.13
N ASN C 414 -43.58 -54.38 -11.43
CA ASN C 414 -44.56 -55.38 -11.05
C ASN C 414 -44.05 -56.02 -9.75
N SER C 415 -44.94 -56.67 -8.99
CA SER C 415 -44.63 -57.05 -7.59
C SER C 415 -44.20 -55.82 -6.77
N SER C 416 -43.64 -56.02 -5.59
CA SER C 416 -42.95 -54.95 -4.87
C SER C 416 -43.85 -53.79 -4.44
N VAL C 417 -44.14 -53.68 -3.13
CA VAL C 417 -44.88 -52.51 -2.68
C VAL C 417 -44.00 -51.27 -2.55
N SER C 418 -42.67 -51.46 -2.46
CA SER C 418 -41.73 -50.37 -2.28
C SER C 418 -40.62 -50.49 -3.30
N ILE C 419 -40.27 -49.36 -3.91
CA ILE C 419 -39.27 -49.26 -4.98
C ILE C 419 -38.17 -48.31 -4.51
N ILE C 420 -36.92 -48.67 -4.77
CA ILE C 420 -35.80 -47.81 -4.42
C ILE C 420 -34.87 -47.71 -5.62
N ARG C 421 -34.72 -46.52 -6.18
CA ARG C 421 -33.66 -46.25 -7.13
C ARG C 421 -32.80 -45.15 -6.51
N ALA C 422 -31.63 -45.52 -5.97
CA ALA C 422 -30.74 -44.56 -5.31
C ALA C 422 -29.43 -44.56 -6.07
N PRO C 423 -29.30 -43.73 -7.10
CA PRO C 423 -28.02 -43.70 -7.83
C PRO C 423 -26.89 -43.17 -6.96
N MET C 424 -25.75 -43.82 -7.07
CA MET C 424 -24.59 -43.53 -6.24
C MET C 424 -23.54 -42.80 -7.09
N PHE C 425 -23.16 -41.59 -6.68
CA PHE C 425 -22.25 -40.75 -7.45
C PHE C 425 -20.84 -40.86 -6.88
N SER C 426 -19.89 -41.21 -7.74
CA SER C 426 -18.48 -41.21 -7.38
C SER C 426 -17.82 -39.96 -7.90
N TRP C 427 -16.96 -39.38 -7.07
CA TRP C 427 -16.24 -38.16 -7.37
C TRP C 427 -14.75 -38.42 -7.23
N ILE C 428 -14.00 -38.21 -8.32
CA ILE C 428 -12.54 -38.29 -8.30
C ILE C 428 -11.96 -36.89 -8.09
N HIS C 429 -10.84 -36.80 -7.40
CA HIS C 429 -10.28 -35.48 -7.23
C HIS C 429 -9.70 -34.99 -8.55
N ARG C 430 -9.91 -33.71 -8.84
CA ARG C 430 -9.54 -33.17 -10.15
C ARG C 430 -8.05 -33.33 -10.46
N SER C 431 -7.21 -33.51 -9.43
CA SER C 431 -5.77 -33.67 -9.66
C SER C 431 -5.46 -34.92 -10.48
N ALA C 432 -6.40 -35.84 -10.62
CA ALA C 432 -6.19 -37.04 -11.39
C ALA C 432 -6.35 -36.68 -12.87
N GLU C 433 -5.22 -36.41 -13.53
CA GLU C 433 -5.23 -35.87 -14.88
C GLU C 433 -5.78 -36.88 -15.88
N PHE C 434 -6.35 -36.37 -16.99
CA PHE C 434 -6.90 -37.28 -18.01
C PHE C 434 -5.81 -38.04 -18.72
N ASN C 435 -4.61 -37.48 -18.77
CA ASN C 435 -3.49 -38.07 -19.48
C ASN C 435 -2.34 -38.35 -18.52
N ASN C 436 -1.42 -39.21 -18.96
CA ASN C 436 -0.16 -39.42 -18.26
C ASN C 436 0.87 -38.55 -18.98
N ILE C 437 1.16 -37.38 -18.41
CA ILE C 437 2.08 -36.43 -19.04
C ILE C 437 3.35 -36.30 -18.23
N ILE C 438 4.49 -36.51 -18.89
CA ILE C 438 5.79 -36.39 -18.25
C ILE C 438 6.21 -34.94 -18.41
N ALA C 439 6.28 -34.21 -17.31
CA ALA C 439 6.87 -32.89 -17.34
C ALA C 439 8.38 -33.01 -17.16
N SER C 440 9.15 -32.49 -18.14
CA SER C 440 10.44 -31.86 -17.85
C SER C 440 10.25 -30.94 -16.65
N ASP C 441 11.23 -30.91 -15.76
CA ASP C 441 11.31 -29.94 -14.64
C ASP C 441 10.58 -30.35 -13.35
N SER C 442 10.10 -31.58 -13.25
CA SER C 442 9.58 -32.04 -11.97
C SER C 442 9.65 -33.56 -11.92
N ILE C 443 9.37 -34.11 -10.75
CA ILE C 443 9.35 -35.55 -10.51
C ILE C 443 7.89 -35.96 -10.69
N ASN C 444 7.59 -36.65 -11.80
CA ASN C 444 6.22 -37.01 -12.16
C ASN C 444 5.81 -38.26 -11.40
N GLN C 445 4.75 -38.19 -10.60
CA GLN C 445 4.18 -39.38 -9.98
C GLN C 445 3.01 -39.88 -10.81
N ILE C 446 3.07 -41.16 -11.19
CA ILE C 446 2.03 -41.83 -11.95
C ILE C 446 1.59 -43.08 -11.20
N PRO C 447 0.51 -43.01 -10.41
CA PRO C 447 -0.02 -44.22 -9.75
C PRO C 447 -0.37 -45.26 -10.79
N LEU C 448 -0.10 -46.53 -10.49
CA LEU C 448 -0.23 -47.53 -11.56
C LEU C 448 -1.66 -47.81 -11.98
N VAL C 449 -2.65 -47.35 -11.21
CA VAL C 449 -4.04 -47.51 -11.61
C VAL C 449 -4.35 -46.54 -12.76
N LYS C 450 -3.35 -45.77 -13.18
CA LYS C 450 -3.53 -44.86 -14.31
C LYS C 450 -3.15 -45.49 -15.64
N GLY C 451 -2.86 -46.81 -15.64
CA GLY C 451 -2.69 -47.54 -16.88
C GLY C 451 -4.04 -48.03 -17.40
N PHE C 452 -4.04 -48.62 -18.60
CA PHE C 452 -5.32 -49.01 -19.20
C PHE C 452 -5.59 -50.51 -19.18
N ARG C 453 -4.58 -51.35 -18.96
CA ARG C 453 -4.78 -52.79 -18.96
C ARG C 453 -4.17 -53.45 -17.72
N VAL C 454 -4.94 -54.35 -17.11
CA VAL C 454 -4.49 -55.27 -16.06
C VAL C 454 -4.29 -56.66 -16.65
N TRP C 455 -3.16 -57.28 -16.37
CA TRP C 455 -2.89 -58.61 -16.89
C TRP C 455 -3.39 -59.70 -15.93
N GLY C 456 -3.45 -60.93 -16.44
CA GLY C 456 -3.98 -62.02 -15.64
C GLY C 456 -3.19 -62.17 -14.36
N GLY C 457 -3.90 -62.33 -13.25
CA GLY C 457 -3.24 -62.54 -11.98
C GLY C 457 -2.68 -61.31 -11.30
N THR C 458 -2.88 -60.12 -11.86
CA THR C 458 -2.67 -58.87 -11.15
C THR C 458 -4.03 -58.34 -10.73
N SER C 459 -4.18 -58.02 -9.45
CA SER C 459 -5.42 -57.54 -8.87
C SER C 459 -5.31 -56.06 -8.58
N VAL C 460 -6.44 -55.38 -8.59
CA VAL C 460 -6.55 -54.05 -8.01
C VAL C 460 -7.12 -54.19 -6.59
N ILE C 461 -6.42 -53.66 -5.62
CA ILE C 461 -6.89 -53.83 -4.26
C ILE C 461 -7.09 -52.46 -3.66
N THR C 462 -8.07 -52.38 -2.76
CA THR C 462 -8.38 -51.13 -2.09
C THR C 462 -7.17 -50.63 -1.28
N GLY C 463 -6.88 -49.34 -1.43
CA GLY C 463 -5.66 -48.76 -0.92
C GLY C 463 -5.53 -48.72 0.58
N PRO C 464 -4.29 -48.72 1.07
CA PRO C 464 -4.05 -48.76 2.52
C PRO C 464 -4.52 -47.52 3.26
N GLY C 465 -4.59 -46.38 2.60
CA GLY C 465 -5.12 -45.21 3.24
C GLY C 465 -4.23 -43.99 3.06
N PHE C 466 -2.98 -44.19 2.66
CA PHE C 466 -2.03 -43.09 2.55
C PHE C 466 -1.41 -42.99 1.16
N THR C 467 -1.92 -43.75 0.21
CA THR C 467 -1.53 -43.61 -1.17
C THR C 467 -2.44 -42.67 -1.91
N GLY C 468 -3.56 -42.27 -1.28
CA GLY C 468 -4.55 -41.48 -1.97
C GLY C 468 -5.17 -42.19 -3.16
N GLY C 469 -5.32 -43.50 -3.09
CA GLY C 469 -5.87 -44.26 -4.18
C GLY C 469 -5.54 -45.72 -3.98
N ASP C 470 -6.00 -46.53 -4.93
CA ASP C 470 -5.79 -47.97 -4.82
C ASP C 470 -4.44 -48.39 -5.39
N ILE C 471 -4.10 -49.67 -5.19
CA ILE C 471 -2.79 -50.19 -5.61
C ILE C 471 -2.95 -51.55 -6.28
N LEU C 472 -1.84 -52.08 -6.76
CA LEU C 472 -1.84 -53.32 -7.51
C LEU C 472 -1.09 -54.43 -6.77
N ARG C 473 -1.64 -55.63 -6.85
CA ARG C 473 -1.09 -56.77 -6.15
C ARG C 473 -0.91 -57.91 -7.11
N ARG C 474 0.16 -58.69 -6.89
CA ARG C 474 0.44 -59.94 -7.59
C ARG C 474 0.87 -60.99 -6.58
N ASN C 475 0.32 -62.20 -6.69
CA ASN C 475 0.71 -63.31 -5.83
C ASN C 475 1.86 -64.13 -6.41
N THR C 476 1.87 -64.32 -7.72
CA THR C 476 2.96 -64.90 -8.49
C THR C 476 3.73 -63.79 -9.21
N PHE C 477 4.89 -64.14 -9.78
CA PHE C 477 5.47 -63.23 -10.74
C PHE C 477 4.64 -63.28 -12.03
N GLY C 478 4.79 -62.23 -12.85
CA GLY C 478 4.03 -62.09 -14.07
C GLY C 478 3.94 -60.61 -14.44
N ASP C 479 2.99 -60.30 -15.34
CA ASP C 479 2.81 -58.94 -15.85
C ASP C 479 1.81 -58.19 -14.98
N PHE C 480 2.14 -56.92 -14.63
CA PHE C 480 1.32 -56.10 -13.74
C PHE C 480 0.29 -55.28 -14.53
N VAL C 481 0.75 -54.23 -15.23
CA VAL C 481 -0.10 -53.38 -16.05
C VAL C 481 0.64 -52.96 -17.32
N SER C 482 -0.14 -52.43 -18.26
CA SER C 482 0.37 -51.58 -19.32
C SER C 482 -0.22 -50.18 -19.18
N LEU C 483 0.60 -49.16 -19.50
CA LEU C 483 0.18 -47.76 -19.45
C LEU C 483 0.56 -47.05 -20.73
N GLN C 484 -0.07 -45.89 -20.93
CA GLN C 484 0.26 -44.98 -22.02
C GLN C 484 0.79 -43.71 -21.38
N VAL C 485 1.95 -43.26 -21.80
CA VAL C 485 2.53 -42.05 -21.23
C VAL C 485 2.88 -41.09 -22.37
N ASN C 486 2.67 -39.80 -22.12
CA ASN C 486 2.98 -38.75 -23.10
C ASN C 486 4.15 -37.91 -22.59
N ILE C 487 5.15 -37.72 -23.45
CA ILE C 487 6.27 -36.87 -23.06
C ILE C 487 6.25 -35.59 -23.87
N ASN C 488 6.77 -34.53 -23.28
CA ASN C 488 6.89 -33.25 -23.97
C ASN C 488 8.36 -32.95 -24.29
N SER C 489 8.99 -33.83 -25.05
CA SER C 489 10.38 -33.68 -25.45
C SER C 489 10.62 -34.57 -26.65
N PRO C 490 11.68 -34.32 -27.41
CA PRO C 490 12.04 -35.25 -28.47
C PRO C 490 12.28 -36.64 -27.89
N ILE C 491 12.05 -37.64 -28.75
CA ILE C 491 12.19 -39.05 -28.39
C ILE C 491 13.63 -39.45 -28.02
N THR C 492 14.64 -38.65 -28.40
CA THR C 492 16.01 -38.99 -28.02
C THR C 492 16.32 -38.62 -26.56
N GLN C 493 15.53 -37.74 -25.95
CA GLN C 493 15.79 -37.32 -24.58
C GLN C 493 15.65 -38.50 -23.62
N ARG C 494 16.60 -38.58 -22.68
CA ARG C 494 16.68 -39.74 -21.81
C ARG C 494 16.06 -39.43 -20.45
N TYR C 495 15.57 -40.50 -19.80
CA TYR C 495 14.79 -40.44 -18.58
C TYR C 495 15.26 -41.53 -17.62
N ARG C 496 14.91 -41.38 -16.34
CA ARG C 496 15.10 -42.44 -15.34
C ARG C 496 13.81 -42.61 -14.54
N LEU C 497 13.65 -43.76 -13.90
CA LEU C 497 12.37 -44.16 -13.33
C LEU C 497 12.59 -44.92 -12.01
N ARG C 498 11.74 -44.67 -10.99
CA ARG C 498 11.78 -45.42 -9.74
C ARG C 498 10.38 -45.92 -9.40
N PHE C 499 10.30 -46.84 -8.45
CA PHE C 499 9.03 -47.43 -8.01
C PHE C 499 8.81 -47.12 -6.54
N ARG C 500 7.54 -47.16 -6.12
CA ARG C 500 7.20 -47.20 -4.70
C ARG C 500 6.38 -48.46 -4.44
N TYR C 501 6.94 -49.38 -3.65
CA TYR C 501 6.41 -50.74 -3.56
C TYR C 501 6.47 -51.25 -2.13
N ALA C 502 5.72 -52.33 -1.92
CA ALA C 502 5.68 -53.10 -0.68
C ALA C 502 5.66 -54.56 -1.08
N SER C 503 6.48 -55.39 -0.44
CA SER C 503 6.51 -56.78 -0.85
C SER C 503 6.98 -57.65 0.30
N SER C 504 6.51 -58.88 0.34
CA SER C 504 7.00 -59.88 1.28
C SER C 504 8.05 -60.81 0.66
N ARG C 505 8.65 -60.44 -0.46
CA ARG C 505 9.63 -61.34 -1.03
C ARG C 505 10.61 -60.48 -1.82
N ASP C 506 11.77 -61.04 -2.17
CA ASP C 506 12.66 -60.31 -3.06
C ASP C 506 12.22 -60.55 -4.50
N ALA C 507 12.38 -59.54 -5.36
CA ALA C 507 11.97 -59.70 -6.75
C ALA C 507 12.74 -58.79 -7.70
N ARG C 508 12.54 -59.03 -8.99
CA ARG C 508 13.04 -58.17 -10.06
C ARG C 508 11.82 -57.67 -10.83
N VAL C 509 11.84 -56.39 -11.19
CA VAL C 509 10.78 -55.74 -11.95
C VAL C 509 11.36 -55.15 -13.24
N ILE C 510 10.58 -55.21 -14.31
CA ILE C 510 11.00 -54.79 -15.64
C ILE C 510 10.00 -53.79 -16.21
N VAL C 511 10.52 -52.80 -16.92
CA VAL C 511 9.69 -51.84 -17.63
C VAL C 511 10.03 -51.95 -19.10
N LEU C 512 9.01 -52.20 -19.92
CA LEU C 512 9.17 -52.23 -21.36
C LEU C 512 8.65 -50.92 -21.96
N THR C 513 9.26 -50.55 -23.08
CA THR C 513 8.89 -49.32 -23.76
C THR C 513 8.49 -49.66 -25.19
N GLY C 514 8.53 -50.94 -25.55
CA GLY C 514 8.25 -51.32 -26.91
C GLY C 514 6.85 -51.12 -27.42
N ALA C 515 6.15 -50.23 -26.73
CA ALA C 515 4.83 -49.82 -27.06
C ALA C 515 3.95 -50.97 -27.56
N ALA C 516 3.22 -50.64 -28.62
CA ALA C 516 2.20 -51.45 -29.25
C ALA C 516 1.06 -51.56 -28.27
N SER C 517 0.05 -50.76 -28.64
CA SER C 517 -1.34 -50.71 -28.25
C SER C 517 -1.70 -52.13 -27.84
N THR C 518 -2.58 -52.35 -26.86
CA THR C 518 -2.85 -53.69 -26.31
C THR C 518 -1.81 -53.97 -25.24
N GLY C 519 -0.59 -53.42 -25.41
CA GLY C 519 0.52 -53.72 -24.51
C GLY C 519 1.43 -54.86 -24.92
N VAL C 520 1.38 -55.32 -26.19
CA VAL C 520 1.98 -56.56 -26.76
C VAL C 520 3.14 -57.14 -25.96
N GLY C 521 4.06 -56.26 -25.55
CA GLY C 521 5.32 -56.61 -24.99
C GLY C 521 6.30 -55.82 -25.84
N GLY C 522 7.13 -55.00 -25.21
CA GLY C 522 8.00 -54.26 -26.07
C GLY C 522 9.50 -54.43 -25.91
N GLN C 523 10.10 -53.47 -25.25
CA GLN C 523 11.48 -53.62 -24.85
C GLN C 523 11.91 -53.18 -23.46
N VAL C 524 12.61 -54.17 -22.85
CA VAL C 524 13.19 -54.03 -21.55
C VAL C 524 14.10 -52.80 -21.63
N SER C 525 13.79 -51.77 -20.82
CA SER C 525 14.52 -50.51 -20.75
C SER C 525 15.04 -50.28 -19.36
N VAL C 526 14.46 -50.98 -18.40
CA VAL C 526 14.73 -50.85 -16.99
C VAL C 526 14.62 -52.24 -16.38
N ASN C 527 15.65 -52.64 -15.66
CA ASN C 527 15.69 -53.91 -14.97
C ASN C 527 16.08 -53.66 -13.53
N MET C 528 15.22 -54.03 -12.59
CA MET C 528 15.59 -53.59 -11.27
C MET C 528 15.23 -54.58 -10.18
N PRO C 529 16.06 -54.72 -9.15
CA PRO C 529 15.71 -55.62 -8.04
C PRO C 529 15.03 -54.87 -6.91
N LEU C 530 14.12 -55.56 -6.24
CA LEU C 530 13.28 -54.99 -5.21
C LEU C 530 13.42 -55.77 -3.91
N GLN C 531 13.95 -55.14 -2.87
CA GLN C 531 14.10 -55.91 -1.66
C GLN C 531 12.76 -56.15 -1.01
N LYS C 532 12.69 -57.28 -0.31
CA LYS C 532 11.60 -57.57 0.60
C LYS C 532 11.46 -56.43 1.61
N THR C 533 10.21 -56.04 1.92
CA THR C 533 9.94 -54.96 2.86
C THR C 533 9.09 -55.37 4.05
N MET C 534 8.50 -56.56 4.04
CA MET C 534 7.56 -56.94 5.09
C MET C 534 7.55 -58.45 5.24
N GLU C 535 6.87 -58.91 6.29
CA GLU C 535 6.65 -60.33 6.53
C GLU C 535 5.32 -60.74 5.95
N ILE C 536 5.20 -62.02 5.59
CA ILE C 536 3.96 -62.48 4.97
C ILE C 536 2.84 -62.26 5.97
N GLY C 537 1.84 -61.47 5.59
CA GLY C 537 0.66 -61.33 6.42
C GLY C 537 0.70 -60.15 7.36
N GLU C 538 1.77 -59.37 7.31
CA GLU C 538 1.85 -58.13 8.08
C GLU C 538 0.91 -57.12 7.46
N ASN C 539 0.50 -56.14 8.25
CA ASN C 539 -0.39 -55.12 7.74
C ASN C 539 0.41 -54.14 6.87
N LEU C 540 -0.27 -53.51 5.94
CA LEU C 540 0.39 -52.62 4.98
C LEU C 540 0.44 -51.24 5.63
N THR C 541 1.48 -50.96 6.39
CA THR C 541 1.63 -49.64 7.00
C THR C 541 2.73 -48.86 6.28
N SER C 542 2.91 -47.58 6.65
CA SER C 542 3.80 -46.72 5.87
C SER C 542 5.20 -47.30 5.78
N ARG C 543 5.64 -48.05 6.78
CA ARG C 543 6.99 -48.58 6.70
C ARG C 543 7.10 -49.75 5.72
N THR C 544 6.00 -50.39 5.37
CA THR C 544 6.16 -51.51 4.44
C THR C 544 6.38 -51.05 3.00
N PHE C 545 6.28 -49.75 2.73
CA PHE C 545 6.53 -49.21 1.40
C PHE C 545 7.91 -48.56 1.34
N ARG C 546 8.63 -48.82 0.25
CA ARG C 546 9.98 -48.31 0.03
C ARG C 546 10.11 -47.77 -1.37
N TYR C 547 11.12 -46.96 -1.57
CA TYR C 547 11.44 -46.43 -2.89
C TYR C 547 12.61 -47.22 -3.46
N THR C 548 12.50 -47.66 -4.72
CA THR C 548 13.69 -48.14 -5.39
C THR C 548 14.64 -46.96 -5.65
N ASP C 549 15.86 -47.26 -6.11
CA ASP C 549 16.70 -46.18 -6.62
C ASP C 549 16.19 -45.75 -8.00
N PHE C 550 16.76 -44.66 -8.50
CA PHE C 550 16.46 -44.29 -9.89
C PHE C 550 17.26 -45.18 -10.86
N SER C 551 16.81 -45.21 -12.11
CA SER C 551 16.85 -46.51 -12.76
C SER C 551 18.12 -46.82 -13.53
N ASN C 552 18.74 -45.83 -14.19
CA ASN C 552 19.70 -45.97 -15.30
C ASN C 552 19.04 -45.39 -16.53
N PRO C 553 19.65 -44.38 -17.15
CA PRO C 553 18.96 -43.64 -18.20
C PRO C 553 18.50 -44.54 -19.32
N PHE C 554 17.28 -44.28 -19.79
CA PHE C 554 16.68 -44.89 -20.96
C PHE C 554 15.83 -43.85 -21.64
N SER C 555 15.43 -44.14 -22.88
CA SER C 555 14.51 -43.29 -23.62
C SER C 555 13.36 -44.15 -24.14
N PHE C 556 12.26 -43.47 -24.45
CA PHE C 556 11.07 -44.07 -25.00
C PHE C 556 11.28 -44.34 -26.49
N ARG C 557 10.35 -45.05 -27.09
CA ARG C 557 10.48 -45.38 -28.48
C ARG C 557 9.38 -44.73 -29.32
N ALA C 558 8.29 -44.24 -28.71
CA ALA C 558 7.20 -43.55 -29.40
C ALA C 558 6.71 -42.41 -28.52
N ASN C 559 6.03 -41.40 -29.11
CA ASN C 559 5.76 -40.27 -28.21
C ASN C 559 4.41 -40.37 -27.53
N PRO C 560 3.43 -40.97 -28.10
CA PRO C 560 2.47 -41.61 -27.20
C PRO C 560 3.05 -43.00 -27.03
N ASP C 561 3.83 -43.20 -25.97
CA ASP C 561 4.48 -44.50 -25.79
C ASP C 561 3.69 -45.39 -24.84
N ILE C 562 3.83 -46.69 -25.04
CA ILE C 562 3.09 -47.64 -24.22
C ILE C 562 4.10 -48.45 -23.44
N ILE C 563 4.03 -48.33 -22.15
CA ILE C 563 4.96 -48.85 -21.16
C ILE C 563 4.42 -50.20 -20.71
N GLY C 564 5.31 -51.11 -20.33
CA GLY C 564 4.84 -52.36 -19.74
C GLY C 564 5.55 -52.66 -18.44
N ILE C 565 4.79 -53.03 -17.41
CA ILE C 565 5.37 -53.33 -16.11
C ILE C 565 5.12 -54.78 -15.78
N SER C 566 6.19 -55.55 -15.74
CA SER C 566 6.14 -56.98 -15.47
C SER C 566 7.10 -57.25 -14.34
N GLU C 567 6.84 -58.32 -13.63
CA GLU C 567 7.70 -58.72 -12.54
C GLU C 567 8.13 -60.16 -12.75
N GLN C 568 9.44 -60.38 -12.72
CA GLN C 568 10.11 -61.62 -13.08
C GLN C 568 10.74 -62.23 -11.82
N PRO C 569 10.94 -63.55 -11.80
CA PRO C 569 11.56 -64.17 -10.62
C PRO C 569 12.98 -63.66 -10.48
N LEU C 570 13.48 -63.55 -9.25
CA LEU C 570 14.81 -62.97 -9.13
C LEU C 570 15.83 -63.87 -9.83
N PHE C 571 15.70 -65.20 -9.68
CA PHE C 571 16.53 -66.23 -10.31
C PHE C 571 15.66 -66.89 -11.38
N GLY C 572 16.04 -68.09 -11.82
CA GLY C 572 15.03 -68.83 -12.55
C GLY C 572 13.91 -69.25 -11.62
N ALA C 573 14.19 -69.21 -10.30
CA ALA C 573 13.33 -69.51 -9.15
C ALA C 573 12.77 -70.93 -9.13
N GLY C 574 12.56 -71.51 -10.31
CA GLY C 574 11.86 -72.78 -10.33
C GLY C 574 10.43 -72.60 -9.91
N SER C 575 9.92 -71.36 -9.99
CA SER C 575 8.58 -70.97 -9.52
C SER C 575 8.47 -71.03 -7.98
N ILE C 576 9.61 -70.84 -7.30
CA ILE C 576 9.61 -70.55 -5.87
C ILE C 576 9.60 -69.04 -5.77
N SER C 577 8.52 -68.50 -5.21
CA SER C 577 8.17 -67.09 -5.26
C SER C 577 6.72 -66.95 -4.81
N SER C 578 6.50 -67.16 -3.52
CA SER C 578 5.19 -66.94 -2.95
C SER C 578 5.36 -65.94 -1.81
N GLY C 579 4.31 -65.14 -1.68
CA GLY C 579 4.23 -63.89 -0.96
C GLY C 579 3.40 -62.97 -1.81
N GLU C 580 3.38 -61.69 -1.48
CA GLU C 580 2.64 -60.72 -2.28
C GLU C 580 3.62 -59.66 -2.71
N LEU C 581 3.39 -59.10 -3.90
CA LEU C 581 4.06 -57.89 -4.34
C LEU C 581 3.01 -56.82 -4.58
N TYR C 582 3.17 -55.65 -3.96
CA TYR C 582 2.35 -54.48 -4.19
C TYR C 582 3.20 -53.42 -4.88
N ILE C 583 2.68 -52.84 -5.94
CA ILE C 583 3.27 -51.67 -6.57
C ILE C 583 2.24 -50.55 -6.51
N ASP C 584 2.67 -49.37 -6.07
CA ASP C 584 1.81 -48.18 -5.95
C ASP C 584 1.98 -47.25 -7.15
N LYS C 585 3.21 -46.79 -7.36
CA LYS C 585 3.55 -45.58 -8.10
C LYS C 585 4.83 -45.83 -8.87
N ILE C 586 4.91 -45.31 -10.09
CA ILE C 586 6.21 -45.06 -10.72
C ILE C 586 6.42 -43.56 -10.78
N GLU C 587 7.67 -43.17 -10.71
CA GLU C 587 8.05 -41.78 -10.81
C GLU C 587 9.12 -41.66 -11.88
N ILE C 588 9.05 -40.59 -12.67
CA ILE C 588 9.91 -40.40 -13.83
C ILE C 588 10.53 -39.02 -13.76
N ILE C 589 11.86 -38.94 -13.94
CA ILE C 589 12.59 -37.67 -14.10
C ILE C 589 13.44 -37.75 -15.36
N LEU C 590 14.06 -36.62 -15.72
CA LEU C 590 14.94 -36.55 -16.88
C LEU C 590 16.37 -36.97 -16.56
N ALA C 591 17.27 -36.74 -17.55
CA ALA C 591 18.73 -36.92 -17.49
C ALA C 591 19.29 -37.39 -16.16
N GLY D 4 11.35 6.67 -2.58
CA GLY D 4 12.55 7.36 -2.13
C GLY D 4 12.57 7.76 -0.66
N ASN D 5 13.13 6.88 0.17
CA ASN D 5 13.37 7.13 1.60
C ASN D 5 14.88 7.24 1.91
N THR D 6 15.57 8.13 1.18
CA THR D 6 17.00 8.44 1.25
C THR D 6 17.52 8.52 2.68
N PRO D 7 18.79 8.21 2.92
CA PRO D 7 19.38 8.51 4.24
C PRO D 7 19.27 9.97 4.67
N ILE D 8 19.32 10.94 3.74
CA ILE D 8 19.08 12.32 4.14
C ILE D 8 17.65 12.48 4.66
N ASP D 9 16.68 11.82 4.02
CA ASP D 9 15.31 11.84 4.50
C ASP D 9 15.24 11.38 5.95
N ILE D 10 15.81 10.20 6.20
CA ILE D 10 15.71 9.54 7.50
C ILE D 10 16.34 10.39 8.61
N SER D 11 17.55 10.90 8.36
CA SER D 11 18.21 11.68 9.41
C SER D 11 17.52 13.00 9.64
N LEU D 12 16.82 13.53 8.63
CA LEU D 12 16.05 14.76 8.81
C LEU D 12 14.84 14.53 9.70
N SER D 13 14.08 13.45 9.46
CA SER D 13 13.02 13.10 10.39
C SER D 13 13.59 12.74 11.77
N LEU D 14 14.81 12.24 11.82
CA LEU D 14 15.40 11.95 13.13
C LEU D 14 15.81 13.23 13.84
N THR D 15 16.37 14.19 13.10
CA THR D 15 16.64 15.49 13.69
C THR D 15 15.37 16.07 14.31
N GLN D 16 14.24 15.94 13.61
CA GLN D 16 12.98 16.49 14.07
C GLN D 16 12.57 15.91 15.41
N PHE D 17 12.73 14.59 15.58
CA PHE D 17 12.31 13.89 16.80
C PHE D 17 13.11 14.33 18.00
N LEU D 18 14.44 14.16 17.93
CA LEU D 18 15.33 14.57 19.01
C LEU D 18 15.18 16.04 19.32
N LEU D 19 14.80 16.84 18.34
CA LEU D 19 14.67 18.27 18.61
C LEU D 19 13.43 18.60 19.42
N SER D 20 12.34 17.84 19.22
CA SER D 20 11.06 18.10 19.88
C SER D 20 10.80 17.20 21.08
N GLU D 21 11.04 15.89 20.95
CA GLU D 21 10.66 14.94 22.01
C GLU D 21 11.86 14.36 22.74
N PHE D 22 12.72 15.25 23.28
CA PHE D 22 13.98 14.86 23.96
C PHE D 22 13.71 14.62 25.44
N VAL D 23 13.02 13.51 25.70
CA VAL D 23 12.52 13.20 27.04
C VAL D 23 12.60 11.69 27.22
N PRO D 24 13.24 11.19 28.27
CA PRO D 24 13.39 9.73 28.43
C PRO D 24 12.07 9.08 28.79
N GLY D 25 11.88 7.86 28.30
CA GLY D 25 10.67 7.13 28.55
C GLY D 25 10.39 6.25 27.35
N ALA D 26 9.23 5.60 27.37
CA ALA D 26 8.91 4.69 26.27
C ALA D 26 8.77 5.44 24.95
N GLY D 27 8.32 6.69 25.02
CA GLY D 27 8.22 7.49 23.80
C GLY D 27 9.55 7.68 23.11
N PHE D 28 10.61 7.94 23.87
CA PHE D 28 11.91 8.09 23.21
C PHE D 28 12.37 6.79 22.60
N VAL D 29 12.33 5.70 23.37
CA VAL D 29 12.77 4.40 22.86
C VAL D 29 11.94 4.01 21.65
N LEU D 30 10.63 4.16 21.74
CA LEU D 30 9.76 3.82 20.61
C LEU D 30 10.11 4.63 19.36
N GLY D 31 10.56 5.87 19.54
CA GLY D 31 10.88 6.71 18.41
C GLY D 31 12.09 6.23 17.64
N LEU D 32 13.15 5.80 18.35
CA LEU D 32 14.34 5.33 17.65
C LEU D 32 14.09 4.03 16.88
N ILE D 33 13.19 3.18 17.39
CA ILE D 33 12.82 2.00 16.63
C ILE D 33 12.10 2.40 15.35
N ASP D 34 11.12 3.31 15.45
CA ASP D 34 10.33 3.64 14.28
C ASP D 34 11.17 4.32 13.20
N LEU D 35 12.11 5.19 13.61
CA LEU D 35 12.85 5.92 12.60
C LEU D 35 14.13 5.21 12.15
N ILE D 36 14.77 4.41 13.01
CA ILE D 36 16.06 3.85 12.60
C ILE D 36 16.18 2.37 12.93
N TRP D 37 16.18 2.06 14.22
CA TRP D 37 16.63 0.75 14.66
C TRP D 37 15.57 -0.30 14.56
N GLY D 38 14.41 0.01 13.97
CA GLY D 38 13.43 -1.02 13.73
C GLY D 38 13.71 -1.87 12.51
N PHE D 39 14.53 -1.38 11.58
CA PHE D 39 14.76 -2.04 10.31
C PHE D 39 15.43 -3.40 10.50
N VAL D 40 14.96 -4.39 9.75
CA VAL D 40 15.57 -5.72 9.74
C VAL D 40 16.32 -5.91 8.43
N GLY D 41 17.60 -6.27 8.53
CA GLY D 41 18.41 -6.55 7.37
C GLY D 41 19.40 -5.46 7.00
N PRO D 42 20.09 -5.64 5.89
CA PRO D 42 21.25 -4.79 5.56
C PRO D 42 20.97 -3.57 4.68
N SER D 43 19.92 -3.70 3.85
CA SER D 43 19.62 -2.71 2.80
C SER D 43 19.67 -1.28 3.30
N GLN D 44 19.11 -1.01 4.48
CA GLN D 44 19.07 0.37 4.99
C GLN D 44 20.49 0.87 5.23
N TRP D 45 21.30 0.07 5.92
CA TRP D 45 22.68 0.43 6.15
C TRP D 45 23.48 0.49 4.86
N ASP D 46 23.22 -0.41 3.91
CA ASP D 46 23.91 -0.32 2.63
C ASP D 46 23.64 1.05 1.97
N ALA D 47 22.40 1.56 2.10
CA ALA D 47 22.07 2.84 1.47
C ALA D 47 22.76 3.97 2.20
N PHE D 48 22.83 3.90 3.54
CA PHE D 48 23.54 4.93 4.27
C PHE D 48 24.98 5.03 3.75
N LEU D 49 25.68 3.90 3.70
CA LEU D 49 27.08 3.90 3.25
C LEU D 49 27.19 4.31 1.79
N ALA D 50 26.31 3.78 0.94
CA ALA D 50 26.41 4.07 -0.48
C ALA D 50 26.46 5.57 -0.72
N GLN D 51 25.82 6.36 0.14
CA GLN D 51 25.73 7.79 -0.12
C GLN D 51 27.07 8.50 0.01
N VAL D 52 27.80 8.23 1.10
CA VAL D 52 29.08 8.91 1.28
C VAL D 52 30.09 8.39 0.28
N GLU D 53 29.97 7.10 -0.06
CA GLU D 53 30.81 6.50 -1.09
C GLU D 53 30.66 7.26 -2.40
N GLN D 54 29.42 7.45 -2.86
CA GLN D 54 29.22 8.19 -4.10
C GLN D 54 29.68 9.64 -4.00
N LEU D 55 29.75 10.18 -2.79
CA LEU D 55 30.10 11.59 -2.58
C LEU D 55 31.61 11.85 -2.77
N ILE D 56 32.46 11.00 -2.20
CA ILE D 56 33.91 11.11 -2.35
C ILE D 56 34.48 10.08 -3.32
N ASN D 57 33.61 9.32 -3.98
CA ASN D 57 33.97 8.44 -5.10
C ASN D 57 34.96 7.32 -4.75
N GLN D 58 34.75 6.66 -3.60
CA GLN D 58 35.50 5.45 -3.26
C GLN D 58 34.64 4.52 -2.39
N ARG D 59 34.40 3.31 -2.88
CA ARG D 59 33.69 2.31 -2.10
C ARG D 59 34.59 1.67 -1.04
N ILE D 60 33.97 1.30 0.08
CA ILE D 60 34.68 0.57 1.12
C ILE D 60 34.97 -0.83 0.62
N ALA D 61 36.19 -1.29 0.88
CA ALA D 61 36.59 -2.70 0.80
C ALA D 61 35.49 -3.64 1.27
N GLU D 62 35.26 -4.73 0.49
CA GLU D 62 34.06 -5.53 0.70
C GLU D 62 34.12 -6.28 2.02
N ALA D 63 35.31 -6.71 2.44
CA ALA D 63 35.42 -7.37 3.75
C ALA D 63 35.06 -6.41 4.88
N VAL D 64 35.64 -5.21 4.84
CA VAL D 64 35.38 -4.18 5.85
C VAL D 64 33.95 -3.71 5.74
N ARG D 65 33.48 -3.50 4.51
CA ARG D 65 32.12 -2.98 4.28
C ARG D 65 31.06 -3.91 4.84
N ASN D 66 31.23 -5.22 4.65
CA ASN D 66 30.20 -6.14 5.12
C ASN D 66 30.25 -6.29 6.63
N THR D 67 31.44 -6.29 7.25
CA THR D 67 31.49 -6.36 8.71
C THR D 67 30.74 -5.19 9.35
N ALA D 68 30.91 -3.98 8.79
CA ALA D 68 30.18 -2.83 9.31
C ALA D 68 28.68 -3.01 9.16
N ILE D 69 28.25 -3.41 7.95
CA ILE D 69 26.82 -3.59 7.69
C ILE D 69 26.23 -4.67 8.61
N GLN D 70 26.96 -5.76 8.85
CA GLN D 70 26.43 -6.82 9.70
C GLN D 70 26.49 -6.47 11.17
N GLU D 71 27.41 -5.58 11.56
CA GLU D 71 27.45 -5.19 12.96
C GLU D 71 26.39 -4.16 13.29
N LEU D 72 26.02 -3.33 12.33
CA LEU D 72 24.84 -2.47 12.52
C LEU D 72 23.58 -3.32 12.69
N GLU D 73 23.35 -4.28 11.80
CA GLU D 73 22.20 -5.17 11.97
C GLU D 73 22.18 -5.75 13.39
N GLY D 74 23.33 -6.20 13.88
CA GLY D 74 23.38 -6.76 15.22
C GLY D 74 23.00 -5.75 16.28
N MET D 75 23.45 -4.50 16.13
CA MET D 75 23.07 -3.45 17.05
C MET D 75 21.55 -3.23 17.07
N ALA D 76 20.90 -3.26 15.90
CA ALA D 76 19.45 -3.12 15.91
C ALA D 76 18.78 -4.28 16.65
N ARG D 77 19.31 -5.51 16.54
CA ARG D 77 18.65 -6.62 17.19
C ARG D 77 18.80 -6.55 18.71
N VAL D 78 19.98 -6.21 19.19
CA VAL D 78 20.13 -6.13 20.64
C VAL D 78 19.34 -4.96 21.20
N TYR D 79 19.21 -3.86 20.44
CA TYR D 79 18.36 -2.77 20.90
C TYR D 79 16.91 -3.17 20.94
N ARG D 80 16.45 -3.83 19.90
CA ARG D 80 15.05 -4.17 19.85
C ARG D 80 14.60 -4.97 21.07
N THR D 81 15.40 -5.96 21.50
CA THR D 81 14.95 -6.78 22.63
C THR D 81 15.06 -6.01 23.93
N TYR D 82 16.05 -5.12 24.02
CA TYR D 82 16.04 -4.16 25.12
C TYR D 82 14.79 -3.30 25.08
N ALA D 83 14.35 -2.93 23.88
CA ALA D 83 13.24 -1.98 23.78
C ALA D 83 11.96 -2.55 24.39
N THR D 84 11.66 -3.83 24.11
CA THR D 84 10.47 -4.43 24.69
C THR D 84 10.67 -4.74 26.18
N ALA D 85 11.80 -5.34 26.52
CA ALA D 85 12.13 -5.52 27.93
C ALA D 85 12.07 -4.19 28.68
N PHE D 86 12.43 -3.10 28.02
CA PHE D 86 12.19 -1.79 28.61
C PHE D 86 10.70 -1.52 28.71
N ALA D 87 9.96 -1.80 27.63
CA ALA D 87 8.56 -1.41 27.56
C ALA D 87 7.70 -2.22 28.53
N GLU D 88 7.97 -3.52 28.65
CA GLU D 88 7.19 -4.36 29.55
C GLU D 88 7.46 -3.98 30.99
N TRP D 89 8.67 -3.50 31.27
CA TRP D 89 8.95 -2.99 32.61
C TRP D 89 8.10 -1.77 32.95
N GLU D 90 7.83 -0.88 31.97
CA GLU D 90 7.10 0.33 32.31
C GLU D 90 5.59 0.12 32.46
N ARG D 91 5.00 -1.01 32.00
CA ARG D 91 3.62 -1.34 32.40
C ARG D 91 3.51 -1.77 33.85
N ALA D 92 4.54 -2.40 34.47
CA ALA D 92 4.48 -2.74 35.90
C ALA D 92 5.84 -2.51 36.56
N PRO D 93 6.26 -1.25 36.66
CA PRO D 93 7.68 -0.98 37.00
C PRO D 93 8.12 -1.46 38.38
N ASP D 94 7.21 -1.70 39.32
CA ASP D 94 7.71 -2.14 40.63
C ASP D 94 7.95 -3.63 40.68
N ASP D 95 7.42 -4.37 39.69
CA ASP D 95 7.58 -5.80 39.62
C ASP D 95 9.07 -6.09 39.64
N PRO D 96 9.58 -6.79 40.65
CA PRO D 96 11.02 -7.03 40.69
C PRO D 96 11.46 -7.96 39.61
N GLU D 97 10.60 -8.72 38.92
CA GLU D 97 11.42 -9.67 38.19
C GLU D 97 11.59 -9.12 36.76
N LEU D 98 10.63 -8.29 36.28
CA LEU D 98 10.83 -7.48 35.06
C LEU D 98 11.96 -6.47 35.21
N ARG D 99 12.07 -5.81 36.38
CA ARG D 99 13.21 -4.93 36.64
C ARG D 99 14.49 -5.67 36.34
N GLU D 100 14.50 -6.91 36.78
CA GLU D 100 15.66 -7.74 36.85
C GLU D 100 15.97 -8.27 35.46
N ALA D 101 14.91 -8.46 34.67
CA ALA D 101 14.95 -8.82 33.26
C ALA D 101 15.47 -7.66 32.38
N LEU D 102 15.08 -6.42 32.72
CA LEU D 102 15.62 -5.24 32.04
C LEU D 102 17.07 -5.00 32.41
N ARG D 103 17.44 -5.22 33.69
CA ARG D 103 18.83 -5.06 34.10
C ARG D 103 19.75 -5.96 33.32
N THR D 104 19.45 -7.26 33.33
CA THR D 104 20.29 -8.16 32.54
C THR D 104 20.33 -7.70 31.09
N GLN D 105 19.18 -7.34 30.50
CA GLN D 105 19.14 -6.94 29.10
C GLN D 105 19.83 -5.61 28.83
N PHE D 106 19.78 -4.66 29.77
CA PHE D 106 20.53 -3.43 29.51
C PHE D 106 22.01 -3.72 29.34
N THR D 107 22.63 -4.39 30.34
CA THR D 107 24.07 -4.61 30.29
C THR D 107 24.46 -5.45 29.08
N ALA D 108 23.56 -6.33 28.63
CA ALA D 108 23.84 -7.07 27.41
C ALA D 108 23.90 -6.12 26.21
N THR D 109 22.93 -5.23 26.08
CA THR D 109 22.90 -4.37 24.90
C THR D 109 23.92 -3.25 24.97
N GLU D 110 24.22 -2.76 26.17
CA GLU D 110 25.22 -1.70 26.26
C GLU D 110 26.59 -2.22 25.86
N THR D 111 27.01 -3.36 26.42
CA THR D 111 28.34 -3.85 26.09
C THR D 111 28.44 -4.23 24.61
N TYR D 112 27.35 -4.78 24.03
CA TYR D 112 27.38 -5.19 22.63
C TYR D 112 27.61 -3.99 21.73
N ILE D 113 26.89 -2.91 21.99
CA ILE D 113 27.04 -1.73 21.16
C ILE D 113 28.36 -1.04 21.45
N SER D 114 28.64 -0.82 22.73
CA SER D 114 29.95 -0.34 23.16
C SER D 114 31.09 -1.10 22.48
N GLY D 115 31.03 -2.43 22.52
CA GLY D 115 32.15 -3.22 22.08
C GLY D 115 32.40 -3.14 20.58
N ARG D 116 31.35 -2.95 19.79
CA ARG D 116 31.50 -3.14 18.35
C ARG D 116 31.40 -1.86 17.53
N ILE D 117 31.29 -0.69 18.16
CA ILE D 117 31.42 0.54 17.38
C ILE D 117 32.81 0.61 16.73
N SER D 118 33.79 -0.07 17.34
CA SER D 118 35.14 -0.26 16.81
C SER D 118 35.13 -0.38 15.30
N VAL D 119 34.23 -1.22 14.78
CA VAL D 119 34.24 -1.55 13.35
C VAL D 119 33.70 -0.45 12.45
N LEU D 120 33.19 0.65 13.00
CA LEU D 120 32.71 1.77 12.18
C LEU D 120 33.74 2.90 12.09
N LYS D 121 34.90 2.69 12.70
CA LYS D 121 36.02 3.62 12.76
C LYS D 121 37.22 3.15 11.92
N ILE D 122 37.02 2.20 11.00
CA ILE D 122 38.11 1.49 10.32
C ILE D 122 39.08 2.43 9.60
N GLN D 123 40.39 2.23 9.81
CA GLN D 123 41.40 3.12 9.24
C GLN D 123 41.38 3.07 7.72
N THR D 124 41.38 4.25 7.09
CA THR D 124 41.26 4.58 5.66
C THR D 124 39.81 4.63 5.21
N PHE D 125 38.84 4.20 6.04
CA PHE D 125 37.46 4.24 5.61
C PHE D 125 36.58 5.07 6.54
N GLU D 126 37.21 5.87 7.41
CA GLU D 126 36.48 6.65 8.40
C GLU D 126 35.45 7.57 7.77
N VAL D 127 35.81 8.24 6.68
CA VAL D 127 34.91 9.21 6.07
C VAL D 127 33.64 8.51 5.59
N GLN D 128 33.81 7.46 4.76
CA GLN D 128 32.69 6.70 4.22
C GLN D 128 31.80 6.13 5.31
N LEU D 129 32.38 5.77 6.44
CA LEU D 129 31.67 5.21 7.57
C LEU D 129 31.14 6.26 8.53
N LEU D 130 31.26 7.54 8.21
CA LEU D 130 30.97 8.56 9.21
C LEU D 130 29.50 8.60 9.59
N SER D 131 28.59 8.53 8.59
CA SER D 131 27.16 8.71 8.87
C SER D 131 26.57 7.54 9.67
N VAL D 132 27.04 6.32 9.47
CA VAL D 132 26.52 5.23 10.29
C VAL D 132 27.16 5.26 11.67
N PHE D 133 28.42 5.67 11.75
CA PHE D 133 29.02 5.85 13.07
C PHE D 133 28.22 6.85 13.86
N ALA D 134 27.72 7.89 13.17
CA ALA D 134 26.91 8.91 13.83
C ALA D 134 25.61 8.33 14.35
N GLN D 135 24.95 7.48 13.57
CA GLN D 135 23.73 6.81 14.03
C GLN D 135 24.03 5.94 15.22
N ALA D 136 25.09 5.15 15.12
CA ALA D 136 25.39 4.16 16.16
C ALA D 136 25.88 4.83 17.42
N ALA D 137 26.71 5.86 17.27
CA ALA D 137 27.15 6.60 18.44
C ALA D 137 25.98 7.24 19.15
N ASN D 138 25.02 7.74 18.36
CA ASN D 138 23.79 8.32 18.90
C ASN D 138 23.00 7.29 19.68
N LEU D 139 22.92 6.04 19.17
CA LEU D 139 22.19 4.98 19.88
C LEU D 139 22.89 4.64 21.18
N HIS D 140 24.22 4.49 21.15
CA HIS D 140 24.93 4.16 22.37
C HIS D 140 24.68 5.20 23.46
N LEU D 141 24.67 6.49 23.07
CA LEU D 141 24.52 7.58 24.03
C LEU D 141 23.14 7.60 24.66
N SER D 142 22.12 7.26 23.87
CA SER D 142 20.78 7.17 24.42
C SER D 142 20.69 6.12 25.51
N LEU D 143 21.31 4.96 25.27
CA LEU D 143 21.31 3.87 26.25
C LEU D 143 21.98 4.31 27.54
N LEU D 144 23.14 4.95 27.41
CA LEU D 144 23.83 5.42 28.62
C LEU D 144 22.99 6.46 29.33
N ARG D 145 22.20 7.24 28.60
CA ARG D 145 21.28 8.11 29.31
C ARG D 145 20.24 7.31 30.06
N ASP D 146 19.80 6.18 29.49
CA ASP D 146 18.64 5.49 30.05
C ASP D 146 18.89 5.04 31.51
N VAL D 147 20.03 4.35 31.78
CA VAL D 147 20.31 3.92 33.15
C VAL D 147 20.71 5.08 34.04
N VAL D 148 21.42 6.06 33.51
CA VAL D 148 21.73 7.20 34.37
C VAL D 148 20.44 7.80 34.91
N PHE D 149 19.36 7.73 34.13
CA PHE D 149 18.08 8.28 34.50
C PHE D 149 17.18 7.30 35.24
N PHE D 150 17.17 6.02 34.84
CA PHE D 150 16.30 5.00 35.41
C PHE D 150 17.05 3.93 36.21
N GLY D 151 18.36 4.07 36.41
CA GLY D 151 19.13 2.99 37.03
C GLY D 151 18.67 2.65 38.44
N GLN D 152 18.49 3.66 39.28
CA GLN D 152 18.07 3.35 40.65
C GLN D 152 16.62 2.86 40.68
N ARG D 153 15.76 3.50 39.88
CA ARG D 153 14.37 3.08 39.69
C ARG D 153 14.36 1.63 39.18
N TRP D 154 15.38 1.24 38.40
CA TRP D 154 15.55 -0.13 37.91
C TRP D 154 16.12 -1.06 38.97
N GLY D 155 16.97 -0.56 39.86
CA GLY D 155 17.63 -1.40 40.86
C GLY D 155 19.14 -1.44 40.78
N PHE D 156 19.79 -0.79 39.83
CA PHE D 156 21.25 -0.82 39.73
C PHE D 156 21.91 -0.13 40.92
N SER D 157 23.12 -0.60 41.26
CA SER D 157 23.99 0.02 42.26
C SER D 157 24.10 1.53 42.07
N THR D 158 24.13 2.27 43.16
CA THR D 158 24.56 3.67 43.07
C THR D 158 25.95 3.77 42.48
N THR D 159 26.75 2.71 42.60
CA THR D 159 28.10 2.73 42.05
C THR D 159 28.10 2.41 40.56
N THR D 160 27.23 1.48 40.14
CA THR D 160 27.16 1.08 38.74
C THR D 160 26.80 2.27 37.84
N VAL D 161 25.80 3.07 38.23
CA VAL D 161 25.37 4.20 37.42
C VAL D 161 26.42 5.29 37.38
N ASN D 162 27.03 5.61 38.53
CA ASN D 162 28.03 6.67 38.49
C ASN D 162 29.13 6.31 37.50
N ASN D 163 29.42 5.01 37.34
CA ASN D 163 30.40 4.57 36.34
C ASN D 163 29.82 4.74 34.94
N TYR D 164 28.57 4.32 34.77
CA TYR D 164 27.86 4.56 33.52
C TYR D 164 27.79 6.06 33.22
N TYR D 165 27.57 6.89 34.26
CA TYR D 165 27.56 8.32 34.02
C TYR D 165 28.89 8.79 33.44
N ASN D 166 30.01 8.32 33.99
CA ASN D 166 31.26 8.77 33.42
C ASN D 166 31.47 8.20 32.01
N ASP D 167 30.94 7.00 31.73
CA ASP D 167 31.00 6.51 30.36
C ASP D 167 30.28 7.45 29.40
N LEU D 168 29.13 7.99 29.84
CA LEU D 168 28.33 8.93 29.06
C LEU D 168 29.06 10.25 28.84
N THR D 169 29.48 10.89 29.93
CA THR D 169 30.43 12.01 29.88
C THR D 169 31.45 11.87 28.76
N GLU D 170 32.18 10.75 28.77
CA GLU D 170 33.26 10.51 27.82
C GLU D 170 32.71 10.20 26.44
N GLY D 171 31.61 9.43 26.40
CA GLY D 171 30.95 9.18 25.15
C GLY D 171 30.65 10.45 24.39
N ILE D 172 30.05 11.42 25.06
CA ILE D 172 29.72 12.68 24.39
C ILE D 172 31.00 13.37 23.88
N SER D 173 32.05 13.39 24.69
CA SER D 173 33.21 14.13 24.23
C SER D 173 34.01 13.36 23.20
N THR D 174 34.25 12.06 23.41
CA THR D 174 35.09 11.36 22.44
C THR D 174 34.36 11.22 21.10
N TYR D 175 33.07 10.87 21.11
CA TYR D 175 32.33 10.71 19.88
C TYR D 175 32.19 12.03 19.13
N THR D 176 31.76 13.10 19.85
CA THR D 176 31.72 14.45 19.26
C THR D 176 33.01 14.79 18.55
N ASP D 177 34.12 14.64 19.25
CA ASP D 177 35.38 15.07 18.70
C ASP D 177 35.77 14.23 17.51
N TYR D 178 35.44 12.93 17.53
CA TYR D 178 35.79 12.09 16.40
C TYR D 178 35.08 12.53 15.10
N ALA D 179 33.77 12.78 15.17
CA ALA D 179 33.03 13.11 13.96
C ALA D 179 33.48 14.46 13.37
N VAL D 180 33.69 15.47 14.21
CA VAL D 180 34.12 16.77 13.69
C VAL D 180 35.50 16.64 13.03
N ARG D 181 36.37 15.75 13.56
CA ARG D 181 37.66 15.48 12.95
C ARG D 181 37.50 14.97 11.53
N TRP D 182 36.75 13.86 11.37
CA TRP D 182 36.65 13.22 10.06
C TRP D 182 35.73 13.98 9.14
N TYR D 183 34.77 14.75 9.71
CA TYR D 183 34.01 15.69 8.89
C TYR D 183 34.92 16.71 8.25
N ASN D 184 35.82 17.33 9.02
CA ASN D 184 36.68 18.35 8.47
C ASN D 184 37.66 17.77 7.46
N THR D 185 38.36 16.70 7.84
CA THR D 185 39.40 16.17 6.97
C THR D 185 38.82 15.56 5.72
N GLY D 186 37.64 14.95 5.83
CA GLY D 186 36.99 14.42 4.63
C GLY D 186 36.49 15.52 3.71
N LEU D 187 35.96 16.60 4.29
CA LEU D 187 35.45 17.71 3.47
C LEU D 187 36.53 18.36 2.59
N GLU D 188 37.69 18.67 3.13
CA GLU D 188 38.76 19.23 2.30
C GLU D 188 39.26 18.28 1.22
N ARG D 189 39.20 16.97 1.48
CA ARG D 189 39.66 16.02 0.48
C ARG D 189 38.85 16.18 -0.79
N VAL D 190 37.67 16.81 -0.69
CA VAL D 190 36.82 17.12 -1.83
C VAL D 190 37.16 18.46 -2.48
N TRP D 191 37.91 19.32 -1.79
CA TRP D 191 38.18 20.66 -2.32
C TRP D 191 39.06 20.56 -3.54
N GLY D 192 38.68 21.30 -4.58
CA GLY D 192 39.48 21.47 -5.77
C GLY D 192 39.33 22.89 -6.27
N PRO D 193 40.02 23.21 -7.37
CA PRO D 193 40.07 24.60 -7.85
C PRO D 193 39.01 25.02 -8.85
N ASP D 194 38.24 24.09 -9.42
CA ASP D 194 37.27 24.38 -10.47
C ASP D 194 35.84 24.45 -9.90
N SER D 195 34.94 25.06 -10.67
CA SER D 195 33.55 25.08 -10.26
C SER D 195 33.04 23.68 -9.99
N ARG D 196 33.40 22.70 -10.82
CA ARG D 196 32.90 21.34 -10.58
C ARG D 196 33.38 20.81 -9.25
N ASP D 197 34.62 21.09 -8.89
CA ASP D 197 35.12 20.61 -7.61
C ASP D 197 34.44 21.33 -6.44
N TRP D 198 34.07 22.62 -6.62
CA TRP D 198 33.36 23.35 -5.56
C TRP D 198 31.98 22.76 -5.30
N VAL D 199 31.24 22.43 -6.36
CA VAL D 199 29.93 21.79 -6.23
C VAL D 199 30.01 20.52 -5.38
N ARG D 200 31.01 19.67 -5.64
CA ARG D 200 31.12 18.43 -4.91
C ARG D 200 31.61 18.66 -3.49
N TYR D 201 32.38 19.73 -3.29
CA TYR D 201 32.75 20.17 -1.94
C TYR D 201 31.52 20.54 -1.16
N ASN D 202 30.69 21.38 -1.76
CA ASN D 202 29.53 21.92 -1.08
C ASN D 202 28.51 20.83 -0.79
N GLN D 203 28.30 19.95 -1.77
CA GLN D 203 27.45 18.78 -1.58
C GLN D 203 27.92 17.93 -0.40
N PHE D 204 29.23 17.74 -0.24
CA PHE D 204 29.71 17.04 0.94
C PHE D 204 29.31 17.79 2.20
N ARG D 205 29.60 19.09 2.24
CA ARG D 205 29.27 19.93 3.39
C ARG D 205 27.78 19.85 3.74
N ARG D 206 26.94 19.93 2.72
CA ARG D 206 25.52 19.94 2.95
C ARG D 206 25.04 18.58 3.44
N GLU D 207 25.44 17.50 2.76
CA GLU D 207 24.92 16.19 3.12
C GLU D 207 25.43 15.71 4.47
N LEU D 208 26.68 16.00 4.82
CA LEU D 208 27.10 15.55 6.13
C LEU D 208 26.70 16.51 7.25
N THR D 209 26.33 17.75 6.90
CA THR D 209 25.70 18.62 7.90
C THR D 209 24.34 18.06 8.31
N LEU D 210 23.55 17.55 7.34
CA LEU D 210 22.23 17.00 7.64
C LEU D 210 22.32 15.63 8.32
N THR D 211 23.28 14.79 7.90
CA THR D 211 23.34 13.39 8.32
C THR D 211 24.27 13.13 9.50
N VAL D 212 25.14 14.07 9.84
CA VAL D 212 26.12 13.82 10.89
C VAL D 212 26.12 14.96 11.89
N LEU D 213 26.56 16.14 11.45
CA LEU D 213 26.78 17.26 12.36
C LEU D 213 25.49 17.64 13.08
N ASP D 214 24.34 17.53 12.42
CA ASP D 214 23.11 17.91 13.12
C ASP D 214 22.82 16.94 14.26
N ILE D 215 23.07 15.64 14.06
CA ILE D 215 22.83 14.72 15.16
C ILE D 215 23.92 14.87 16.21
N VAL D 216 25.15 15.21 15.79
CA VAL D 216 26.26 15.37 16.73
C VAL D 216 26.05 16.58 17.63
N ALA D 217 25.46 17.65 17.08
CA ALA D 217 25.23 18.83 17.89
C ALA D 217 24.28 18.57 19.05
N LEU D 218 23.44 17.54 18.94
CA LEU D 218 22.48 17.28 19.99
C LEU D 218 22.99 16.32 21.05
N PHE D 219 24.16 15.73 20.84
CA PHE D 219 24.71 14.81 21.82
C PHE D 219 24.67 15.37 23.24
N PRO D 220 25.10 16.62 23.51
CA PRO D 220 25.12 17.08 24.90
C PRO D 220 23.81 16.96 25.62
N ASN D 221 22.67 16.96 24.93
CA ASN D 221 21.40 16.87 25.67
C ASN D 221 21.24 15.52 26.36
N TYR D 222 21.97 14.51 25.91
CA TYR D 222 21.90 13.21 26.52
C TYR D 222 22.47 13.21 27.95
N ASP D 223 23.15 14.26 28.39
CA ASP D 223 23.69 14.32 29.75
C ASP D 223 22.54 14.66 30.70
N SER D 224 21.90 13.62 31.24
CA SER D 224 20.62 13.82 31.94
C SER D 224 20.79 14.33 33.37
N ARG D 225 22.01 14.34 33.90
CA ARG D 225 22.23 15.08 35.13
C ARG D 225 22.35 16.58 34.85
N ARG D 226 22.94 16.93 33.70
CA ARG D 226 22.99 18.32 33.28
C ARG D 226 21.65 18.77 32.73
N TYR D 227 20.83 17.86 32.16
CA TYR D 227 19.51 18.17 31.61
C TYR D 227 18.46 17.27 32.25
N PRO D 228 18.10 17.55 33.52
CA PRO D 228 17.08 16.71 34.20
C PRO D 228 15.69 16.72 33.55
N ILE D 229 15.30 17.79 32.89
CA ILE D 229 13.98 17.86 32.27
C ILE D 229 14.09 18.13 30.77
N ARG D 230 12.94 18.31 30.12
CA ARG D 230 12.88 18.50 28.68
C ARG D 230 13.80 19.63 28.24
N THR D 231 14.42 19.49 27.06
CA THR D 231 15.23 20.55 26.48
C THR D 231 15.15 20.53 24.95
N VAL D 232 15.13 21.74 24.38
CA VAL D 232 14.93 21.96 22.96
C VAL D 232 16.09 22.80 22.49
N SER D 233 16.95 22.23 21.63
CA SER D 233 18.05 22.97 21.03
C SER D 233 17.57 23.67 19.77
N GLN D 234 18.46 24.46 19.19
CA GLN D 234 18.18 25.22 17.96
C GLN D 234 19.40 25.19 17.04
N LEU D 235 19.20 24.74 15.81
CA LEU D 235 20.26 24.70 14.84
C LEU D 235 20.22 25.96 13.97
N THR D 236 21.13 26.90 14.21
CA THR D 236 21.17 28.12 13.40
C THR D 236 22.15 28.07 12.23
N ARG D 237 22.84 26.94 12.04
CA ARG D 237 23.77 26.86 10.92
C ARG D 237 23.02 26.94 9.59
N GLU D 238 23.69 27.40 8.55
CA GLU D 238 23.06 27.54 7.23
C GLU D 238 23.76 26.67 6.21
N ILE D 239 22.99 25.92 5.42
CA ILE D 239 23.54 25.16 4.30
C ILE D 239 23.14 25.87 2.99
N TYR D 240 23.89 25.61 1.93
CA TYR D 240 23.82 26.45 0.75
C TYR D 240 23.45 25.66 -0.51
N THR D 241 22.60 26.24 -1.37
CA THR D 241 22.33 25.70 -2.70
C THR D 241 22.57 26.79 -3.74
N ASN D 242 23.00 26.35 -4.92
CA ASN D 242 23.25 27.24 -6.05
C ASN D 242 22.83 26.53 -7.34
N PRO D 243 21.67 26.90 -7.90
CA PRO D 243 21.16 26.21 -9.09
C PRO D 243 21.98 26.42 -10.36
N VAL D 244 22.40 27.64 -10.70
CA VAL D 244 23.19 27.86 -11.93
C VAL D 244 24.39 26.92 -11.97
N LEU D 245 25.12 26.84 -10.85
CA LEU D 245 26.34 26.04 -10.80
C LEU D 245 26.07 24.56 -10.63
N GLU D 246 25.10 24.20 -9.81
CA GLU D 246 24.96 22.76 -9.56
C GLU D 246 24.38 22.03 -10.77
N ASN D 247 23.62 22.71 -11.62
CA ASN D 247 22.94 22.14 -12.78
C ASN D 247 23.71 22.37 -14.07
N PHE D 248 24.83 23.08 -13.98
CA PHE D 248 25.71 23.31 -15.12
C PHE D 248 26.42 22.01 -15.46
N ASP D 249 26.62 21.76 -16.76
CA ASP D 249 27.21 20.49 -17.17
C ASP D 249 28.74 20.55 -17.27
N GLY D 250 29.31 21.74 -17.44
CA GLY D 250 30.75 21.90 -17.52
C GLY D 250 31.42 22.16 -16.18
N SER D 251 32.48 22.96 -16.23
CA SER D 251 33.16 23.43 -15.02
C SER D 251 33.93 24.71 -15.34
N PHE D 252 33.60 25.81 -14.64
CA PHE D 252 34.35 27.05 -14.74
C PHE D 252 35.69 26.88 -14.04
N ARG D 253 36.78 27.22 -14.72
CA ARG D 253 38.07 26.80 -14.22
C ARG D 253 38.69 27.86 -13.32
N GLY D 254 39.50 27.41 -12.35
CA GLY D 254 40.07 28.29 -11.34
C GLY D 254 39.05 29.13 -10.62
N SER D 255 37.83 28.58 -10.58
CA SER D 255 36.62 29.22 -10.10
C SER D 255 36.34 29.00 -8.61
N ALA D 256 36.85 27.91 -8.02
CA ALA D 256 36.30 27.43 -6.75
C ALA D 256 36.43 28.47 -5.64
N GLN D 257 37.60 29.09 -5.50
CA GLN D 257 37.74 30.01 -4.37
C GLN D 257 36.97 31.31 -4.56
N GLY D 258 36.69 31.68 -5.81
CA GLY D 258 35.83 32.84 -6.02
C GLY D 258 34.38 32.58 -5.64
N ILE D 259 33.92 31.35 -5.83
CA ILE D 259 32.59 30.98 -5.40
C ILE D 259 32.51 31.00 -3.88
N GLU D 260 33.50 30.41 -3.21
CA GLU D 260 33.44 30.31 -1.76
C GLU D 260 33.59 31.67 -1.08
N ARG D 261 34.28 32.64 -1.68
CA ARG D 261 34.39 33.95 -1.05
C ARG D 261 33.14 34.81 -1.24
N SER D 262 32.21 34.37 -2.11
CA SER D 262 30.93 35.02 -2.30
C SER D 262 29.91 34.72 -1.18
N ILE D 263 30.22 33.80 -0.28
CA ILE D 263 29.34 33.53 0.86
C ILE D 263 29.53 34.58 1.94
N ARG D 264 28.42 34.96 2.60
CA ARG D 264 28.47 35.87 3.75
C ARG D 264 29.46 35.37 4.79
N SER D 265 30.12 36.29 5.46
CA SER D 265 30.96 35.88 6.56
C SER D 265 30.10 35.76 7.82
N PRO D 266 30.58 35.08 8.87
CA PRO D 266 29.71 34.76 10.00
C PRO D 266 29.00 36.00 10.52
N HIS D 267 27.78 35.80 11.01
CA HIS D 267 26.85 36.89 11.24
C HIS D 267 25.87 36.45 12.31
N LEU D 268 25.26 37.42 12.99
CA LEU D 268 24.15 37.08 13.85
C LEU D 268 23.02 36.53 13.01
N MET D 269 22.15 35.72 13.61
CA MET D 269 21.01 35.20 12.87
C MET D 269 20.05 36.33 12.50
N ASP D 270 19.59 36.33 11.23
CA ASP D 270 18.62 37.28 10.72
C ASP D 270 17.39 36.56 10.17
N ILE D 271 16.35 37.35 9.92
CA ILE D 271 15.17 36.83 9.27
C ILE D 271 15.05 37.53 7.92
N LEU D 272 15.17 36.77 6.83
CA LEU D 272 15.06 37.34 5.50
C LEU D 272 13.65 37.85 5.31
N ASN D 273 13.53 39.14 4.98
CA ASN D 273 12.25 39.83 4.78
C ASN D 273 11.83 39.88 3.31
N SER D 274 12.68 40.41 2.43
CA SER D 274 12.29 40.58 1.04
C SER D 274 13.52 40.44 0.15
N ILE D 275 13.25 40.20 -1.14
CA ILE D 275 14.28 40.18 -2.16
C ILE D 275 13.75 40.95 -3.37
N THR D 276 14.47 42.01 -3.76
CA THR D 276 14.12 42.80 -4.93
C THR D 276 15.05 42.40 -6.08
N ILE D 277 14.49 41.86 -7.16
CA ILE D 277 15.30 41.35 -8.27
C ILE D 277 15.37 42.38 -9.39
N TYR D 278 16.58 42.59 -9.93
CA TYR D 278 16.83 43.45 -11.07
C TYR D 278 17.08 42.61 -12.32
N THR D 279 16.45 42.99 -13.43
CA THR D 279 16.46 42.21 -14.66
C THR D 279 17.25 42.90 -15.77
N ASP D 280 18.05 42.12 -16.51
CA ASP D 280 18.86 42.56 -17.65
C ASP D 280 18.62 41.60 -18.82
N ALA D 281 19.12 41.95 -20.01
CA ALA D 281 18.85 41.14 -21.18
C ALA D 281 19.98 41.17 -22.21
N HIS D 282 20.01 40.12 -23.04
CA HIS D 282 20.94 39.99 -24.16
C HIS D 282 20.31 39.04 -25.19
N ARG D 283 20.13 39.52 -26.45
CA ARG D 283 19.26 38.93 -27.51
C ARG D 283 17.96 38.43 -26.90
N GLY D 284 17.20 39.32 -26.26
CA GLY D 284 15.87 38.94 -25.82
C GLY D 284 15.82 37.83 -24.77
N TYR D 285 16.97 37.42 -24.26
CA TYR D 285 17.06 36.55 -23.09
C TYR D 285 17.12 37.45 -21.88
N TYR D 286 16.07 37.44 -21.08
CA TYR D 286 16.03 38.26 -19.89
C TYR D 286 16.51 37.38 -18.76
N TYR D 287 17.26 37.96 -17.83
CA TYR D 287 17.86 37.10 -16.82
C TYR D 287 18.07 37.84 -15.50
N TRP D 288 18.12 37.06 -14.44
CA TRP D 288 18.41 37.53 -13.09
C TRP D 288 19.78 38.17 -13.08
N SER D 289 19.85 39.50 -13.04
CA SER D 289 21.14 40.20 -13.14
C SER D 289 21.68 40.67 -11.79
N GLY D 290 20.83 40.94 -10.81
CA GLY D 290 21.26 41.41 -9.50
C GLY D 290 20.07 41.45 -8.56
N HIS D 291 20.36 41.70 -7.29
CA HIS D 291 19.25 41.81 -6.35
C HIS D 291 19.73 42.45 -5.05
N GLN D 292 18.75 42.88 -4.27
CA GLN D 292 18.93 43.50 -2.97
C GLN D 292 18.27 42.64 -1.90
N ILE D 293 18.86 42.61 -0.71
CA ILE D 293 18.33 41.79 0.38
C ILE D 293 18.01 42.68 1.57
N MET D 294 16.79 42.59 2.09
CA MET D 294 16.42 43.27 3.31
C MET D 294 16.14 42.23 4.41
N ALA D 295 16.59 42.51 5.63
CA ALA D 295 16.45 41.55 6.71
C ALA D 295 16.11 42.25 8.01
N SER D 296 15.64 41.45 8.97
CA SER D 296 15.37 41.83 10.33
C SER D 296 16.13 40.91 11.29
N PRO D 297 16.43 41.38 12.50
CA PRO D 297 17.00 40.50 13.54
C PRO D 297 15.95 39.59 14.18
N VAL D 298 16.44 38.68 15.03
CA VAL D 298 15.52 37.86 15.82
C VAL D 298 14.61 38.77 16.65
N GLY D 299 13.30 38.46 16.61
CA GLY D 299 12.28 39.22 17.34
C GLY D 299 11.76 40.45 16.63
N PHE D 300 12.33 40.82 15.49
CA PHE D 300 12.00 42.07 14.79
C PHE D 300 12.20 43.27 15.75
N SER D 301 13.31 43.22 16.46
CA SER D 301 13.67 44.12 17.55
C SER D 301 14.32 45.40 17.03
N GLY D 302 14.01 45.79 15.79
CA GLY D 302 14.38 47.13 15.36
C GLY D 302 14.32 47.32 13.86
N PRO D 303 15.22 48.15 13.31
CA PRO D 303 15.07 48.59 11.92
C PRO D 303 15.68 47.60 10.94
N GLU D 304 15.08 47.55 9.75
CA GLU D 304 15.52 46.59 8.74
C GLU D 304 16.93 46.89 8.23
N PHE D 305 17.72 45.83 8.03
CA PHE D 305 19.06 45.97 7.46
C PHE D 305 18.97 45.61 5.99
N THR D 306 19.51 46.48 5.14
CA THR D 306 19.54 46.27 3.70
C THR D 306 20.96 45.99 3.25
N PHE D 307 21.17 44.81 2.66
CA PHE D 307 22.51 44.39 2.29
C PHE D 307 22.97 45.16 1.04
N PRO D 308 24.28 45.36 0.90
CA PRO D 308 24.81 45.99 -0.32
C PRO D 308 24.38 45.21 -1.54
N LEU D 309 24.34 45.91 -2.68
CA LEU D 309 23.85 45.31 -3.92
C LEU D 309 24.60 44.02 -4.23
N TYR D 310 23.85 42.99 -4.60
CA TYR D 310 24.40 41.76 -5.13
C TYR D 310 24.29 41.78 -6.64
N GLY D 311 25.39 41.45 -7.34
CA GLY D 311 25.25 41.53 -8.78
C GLY D 311 25.15 42.97 -9.25
N THR D 312 24.44 43.16 -10.36
CA THR D 312 24.33 44.46 -11.01
C THR D 312 22.87 44.83 -11.20
N MET D 313 22.58 46.14 -11.16
CA MET D 313 21.21 46.66 -11.19
C MET D 313 20.74 46.88 -12.64
N GLY D 314 20.29 45.78 -13.29
CA GLY D 314 19.82 45.89 -14.66
C GLY D 314 18.44 46.55 -14.76
N ASN D 315 18.03 46.95 -15.98
CA ASN D 315 16.74 47.66 -16.12
C ASN D 315 15.98 47.26 -17.39
N ALA D 316 16.35 46.14 -18.04
CA ALA D 316 15.64 45.66 -19.22
C ALA D 316 14.21 45.22 -18.91
N ALA D 317 13.86 45.12 -17.64
CA ALA D 317 12.49 44.95 -17.16
C ALA D 317 12.39 45.71 -15.84
N PRO D 318 11.19 46.04 -15.38
CA PRO D 318 11.09 46.71 -14.08
C PRO D 318 11.51 45.81 -12.91
N GLN D 319 11.99 46.43 -11.83
CA GLN D 319 12.38 45.65 -10.65
C GLN D 319 11.17 44.92 -10.09
N GLN D 320 11.42 43.77 -9.46
CA GLN D 320 10.38 42.98 -8.80
C GLN D 320 10.75 42.77 -7.35
N ARG D 321 9.88 43.25 -6.44
CA ARG D 321 10.09 43.10 -5.01
C ARG D 321 9.27 41.92 -4.52
N ILE D 322 9.95 40.86 -4.09
CA ILE D 322 9.32 39.66 -3.58
C ILE D 322 9.43 39.66 -2.07
N VAL D 323 8.30 39.57 -1.38
CA VAL D 323 8.32 39.53 0.06
C VAL D 323 8.48 38.08 0.48
N ALA D 324 9.60 37.77 1.13
CA ALA D 324 9.86 36.38 1.50
C ALA D 324 9.14 35.97 2.77
N GLN D 325 9.07 36.86 3.76
CA GLN D 325 8.65 36.46 5.11
C GLN D 325 7.13 36.49 5.23
N LEU D 326 6.51 35.49 4.61
CA LEU D 326 5.07 35.30 4.71
C LEU D 326 4.83 33.92 5.30
N GLY D 327 3.92 33.84 6.25
CA GLY D 327 3.67 32.57 6.90
C GLY D 327 4.93 32.10 7.62
N GLN D 328 5.37 30.90 7.28
CA GLN D 328 6.55 30.33 7.88
C GLN D 328 7.81 30.64 7.10
N GLY D 329 7.75 31.52 6.10
CA GLY D 329 8.92 31.84 5.29
C GLY D 329 8.90 31.02 4.01
N VAL D 330 9.86 31.25 3.13
CA VAL D 330 9.92 30.45 1.90
C VAL D 330 10.71 29.17 2.17
N TYR D 331 10.07 28.03 1.91
CA TYR D 331 10.64 26.70 2.20
C TYR D 331 11.26 25.99 1.01
N ARG D 332 11.14 26.55 -0.22
CA ARG D 332 11.52 25.85 -1.44
C ARG D 332 11.68 26.87 -2.58
N THR D 333 12.65 26.63 -3.48
CA THR D 333 12.76 27.40 -4.71
C THR D 333 12.81 26.42 -5.86
N LEU D 334 12.18 26.79 -6.98
CA LEU D 334 12.21 25.99 -8.21
C LEU D 334 12.69 26.88 -9.35
N SER D 335 13.94 26.68 -9.81
CA SER D 335 14.61 27.62 -10.71
C SER D 335 14.80 27.07 -12.11
N SER D 336 14.87 27.99 -13.09
CA SER D 336 15.11 27.70 -14.50
C SER D 336 16.49 28.21 -14.91
N THR D 337 17.35 27.30 -15.39
CA THR D 337 18.70 27.67 -15.80
C THR D 337 18.83 27.86 -17.30
N LEU D 338 19.72 28.77 -17.69
CA LEU D 338 19.93 29.16 -19.08
C LEU D 338 21.42 29.20 -19.34
N TYR D 339 21.92 28.30 -20.20
CA TYR D 339 23.33 28.24 -20.58
C TYR D 339 23.44 28.46 -22.09
N ARG D 340 23.64 29.71 -22.50
CA ARG D 340 23.75 30.03 -23.91
C ARG D 340 25.22 29.95 -24.34
N ARG D 341 25.50 29.09 -25.32
CA ARG D 341 26.85 28.84 -25.84
C ARG D 341 26.83 29.12 -27.34
N PRO D 342 27.01 30.37 -27.74
CA PRO D 342 26.97 30.71 -29.17
C PRO D 342 28.29 30.36 -29.85
N PHE D 343 28.24 30.34 -31.18
CA PHE D 343 29.36 29.90 -31.99
C PHE D 343 30.32 31.05 -32.20
N ASN D 344 31.61 30.74 -32.08
CA ASN D 344 32.74 31.50 -31.52
C ASN D 344 32.59 32.95 -31.05
N ILE D 345 31.48 33.66 -31.31
CA ILE D 345 31.34 35.08 -30.94
C ILE D 345 31.69 35.38 -29.48
N GLY D 346 31.82 36.69 -29.20
CA GLY D 346 31.90 37.24 -27.88
C GLY D 346 31.49 38.70 -27.86
N ILE D 347 31.70 39.33 -26.69
CA ILE D 347 31.49 40.73 -26.29
C ILE D 347 30.22 41.40 -26.84
N ASN D 348 29.83 41.06 -28.06
CA ASN D 348 28.59 41.54 -28.64
C ASN D 348 27.54 40.45 -28.71
N ASN D 349 27.99 39.21 -28.73
CA ASN D 349 27.15 38.04 -28.51
C ASN D 349 27.82 37.26 -27.39
N GLN D 350 27.24 37.32 -26.20
CA GLN D 350 27.86 36.81 -24.98
C GLN D 350 27.51 35.35 -24.70
N GLN D 351 28.32 34.73 -23.84
CA GLN D 351 27.96 33.46 -23.22
C GLN D 351 27.26 33.75 -21.88
N LEU D 352 26.09 33.16 -21.70
CA LEU D 352 25.29 33.40 -20.51
C LEU D 352 25.16 32.12 -19.71
N SER D 353 25.40 32.21 -18.40
CA SER D 353 25.15 31.13 -17.44
C SER D 353 24.43 31.77 -16.24
N VAL D 354 23.10 31.82 -16.33
CA VAL D 354 22.25 32.60 -15.42
C VAL D 354 20.90 31.93 -15.23
N LEU D 355 20.06 32.51 -14.36
CA LEU D 355 18.67 32.10 -14.19
C LEU D 355 17.74 33.04 -14.96
N ASP D 356 16.75 32.47 -15.67
CA ASP D 356 15.72 33.25 -16.33
C ASP D 356 14.36 33.10 -15.67
N GLY D 357 14.31 32.51 -14.47
CA GLY D 357 13.10 32.44 -13.67
C GLY D 357 13.25 31.62 -12.40
N THR D 358 12.48 31.94 -11.34
CA THR D 358 12.42 31.14 -10.11
C THR D 358 11.07 31.26 -9.43
N GLU D 359 10.56 30.13 -8.92
CA GLU D 359 9.34 30.07 -8.13
C GLU D 359 9.71 29.98 -6.64
N PHE D 360 9.16 30.91 -5.80
CA PHE D 360 9.42 30.96 -4.37
C PHE D 360 8.19 30.48 -3.63
N ALA D 361 8.24 29.29 -3.07
CA ALA D 361 7.07 28.66 -2.44
C ALA D 361 7.14 28.82 -0.92
N TYR D 362 6.02 29.21 -0.34
CA TYR D 362 5.92 29.55 1.06
C TYR D 362 5.56 28.35 1.91
N GLY D 363 6.16 28.28 3.10
CA GLY D 363 5.81 27.29 4.12
C GLY D 363 4.61 27.77 4.90
N THR D 364 3.53 27.02 4.83
CA THR D 364 2.24 27.53 5.30
C THR D 364 1.22 26.42 5.24
N SER D 365 0.21 26.51 6.12
CA SER D 365 -0.95 25.63 6.08
C SER D 365 -2.10 26.27 5.32
N SER D 366 -1.78 26.95 4.23
CA SER D 366 -2.82 27.74 3.57
C SER D 366 -2.59 27.70 2.06
N ASN D 367 -3.56 28.24 1.33
CA ASN D 367 -3.48 28.24 -0.13
C ASN D 367 -2.70 29.42 -0.69
N LEU D 368 -1.73 29.92 0.06
CA LEU D 368 -0.92 31.04 -0.41
C LEU D 368 -0.24 30.67 -1.73
N PRO D 369 -0.42 31.46 -2.80
CA PRO D 369 0.35 31.22 -4.03
C PRO D 369 1.82 31.54 -3.86
N SER D 370 2.63 30.89 -4.69
CA SER D 370 4.07 31.16 -4.74
C SER D 370 4.37 32.52 -5.34
N ALA D 371 5.49 33.10 -4.93
CA ALA D 371 6.03 34.27 -5.59
C ALA D 371 6.85 33.82 -6.78
N VAL D 372 6.68 34.49 -7.92
CA VAL D 372 7.33 34.03 -9.14
C VAL D 372 8.05 35.19 -9.80
N TYR D 373 9.37 35.02 -9.98
CA TYR D 373 10.17 35.90 -10.80
C TYR D 373 10.17 35.35 -12.22
N ARG D 374 9.47 36.05 -13.14
CA ARG D 374 9.37 35.71 -14.57
C ARG D 374 8.71 34.36 -14.88
N LYS D 375 9.27 33.25 -14.37
CA LYS D 375 8.76 31.93 -14.73
C LYS D 375 9.29 30.89 -13.74
N SER D 376 8.71 29.71 -13.82
CA SER D 376 9.13 28.66 -12.91
C SER D 376 10.25 27.84 -13.54
N GLY D 377 10.76 26.87 -12.79
CA GLY D 377 11.84 26.03 -13.28
C GLY D 377 11.75 24.64 -12.71
N THR D 378 12.71 23.81 -13.09
CA THR D 378 12.74 22.42 -12.65
C THR D 378 13.95 22.08 -11.79
N VAL D 379 14.86 23.02 -11.57
CA VAL D 379 15.94 22.84 -10.61
C VAL D 379 15.35 23.12 -9.23
N ASP D 380 14.95 22.06 -8.55
CA ASP D 380 14.01 22.12 -7.43
C ASP D 380 14.82 21.89 -6.17
N SER D 381 14.94 22.91 -5.32
CA SER D 381 15.78 22.83 -4.12
C SER D 381 15.29 21.78 -3.15
N LEU D 382 14.03 21.37 -3.24
CA LEU D 382 13.54 20.29 -2.37
C LEU D 382 14.28 18.98 -2.60
N ASP D 383 14.95 18.82 -3.75
CA ASP D 383 15.80 17.65 -4.01
C ASP D 383 17.06 17.64 -3.15
N GLU D 384 17.51 18.80 -2.69
CA GLU D 384 18.71 18.89 -1.88
C GLU D 384 18.46 19.28 -0.44
N ILE D 385 17.33 19.90 -0.15
CA ILE D 385 16.92 20.23 1.20
C ILE D 385 15.56 19.58 1.43
N PRO D 386 15.49 18.26 1.58
CA PRO D 386 14.18 17.55 1.56
C PRO D 386 13.38 17.80 2.83
N PRO D 387 12.13 17.35 2.87
CA PRO D 387 11.30 17.56 4.06
C PRO D 387 11.71 16.68 5.21
N GLN D 388 11.44 17.17 6.43
CA GLN D 388 11.58 16.33 7.59
C GLN D 388 10.42 15.36 7.74
N ASN D 389 9.27 15.67 7.13
CA ASN D 389 8.09 14.85 7.24
C ASN D 389 7.47 14.69 5.85
N ASN D 390 7.54 13.48 5.29
CA ASN D 390 6.91 13.22 4.00
C ASN D 390 5.48 12.68 4.11
N ASN D 391 4.91 12.57 5.33
CA ASN D 391 3.52 12.15 5.53
C ASN D 391 2.51 13.24 5.23
N VAL D 392 2.97 14.48 5.08
CA VAL D 392 2.14 15.66 4.81
C VAL D 392 2.68 16.36 3.58
N PRO D 393 1.90 17.25 2.97
CA PRO D 393 2.41 17.96 1.79
C PRO D 393 3.61 18.84 2.15
N PRO D 394 4.54 19.05 1.20
CA PRO D 394 5.82 19.70 1.57
C PRO D 394 5.66 21.04 2.23
N ARG D 395 4.72 21.90 1.82
CA ARG D 395 4.58 23.20 2.48
C ARG D 395 4.28 23.09 3.97
N GLN D 396 3.88 21.89 4.45
CA GLN D 396 3.70 21.64 5.87
C GLN D 396 4.85 20.83 6.49
N GLY D 397 5.49 19.95 5.75
CA GLY D 397 6.52 19.14 6.38
C GLY D 397 7.97 19.51 6.07
N PHE D 398 8.22 20.74 5.65
CA PHE D 398 9.56 21.16 5.22
C PHE D 398 10.53 21.12 6.39
N SER D 399 11.82 21.14 6.07
CA SER D 399 12.84 21.13 7.10
C SER D 399 13.58 22.46 7.24
N HIS D 400 13.71 23.24 6.17
CA HIS D 400 14.52 24.45 6.21
C HIS D 400 13.75 25.61 5.61
N ARG D 401 14.20 26.80 5.99
CA ARG D 401 13.67 28.07 5.51
C ARG D 401 14.79 28.85 4.84
N LEU D 402 14.45 29.61 3.78
CA LEU D 402 15.44 30.47 3.12
C LEU D 402 15.84 31.64 4.04
N SER D 403 17.15 31.90 4.15
CA SER D 403 17.65 32.97 5.03
C SER D 403 18.46 34.03 4.31
N HIS D 404 19.03 33.74 3.15
CA HIS D 404 19.74 34.77 2.43
C HIS D 404 19.82 34.40 0.96
N VAL D 405 20.16 35.38 0.13
CA VAL D 405 20.51 35.16 -1.27
C VAL D 405 21.73 36.03 -1.57
N SER D 406 22.91 35.41 -1.72
CA SER D 406 24.11 36.08 -2.18
C SER D 406 24.18 35.97 -3.70
N MET D 407 25.33 36.32 -4.29
CA MET D 407 25.54 36.16 -5.72
C MET D 407 26.98 35.80 -6.01
N PHE D 408 27.18 34.81 -6.90
CA PHE D 408 28.48 34.57 -7.54
C PHE D 408 28.42 35.27 -8.90
N ARG D 409 29.20 36.33 -9.06
CA ARG D 409 29.17 37.19 -10.24
C ARG D 409 30.48 37.05 -11.03
N SER D 410 30.38 37.18 -12.35
CA SER D 410 31.58 37.32 -13.18
C SER D 410 31.16 37.95 -14.52
N GLY D 411 32.03 38.81 -15.05
CA GLY D 411 31.77 39.46 -16.33
C GLY D 411 30.78 40.60 -16.18
N PHE D 412 30.81 41.52 -17.16
CA PHE D 412 29.87 42.64 -17.21
C PHE D 412 29.07 42.65 -18.50
N SER D 413 28.06 43.53 -18.54
CA SER D 413 27.06 43.54 -19.61
C SER D 413 27.56 44.32 -20.83
N ASN D 414 28.46 45.26 -20.55
CA ASN D 414 29.45 45.89 -21.41
C ASN D 414 30.78 45.17 -21.18
N SER D 415 31.71 45.31 -22.12
CA SER D 415 32.96 44.53 -22.06
C SER D 415 32.62 43.03 -22.06
N SER D 416 33.54 42.23 -21.50
CA SER D 416 33.30 40.82 -21.12
C SER D 416 32.58 39.97 -22.16
N VAL D 417 33.31 38.99 -22.70
CA VAL D 417 32.69 38.09 -23.66
C VAL D 417 31.78 37.06 -22.99
N SER D 418 31.95 36.68 -21.73
CA SER D 418 30.90 35.81 -21.16
C SER D 418 30.53 36.27 -19.75
N ILE D 419 29.26 36.00 -19.37
CA ILE D 419 28.62 36.48 -18.15
C ILE D 419 28.20 35.32 -17.24
N ILE D 420 28.34 35.50 -15.91
CA ILE D 420 27.91 34.50 -14.92
C ILE D 420 27.09 35.20 -13.82
N ARG D 421 25.80 34.83 -13.69
CA ARG D 421 25.01 35.19 -12.52
C ARG D 421 24.51 33.90 -11.85
N ALA D 422 25.15 33.50 -10.76
CA ALA D 422 24.80 32.26 -10.07
C ALA D 422 24.39 32.64 -8.65
N PRO D 423 23.12 32.98 -8.44
CA PRO D 423 22.67 33.38 -7.11
C PRO D 423 22.74 32.20 -6.16
N MET D 424 23.17 32.46 -4.93
CA MET D 424 23.36 31.41 -3.94
C MET D 424 22.36 31.52 -2.78
N PHE D 425 21.62 30.43 -2.58
CA PHE D 425 20.52 30.35 -1.62
C PHE D 425 21.01 29.77 -0.30
N SER D 426 20.83 30.51 0.80
CA SER D 426 21.15 30.00 2.14
C SER D 426 19.89 29.51 2.86
N TRP D 427 20.02 28.37 3.54
CA TRP D 427 18.88 27.72 4.20
C TRP D 427 19.21 27.53 5.67
N ILE D 428 18.38 28.10 6.55
CA ILE D 428 18.52 27.87 7.99
C ILE D 428 17.52 26.80 8.39
N HIS D 429 17.91 25.92 9.31
CA HIS D 429 17.00 24.86 9.71
C HIS D 429 15.83 25.44 10.50
N ARG D 430 14.64 24.84 10.32
CA ARG D 430 13.41 25.42 10.85
C ARG D 430 13.37 25.51 12.39
N SER D 431 14.19 24.75 13.12
CA SER D 431 14.25 24.90 14.58
C SER D 431 14.76 26.27 15.02
N ALA D 432 15.33 27.05 14.11
CA ALA D 432 15.81 28.38 14.45
C ALA D 432 14.60 29.30 14.47
N GLU D 433 14.00 29.45 15.64
CA GLU D 433 12.71 30.12 15.72
C GLU D 433 12.89 31.64 15.56
N PHE D 434 11.79 32.31 15.14
CA PHE D 434 11.80 33.75 14.83
C PHE D 434 12.00 34.63 16.07
N ASN D 435 11.59 34.15 17.25
CA ASN D 435 11.66 34.91 18.49
C ASN D 435 12.48 34.13 19.50
N ASN D 436 12.95 34.80 20.53
CA ASN D 436 13.54 34.07 21.65
C ASN D 436 12.47 33.96 22.74
N ILE D 437 11.76 32.83 22.79
CA ILE D 437 10.67 32.65 23.74
C ILE D 437 11.03 31.62 24.80
N ILE D 438 10.91 32.02 26.06
CA ILE D 438 11.26 31.22 27.24
C ILE D 438 10.06 30.42 27.70
N ALA D 439 10.12 29.10 27.58
CA ALA D 439 9.05 28.25 28.12
C ALA D 439 9.31 27.86 29.57
N SER D 440 8.35 28.18 30.45
CA SER D 440 8.08 27.29 31.59
C SER D 440 8.03 25.87 31.07
N ASP D 441 8.54 24.93 31.85
CA ASP D 441 8.44 23.47 31.66
C ASP D 441 9.52 22.88 30.73
N SER D 442 10.55 23.64 30.37
CA SER D 442 11.71 23.07 29.67
C SER D 442 12.97 23.90 29.95
N ILE D 443 14.11 23.38 29.49
CA ILE D 443 15.41 24.04 29.59
C ILE D 443 15.67 24.71 28.24
N ASN D 444 15.57 26.05 28.22
CA ASN D 444 15.57 26.79 26.96
C ASN D 444 16.98 27.08 26.49
N GLN D 445 17.34 26.59 25.32
CA GLN D 445 18.64 26.88 24.74
C GLN D 445 18.49 28.06 23.80
N ILE D 446 19.27 29.09 24.05
CA ILE D 446 19.33 30.28 23.20
C ILE D 446 20.77 30.48 22.77
N PRO D 447 21.15 30.04 21.56
CA PRO D 447 22.48 30.39 21.05
C PRO D 447 22.63 31.90 20.98
N LEU D 448 23.83 32.39 21.29
CA LEU D 448 24.02 33.83 21.38
C LEU D 448 23.99 34.51 20.02
N VAL D 449 24.09 33.77 18.93
CA VAL D 449 23.98 34.38 17.62
C VAL D 449 22.51 34.72 17.34
N LYS D 450 21.63 34.47 18.32
CA LYS D 450 20.23 34.85 18.20
C LYS D 450 19.96 36.21 18.80
N GLY D 451 20.99 36.94 19.25
CA GLY D 451 20.80 38.31 19.70
C GLY D 451 20.78 39.30 18.55
N PHE D 452 20.43 40.55 18.85
CA PHE D 452 20.26 41.53 17.76
C PHE D 452 21.39 42.51 17.65
N ARG D 453 22.20 42.69 18.68
CA ARG D 453 23.31 43.62 18.54
C ARG D 453 24.58 42.95 19.04
N VAL D 454 25.66 43.06 18.25
CA VAL D 454 27.01 42.72 18.71
C VAL D 454 27.78 44.01 18.96
N TRP D 455 28.35 44.12 20.15
CA TRP D 455 29.06 45.32 20.55
C TRP D 455 30.52 45.22 20.13
N GLY D 456 31.17 46.38 20.07
CA GLY D 456 32.52 46.47 19.54
C GLY D 456 33.53 45.52 20.17
N GLY D 457 34.39 44.95 19.33
CA GLY D 457 35.40 44.07 19.84
C GLY D 457 34.92 42.68 20.15
N THR D 458 33.65 42.39 19.87
CA THR D 458 33.12 41.04 19.84
C THR D 458 32.91 40.58 18.40
N SER D 459 33.48 39.44 18.05
CA SER D 459 33.39 38.85 16.73
C SER D 459 32.43 37.66 16.75
N VAL D 460 31.74 37.47 15.62
CA VAL D 460 31.05 36.20 15.36
C VAL D 460 32.02 35.34 14.57
N ILE D 461 32.43 34.20 15.13
CA ILE D 461 33.40 33.37 14.44
C ILE D 461 32.78 31.99 14.15
N THR D 462 33.12 31.47 12.97
CA THR D 462 32.48 30.29 12.42
C THR D 462 32.65 29.08 13.36
N GLY D 463 31.54 28.37 13.61
CA GLY D 463 31.46 27.39 14.68
C GLY D 463 32.38 26.18 14.54
N PRO D 464 32.75 25.59 15.69
CA PRO D 464 33.71 24.49 15.65
C PRO D 464 33.19 23.25 14.96
N GLY D 465 31.87 23.06 14.93
CA GLY D 465 31.31 21.93 14.23
C GLY D 465 30.24 21.19 15.01
N PHE D 466 30.14 21.44 16.31
CA PHE D 466 29.22 20.65 17.13
C PHE D 466 28.24 21.51 17.94
N THR D 467 28.16 22.81 17.67
CA THR D 467 27.18 23.70 18.30
C THR D 467 25.92 23.95 17.46
N GLY D 468 25.89 23.46 16.21
CA GLY D 468 24.81 23.74 15.28
C GLY D 468 24.72 25.19 14.85
N GLY D 469 25.84 25.88 14.78
CA GLY D 469 25.85 27.28 14.40
C GLY D 469 27.16 27.89 14.79
N ASP D 470 27.28 29.18 14.51
CA ASP D 470 28.51 29.88 14.83
C ASP D 470 28.50 30.29 16.30
N ILE D 471 29.58 30.89 16.77
CA ILE D 471 29.67 31.33 18.16
C ILE D 471 30.30 32.72 18.22
N LEU D 472 30.37 33.27 19.45
CA LEU D 472 30.87 34.62 19.68
C LEU D 472 32.17 34.59 20.47
N ARG D 473 33.11 35.43 20.04
CA ARG D 473 34.46 35.49 20.60
C ARG D 473 34.77 36.92 21.03
N ARG D 474 35.51 37.04 22.14
CA ARG D 474 36.06 38.31 22.61
C ARG D 474 37.50 38.10 23.01
N ASN D 475 38.39 38.99 22.56
CA ASN D 475 39.80 38.92 22.97
C ASN D 475 40.08 39.75 24.22
N THR D 476 39.49 40.92 24.32
CA THR D 476 39.54 41.79 25.48
C THR D 476 38.27 41.62 26.31
N PHE D 477 38.27 42.18 27.52
CA PHE D 477 37.02 42.24 28.25
C PHE D 477 36.09 43.20 27.55
N GLY D 478 34.80 43.04 27.81
CA GLY D 478 33.83 43.92 27.19
C GLY D 478 32.47 43.30 27.10
N ASP D 479 31.64 43.94 26.28
CA ASP D 479 30.25 43.57 26.07
C ASP D 479 30.12 42.61 24.89
N PHE D 480 29.33 41.54 25.06
CA PHE D 480 29.13 40.54 24.00
C PHE D 480 27.93 40.86 23.08
N VAL D 481 26.71 40.61 23.57
CA VAL D 481 25.49 40.80 22.80
C VAL D 481 24.46 41.47 23.68
N SER D 482 23.44 42.00 23.03
CA SER D 482 22.14 42.19 23.65
C SER D 482 21.13 41.41 22.81
N LEU D 483 20.20 40.74 23.47
CA LEU D 483 19.20 39.97 22.75
C LEU D 483 17.83 40.19 23.39
N GLN D 484 16.79 39.88 22.62
CA GLN D 484 15.43 40.11 23.07
C GLN D 484 14.75 38.79 23.37
N VAL D 485 14.14 38.70 24.57
CA VAL D 485 13.50 37.48 25.03
C VAL D 485 12.06 37.74 25.43
N ASN D 486 11.21 36.76 25.18
CA ASN D 486 9.78 36.82 25.43
C ASN D 486 9.41 35.85 26.54
N ILE D 487 8.63 36.32 27.52
CA ILE D 487 8.19 35.49 28.65
C ILE D 487 6.72 35.10 28.51
N ASN D 488 6.41 33.91 28.99
CA ASN D 488 5.02 33.51 29.16
C ASN D 488 4.74 33.35 30.66
N SER D 489 4.91 34.44 31.40
CA SER D 489 4.66 34.44 32.82
C SER D 489 4.54 35.88 33.30
N PRO D 490 3.95 36.11 34.47
CA PRO D 490 4.06 37.44 35.08
C PRO D 490 5.52 37.78 35.26
N ILE D 491 5.83 39.08 35.20
CA ILE D 491 7.19 39.55 35.36
C ILE D 491 7.78 39.18 36.72
N THR D 492 6.94 38.78 37.68
CA THR D 492 7.27 38.44 39.07
C THR D 492 7.95 37.09 39.18
N GLN D 493 7.68 36.22 38.22
CA GLN D 493 8.25 34.88 38.19
C GLN D 493 9.77 34.97 38.05
N ARG D 494 10.46 34.22 38.92
CA ARG D 494 11.91 34.18 38.97
CA ARG D 494 11.91 34.22 38.92
C ARG D 494 12.44 33.06 38.07
N TYR D 495 13.67 33.25 37.58
CA TYR D 495 14.31 32.32 36.67
C TYR D 495 15.76 32.12 37.12
N ARG D 496 16.41 31.10 36.53
CA ARG D 496 17.86 30.92 36.60
C ARG D 496 18.44 30.64 35.22
N LEU D 497 19.74 30.88 35.10
CA LEU D 497 20.45 30.95 33.82
C LEU D 497 21.84 30.29 33.93
N ARG D 498 22.25 29.53 32.89
CA ARG D 498 23.61 28.97 32.82
C ARG D 498 24.25 29.26 31.46
N PHE D 499 25.56 29.03 31.36
CA PHE D 499 26.31 29.25 30.13
C PHE D 499 27.00 27.98 29.63
N ARG D 500 27.25 27.92 28.34
CA ARG D 500 28.17 26.95 27.78
C ARG D 500 29.24 27.75 27.08
N TYR D 501 30.48 27.68 27.59
CA TYR D 501 31.53 28.59 27.18
C TYR D 501 32.86 27.86 27.12
N ALA D 502 33.81 28.50 26.46
CA ALA D 502 35.18 28.01 26.43
C ALA D 502 36.07 29.22 26.52
N SER D 503 37.08 29.18 27.41
CA SER D 503 37.96 30.33 27.57
C SER D 503 39.39 29.95 27.98
N SER D 504 40.33 30.78 27.51
CA SER D 504 41.75 30.72 27.80
C SER D 504 42.13 31.58 28.99
N ARG D 505 41.16 31.92 29.84
CA ARG D 505 41.39 32.81 30.96
C ARG D 505 40.39 32.48 32.04
N ASP D 506 40.66 32.99 33.25
CA ASP D 506 39.63 33.05 34.27
C ASP D 506 38.91 34.38 34.11
N ALA D 507 37.59 34.36 34.30
CA ALA D 507 36.83 35.60 34.25
C ALA D 507 35.50 35.51 35.00
N ARG D 508 34.85 36.67 35.01
CA ARG D 508 33.52 36.94 35.56
C ARG D 508 32.61 37.45 34.42
N VAL D 509 31.41 36.87 34.33
CA VAL D 509 30.45 37.16 33.28
C VAL D 509 29.17 37.69 33.93
N ILE D 510 28.57 38.70 33.31
CA ILE D 510 27.44 39.40 33.88
C ILE D 510 26.29 39.46 32.89
N VAL D 511 25.05 39.34 33.40
CA VAL D 511 23.84 39.49 32.60
C VAL D 511 23.02 40.65 33.16
N LEU D 512 22.73 41.65 32.30
CA LEU D 512 21.92 42.82 32.60
C LEU D 512 20.50 42.65 32.05
N THR D 513 19.51 43.33 32.68
CA THR D 513 18.10 43.18 32.28
C THR D 513 17.35 44.49 32.05
N GLY D 514 18.02 45.65 32.13
CA GLY D 514 17.40 46.91 31.71
C GLY D 514 17.00 46.95 30.25
N ALA D 515 15.74 46.59 30.04
CA ALA D 515 15.11 46.50 28.71
C ALA D 515 15.30 47.69 27.77
N ALA D 516 16.52 48.22 27.63
CA ALA D 516 16.74 49.36 26.74
C ALA D 516 16.79 48.87 25.29
N SER D 517 15.81 49.24 24.46
CA SER D 517 15.97 49.01 23.02
C SER D 517 17.30 49.59 22.60
N THR D 518 17.89 49.06 21.54
CA THR D 518 19.25 49.43 21.12
C THR D 518 20.22 48.56 21.92
N GLY D 519 19.75 48.05 23.07
CA GLY D 519 20.58 47.25 23.95
C GLY D 519 21.28 47.99 25.07
N VAL D 520 21.37 49.33 24.98
CA VAL D 520 22.30 50.15 25.78
C VAL D 520 21.93 50.12 27.25
N GLY D 521 22.92 49.81 28.09
CA GLY D 521 22.86 49.73 29.55
C GLY D 521 21.59 49.26 30.21
N GLY D 522 21.73 48.23 31.03
CA GLY D 522 20.62 47.73 31.79
C GLY D 522 20.93 47.69 33.27
N GLN D 523 20.37 46.70 33.97
CA GLN D 523 20.60 46.48 35.38
C GLN D 523 21.13 45.07 35.57
N VAL D 524 22.16 44.93 36.41
CA VAL D 524 22.78 43.62 36.66
C VAL D 524 21.84 42.68 37.40
N SER D 525 21.61 41.50 36.82
CA SER D 525 20.71 40.50 37.39
C SER D 525 21.40 39.18 37.74
N VAL D 526 22.55 38.87 37.13
CA VAL D 526 23.28 37.62 37.41
C VAL D 526 24.78 37.81 37.24
N ASN D 527 25.53 37.42 38.27
CA ASN D 527 27.00 37.52 38.32
C ASN D 527 27.56 36.13 38.57
N MET D 528 28.41 35.65 37.66
CA MET D 528 28.87 34.27 37.67
C MET D 528 30.32 34.20 37.20
N PRO D 529 31.11 33.26 37.73
CA PRO D 529 32.51 33.12 37.28
C PRO D 529 32.77 32.06 36.22
N LEU D 530 33.75 32.29 35.38
CA LEU D 530 34.03 31.37 34.30
C LEU D 530 35.46 30.88 34.46
N GLN D 531 35.62 29.59 34.72
CA GLN D 531 36.96 29.04 34.90
C GLN D 531 37.65 28.84 33.56
N LYS D 532 38.97 29.02 33.55
CA LYS D 532 39.76 28.68 32.37
C LYS D 532 39.52 27.21 32.00
N THR D 533 39.24 26.94 30.73
CA THR D 533 38.94 25.58 30.29
C THR D 533 39.90 25.06 29.24
N MET D 534 40.78 25.89 28.70
CA MET D 534 41.70 25.51 27.65
C MET D 534 42.93 26.37 27.77
N GLU D 535 43.96 26.04 27.00
CA GLU D 535 45.16 26.87 27.01
C GLU D 535 45.12 27.93 25.93
N ILE D 536 45.97 28.94 26.15
CA ILE D 536 45.90 30.26 25.54
C ILE D 536 45.94 30.24 24.01
N GLY D 537 45.15 29.35 23.39
CA GLY D 537 44.97 29.37 21.95
C GLY D 537 44.60 28.03 21.31
N GLU D 538 44.43 26.98 22.14
CA GLU D 538 44.04 25.60 21.78
C GLU D 538 42.88 25.54 20.78
N ASN D 539 42.75 24.38 20.10
CA ASN D 539 41.64 24.20 19.17
C ASN D 539 40.37 23.86 19.94
N LEU D 540 39.23 24.28 19.38
CA LEU D 540 37.95 24.20 20.06
C LEU D 540 37.34 22.82 19.88
N THR D 541 37.65 21.92 20.81
CA THR D 541 37.06 20.60 20.87
C THR D 541 36.03 20.54 22.00
N SER D 542 35.26 19.45 22.02
CA SER D 542 34.14 19.32 22.95
C SER D 542 34.59 19.42 24.42
N ARG D 543 35.84 19.03 24.72
CA ARG D 543 36.30 19.06 26.11
C ARG D 543 36.60 20.47 26.60
N THR D 544 36.85 21.42 25.69
CA THR D 544 37.17 22.78 26.06
C THR D 544 35.93 23.61 26.43
N PHE D 545 34.74 23.04 26.29
CA PHE D 545 33.51 23.73 26.66
C PHE D 545 33.01 23.19 27.99
N ARG D 546 32.52 24.08 28.84
CA ARG D 546 31.97 23.74 30.16
C ARG D 546 30.65 24.48 30.38
N TYR D 547 29.87 23.94 31.30
CA TYR D 547 28.63 24.56 31.76
C TYR D 547 28.90 25.21 33.11
N THR D 548 28.36 26.42 33.30
CA THR D 548 28.18 26.92 34.67
C THR D 548 27.15 26.08 35.46
N ASP D 549 27.06 26.40 36.75
CA ASP D 549 25.87 26.03 37.49
C ASP D 549 24.74 26.94 37.05
N PHE D 550 23.58 26.65 37.60
CA PHE D 550 22.55 27.65 37.45
C PHE D 550 22.82 28.83 38.39
N SER D 551 22.06 29.89 38.20
CA SER D 551 22.61 31.21 38.42
C SER D 551 22.39 31.80 39.81
N ASN D 552 21.27 31.44 40.50
CA ASN D 552 20.66 32.21 41.62
C ASN D 552 19.46 32.99 41.10
N PRO D 553 18.29 32.83 41.72
CA PRO D 553 17.06 33.38 41.14
C PRO D 553 17.19 34.86 40.85
N PHE D 554 16.65 35.26 39.70
CA PHE D 554 16.55 36.65 39.27
C PHE D 554 15.22 36.79 38.54
N SER D 555 14.81 38.05 38.33
CA SER D 555 13.59 38.33 37.59
C SER D 555 13.88 39.25 36.42
N PHE D 556 13.02 39.15 35.40
CA PHE D 556 13.15 40.04 34.28
C PHE D 556 12.51 41.40 34.60
N ARG D 557 12.87 42.41 33.83
CA ARG D 557 12.28 43.74 33.89
C ARG D 557 11.63 43.93 32.53
N ALA D 558 10.31 44.13 32.50
CA ALA D 558 9.54 44.28 31.25
C ALA D 558 9.33 42.93 30.56
N ASN D 559 8.20 42.77 29.83
CA ASN D 559 7.81 41.42 29.40
C ASN D 559 8.19 41.05 27.98
N PRO D 560 8.41 41.97 27.13
CA PRO D 560 9.42 41.72 26.11
C PRO D 560 10.69 42.36 26.66
N ASP D 561 11.59 41.57 27.23
CA ASP D 561 12.78 42.13 27.88
C ASP D 561 14.01 42.12 26.96
N ILE D 562 14.95 43.03 27.25
CA ILE D 562 16.18 43.16 26.47
C ILE D 562 17.38 43.02 27.40
N ILE D 563 18.12 41.90 27.26
CA ILE D 563 19.21 41.54 28.17
C ILE D 563 20.57 41.67 27.47
N GLY D 564 21.60 41.89 28.29
CA GLY D 564 22.96 42.00 27.79
C GLY D 564 23.93 41.12 28.52
N ILE D 565 24.93 40.63 27.78
CA ILE D 565 25.97 39.73 28.29
C ILE D 565 27.32 40.44 28.20
N SER D 566 28.01 40.57 29.34
CA SER D 566 29.35 41.17 29.37
C SER D 566 30.34 40.34 30.16
N GLU D 567 31.62 40.46 29.79
CA GLU D 567 32.69 39.79 30.50
C GLU D 567 33.60 40.85 31.08
N GLN D 568 33.79 40.78 32.40
CA GLN D 568 34.53 41.73 33.22
C GLN D 568 35.70 41.05 33.92
N PRO D 569 36.80 41.79 34.16
CA PRO D 569 37.96 41.21 34.86
C PRO D 569 37.72 41.01 36.34
N LEU D 570 38.38 39.99 36.90
CA LEU D 570 38.30 39.72 38.32
C LEU D 570 38.95 40.84 39.11
N PHE D 571 38.27 41.32 40.15
CA PHE D 571 38.81 42.39 40.98
C PHE D 571 40.27 42.13 41.32
N GLY D 572 41.18 43.03 40.94
CA GLY D 572 42.57 42.89 41.34
C GLY D 572 43.44 42.33 40.25
N ALA D 573 42.84 41.84 39.16
CA ALA D 573 43.53 41.28 38.01
C ALA D 573 44.41 42.29 37.27
N GLY D 574 44.17 43.58 37.42
CA GLY D 574 44.92 44.58 36.67
C GLY D 574 44.50 44.87 35.24
N SER D 575 43.28 44.46 34.84
CA SER D 575 42.62 44.90 33.60
C SER D 575 43.36 44.54 32.29
N ILE D 576 44.33 43.64 32.31
CA ILE D 576 44.93 43.13 31.08
C ILE D 576 44.39 41.74 30.80
N SER D 577 43.92 41.54 29.57
CA SER D 577 43.18 40.35 29.17
C SER D 577 44.14 39.42 28.43
N SER D 578 44.05 38.13 28.75
CA SER D 578 44.86 37.10 28.10
C SER D 578 43.96 36.03 27.50
N GLY D 579 44.36 35.51 26.33
CA GLY D 579 43.56 34.46 25.69
C GLY D 579 42.26 34.91 25.06
N GLU D 580 41.40 33.91 24.78
CA GLU D 580 40.11 34.10 24.14
C GLU D 580 38.98 33.65 25.07
N LEU D 581 37.79 34.26 24.91
CA LEU D 581 36.55 33.74 25.47
C LEU D 581 35.55 33.45 24.36
N TYR D 582 35.00 32.25 24.36
CA TYR D 582 33.91 31.91 23.48
C TYR D 582 32.70 31.63 24.37
N ILE D 583 31.55 32.21 24.03
CA ILE D 583 30.26 31.82 24.62
C ILE D 583 29.37 31.33 23.49
N ASP D 584 28.79 30.15 23.67
CA ASP D 584 27.94 29.51 22.68
C ASP D 584 26.47 29.74 22.95
N LYS D 585 26.00 29.42 24.15
CA LYS D 585 24.62 29.17 24.47
C LYS D 585 24.36 29.72 25.87
N ILE D 586 23.21 30.35 26.09
CA ILE D 586 22.71 30.48 27.46
C ILE D 586 21.45 29.64 27.58
N GLU D 587 21.22 29.16 28.77
CA GLU D 587 20.03 28.37 29.03
C GLU D 587 19.33 28.98 30.23
N ILE D 588 18.01 29.04 30.14
CA ILE D 588 17.16 29.64 31.16
C ILE D 588 16.15 28.59 31.58
N ILE D 589 15.94 28.41 32.90
CA ILE D 589 14.86 27.61 33.42
C ILE D 589 14.07 28.39 34.47
N LEU D 590 13.00 27.77 34.97
CA LEU D 590 12.14 28.43 35.95
C LEU D 590 12.66 28.27 37.39
N ALA D 591 11.90 28.79 38.34
CA ALA D 591 12.18 28.70 39.78
C ALA D 591 13.68 28.76 40.07
#